data_7CUD
# 
_entry.id   7CUD 
# 
_audit_conform.dict_name       mmcif_pdbx.dic 
_audit_conform.dict_version    5.404 
_audit_conform.dict_location   http://mmcif.pdb.org/dictionaries/ascii/mmcif_pdbx.dic 
# 
loop_
_database_2.database_id 
_database_2.database_code 
_database_2.pdbx_database_accession 
_database_2.pdbx_DOI 
PDB   7CUD         pdb_00007cud 10.2210/pdb7cud/pdb 
WWPDB D_1300018260 ?            ?                   
# 
loop_
_pdbx_audit_revision_history.ordinal 
_pdbx_audit_revision_history.data_content_type 
_pdbx_audit_revision_history.major_revision 
_pdbx_audit_revision_history.minor_revision 
_pdbx_audit_revision_history.revision_date 
_pdbx_audit_revision_history.part_number 
1 'Structure model' 1 0 2021-07-07 ? 
2 'Structure model' 1 1 2023-11-29 ? 
3 'Structure model' 1 2 2025-09-17 ? 
# 
_pdbx_audit_revision_details.ordinal             1 
_pdbx_audit_revision_details.revision_ordinal    1 
_pdbx_audit_revision_details.data_content_type   'Structure model' 
_pdbx_audit_revision_details.provider            repository 
_pdbx_audit_revision_details.type                'Initial release' 
_pdbx_audit_revision_details.description         ? 
_pdbx_audit_revision_details.details             ? 
# 
loop_
_pdbx_audit_revision_group.ordinal 
_pdbx_audit_revision_group.revision_ordinal 
_pdbx_audit_revision_group.data_content_type 
_pdbx_audit_revision_group.group 
1 2 'Structure model' 'Data collection'        
2 2 'Structure model' 'Database references'    
3 2 'Structure model' 'Refinement description' 
4 3 'Structure model' Advisory                 
5 3 'Structure model' 'Derived calculations'   
6 3 'Structure model' 'Structure summary'      
# 
loop_
_pdbx_audit_revision_category.ordinal 
_pdbx_audit_revision_category.revision_ordinal 
_pdbx_audit_revision_category.data_content_type 
_pdbx_audit_revision_category.category 
1 2 'Structure model' chem_comp_atom                
2 2 'Structure model' chem_comp_bond                
3 2 'Structure model' database_2                    
4 2 'Structure model' pdbx_initial_refinement_model 
5 3 'Structure model' pdbx_entry_details            
6 3 'Structure model' pdbx_validate_close_contact   
7 3 'Structure model' struct_conn                   
# 
loop_
_pdbx_audit_revision_item.ordinal 
_pdbx_audit_revision_item.revision_ordinal 
_pdbx_audit_revision_item.data_content_type 
_pdbx_audit_revision_item.item 
1 2 'Structure model' '_database_2.pdbx_DOI'                         
2 2 'Structure model' '_database_2.pdbx_database_accession'          
3 3 'Structure model' '_pdbx_entry_details.has_protein_modification' 
# 
_pdbx_database_status.status_code                     REL 
_pdbx_database_status.status_code_sf                  REL 
_pdbx_database_status.status_code_mr                  ? 
_pdbx_database_status.entry_id                        7CUD 
_pdbx_database_status.recvd_initial_deposition_date   2020-08-22 
_pdbx_database_status.SG_entry                        N 
_pdbx_database_status.deposit_site                    PDBJ 
_pdbx_database_status.process_site                    PDBJ 
_pdbx_database_status.status_code_cs                  ? 
_pdbx_database_status.status_code_nmr_data            ? 
_pdbx_database_status.methods_development_category    ? 
_pdbx_database_status.pdb_format_compatible           Y 
# 
loop_
_audit_author.name 
_audit_author.pdbx_ordinal 
_audit_author.identifier_ORCID 
'Caaveiro, J.M.M.' 1 ? 
'Hoshino, M.'      2 ? 
'Tsumoto, K.'      3 ? 
# 
_citation.abstract                  ? 
_citation.abstract_id_CAS           ? 
_citation.book_id_ISBN              ? 
_citation.book_publisher            ? 
_citation.book_publisher_city       ? 
_citation.book_title                ? 
_citation.coordinate_linkage        ? 
_citation.country                   ? 
_citation.database_id_Medline       ? 
_citation.details                   ? 
_citation.id                        primary 
_citation.journal_abbrev            'To Be Published' 
_citation.journal_id_ASTM           ? 
_citation.journal_id_CSD            0353 
_citation.journal_id_ISSN           ? 
_citation.journal_full              ? 
_citation.journal_issue             ? 
_citation.journal_volume            ? 
_citation.language                  ? 
_citation.page_first                ? 
_citation.page_last                 ? 
_citation.title                     
'Structural basis for the recognition of human hemoglobin by the Shr protein from Streptococcus pyogenes' 
_citation.year                      ? 
_citation.database_id_CSD           ? 
_citation.pdbx_database_id_DOI      ? 
_citation.pdbx_database_id_PubMed   ? 
_citation.unpublished_flag          ? 
# 
loop_
_citation_author.citation_id 
_citation_author.name 
_citation_author.ordinal 
_citation_author.identifier_ORCID 
primary 'Caaveiro, J.M.M.' 1 ? 
primary 'Hoshino, M.'      2 ? 
primary 'Senoo, A.'        3 ? 
primary 'Nakakido, M.'     4 ? 
primary 'Nagatoishi, S.'   5 ? 
primary 'Tame, J.R.H.'     6 ? 
primary 'Tsumoto, K.'      7 ? 
# 
loop_
_entity.id 
_entity.type 
_entity.src_method 
_entity.pdbx_description 
_entity.formula_weight 
_entity.pdbx_number_of_molecules 
_entity.pdbx_ec 
_entity.pdbx_mutation 
_entity.pdbx_fragment 
_entity.details 
1 polymer     man 'Amino acid ABC transporter substrate-binding protein' 13702.384 1   ? ? 'HID2 domain' ? 
2 non-polymer syn 'BROMIDE ION'                                          79.904    1   ? ? ?             ? 
3 water       nat water                                                  18.015    112 ? ? ?             ? 
# 
_entity_name_com.entity_id   1 
_entity_name_com.name        'DUF1533 domain-containing protein,Heme-binding protein Shr' 
# 
_entity_poly.entity_id                      1 
_entity_poly.type                           'polypeptide(L)' 
_entity_poly.nstd_linkage                   no 
_entity_poly.nstd_monomer                   no 
_entity_poly.pdbx_seq_one_letter_code       
;KNTANLSLITKLSQEDGAILFPEIDRYSDNKQIKALTQQITKVTVNGTVYKDLISDSVKDTNGWVSNMTGLHLGTKAFKD
GENTIVISSKGFEDVTITVTKKDGQIHFVSAKQKQHVTAEDRQS
;
_entity_poly.pdbx_seq_one_letter_code_can   
;KNTANLSLITKLSQEDGAILFPEIDRYSDNKQIKALTQQITKVTVNGTVYKDLISDSVKDTNGWVSNMTGLHLGTKAFKD
GENTIVISSKGFEDVTITVTKKDGQIHFVSAKQKQHVTAEDRQS
;
_entity_poly.pdbx_strand_id                 A 
_entity_poly.pdbx_target_identifier         ? 
# 
loop_
_pdbx_entity_nonpoly.entity_id 
_pdbx_entity_nonpoly.name 
_pdbx_entity_nonpoly.comp_id 
2 'BROMIDE ION' BR  
3 water         HOH 
# 
loop_
_entity_poly_seq.entity_id 
_entity_poly_seq.num 
_entity_poly_seq.mon_id 
_entity_poly_seq.hetero 
1 1   LYS n 
1 2   ASN n 
1 3   THR n 
1 4   ALA n 
1 5   ASN n 
1 6   LEU n 
1 7   SER n 
1 8   LEU n 
1 9   ILE n 
1 10  THR n 
1 11  LYS n 
1 12  LEU n 
1 13  SER n 
1 14  GLN n 
1 15  GLU n 
1 16  ASP n 
1 17  GLY n 
1 18  ALA n 
1 19  ILE n 
1 20  LEU n 
1 21  PHE n 
1 22  PRO n 
1 23  GLU n 
1 24  ILE n 
1 25  ASP n 
1 26  ARG n 
1 27  TYR n 
1 28  SER n 
1 29  ASP n 
1 30  ASN n 
1 31  LYS n 
1 32  GLN n 
1 33  ILE n 
1 34  LYS n 
1 35  ALA n 
1 36  LEU n 
1 37  THR n 
1 38  GLN n 
1 39  GLN n 
1 40  ILE n 
1 41  THR n 
1 42  LYS n 
1 43  VAL n 
1 44  THR n 
1 45  VAL n 
1 46  ASN n 
1 47  GLY n 
1 48  THR n 
1 49  VAL n 
1 50  TYR n 
1 51  LYS n 
1 52  ASP n 
1 53  LEU n 
1 54  ILE n 
1 55  SER n 
1 56  ASP n 
1 57  SER n 
1 58  VAL n 
1 59  LYS n 
1 60  ASP n 
1 61  THR n 
1 62  ASN n 
1 63  GLY n 
1 64  TRP n 
1 65  VAL n 
1 66  SER n 
1 67  ASN n 
1 68  MET n 
1 69  THR n 
1 70  GLY n 
1 71  LEU n 
1 72  HIS n 
1 73  LEU n 
1 74  GLY n 
1 75  THR n 
1 76  LYS n 
1 77  ALA n 
1 78  PHE n 
1 79  LYS n 
1 80  ASP n 
1 81  GLY n 
1 82  GLU n 
1 83  ASN n 
1 84  THR n 
1 85  ILE n 
1 86  VAL n 
1 87  ILE n 
1 88  SER n 
1 89  SER n 
1 90  LYS n 
1 91  GLY n 
1 92  PHE n 
1 93  GLU n 
1 94  ASP n 
1 95  VAL n 
1 96  THR n 
1 97  ILE n 
1 98  THR n 
1 99  VAL n 
1 100 THR n 
1 101 LYS n 
1 102 LYS n 
1 103 ASP n 
1 104 GLY n 
1 105 GLN n 
1 106 ILE n 
1 107 HIS n 
1 108 PHE n 
1 109 VAL n 
1 110 SER n 
1 111 ALA n 
1 112 LYS n 
1 113 GLN n 
1 114 LYS n 
1 115 GLN n 
1 116 HIS n 
1 117 VAL n 
1 118 THR n 
1 119 ALA n 
1 120 GLU n 
1 121 ASP n 
1 122 ARG n 
1 123 GLN n 
1 124 SER n 
# 
_entity_src_gen.entity_id                          1 
_entity_src_gen.pdbx_src_id                        1 
_entity_src_gen.pdbx_alt_source_flag               sample 
_entity_src_gen.pdbx_seq_type                      'Biological sequence' 
_entity_src_gen.pdbx_beg_seq_num                   1 
_entity_src_gen.pdbx_end_seq_num                   124 
_entity_src_gen.gene_src_common_name               ? 
_entity_src_gen.gene_src_genus                     ? 
_entity_src_gen.pdbx_gene_src_gene                 'shr, inlA_2, G3M98_06270, GTK50_07335, SAMEA3919037_01262' 
_entity_src_gen.gene_src_species                   ? 
_entity_src_gen.gene_src_strain                    ? 
_entity_src_gen.gene_src_tissue                    ? 
_entity_src_gen.gene_src_tissue_fraction           ? 
_entity_src_gen.gene_src_details                   ? 
_entity_src_gen.pdbx_gene_src_fragment             ? 
_entity_src_gen.pdbx_gene_src_scientific_name      'Streptococcus pyogenes' 
_entity_src_gen.pdbx_gene_src_ncbi_taxonomy_id     1314 
_entity_src_gen.pdbx_gene_src_variant              ? 
_entity_src_gen.pdbx_gene_src_cell_line            ? 
_entity_src_gen.pdbx_gene_src_atcc                 ? 
_entity_src_gen.pdbx_gene_src_organ                ? 
_entity_src_gen.pdbx_gene_src_organelle            ? 
_entity_src_gen.pdbx_gene_src_cell                 ? 
_entity_src_gen.pdbx_gene_src_cellular_location    ? 
_entity_src_gen.host_org_common_name               ? 
_entity_src_gen.pdbx_host_org_scientific_name      'Escherichia coli' 
_entity_src_gen.pdbx_host_org_ncbi_taxonomy_id     562 
_entity_src_gen.host_org_genus                     ? 
_entity_src_gen.pdbx_host_org_gene                 ? 
_entity_src_gen.pdbx_host_org_organ                ? 
_entity_src_gen.host_org_species                   ? 
_entity_src_gen.pdbx_host_org_tissue               ? 
_entity_src_gen.pdbx_host_org_tissue_fraction      ? 
_entity_src_gen.pdbx_host_org_strain               ? 
_entity_src_gen.pdbx_host_org_variant              ? 
_entity_src_gen.pdbx_host_org_cell_line            ? 
_entity_src_gen.pdbx_host_org_atcc                 ? 
_entity_src_gen.pdbx_host_org_culture_collection   ? 
_entity_src_gen.pdbx_host_org_cell                 ? 
_entity_src_gen.pdbx_host_org_organelle            ? 
_entity_src_gen.pdbx_host_org_cellular_location    ? 
_entity_src_gen.pdbx_host_org_vector_type          ? 
_entity_src_gen.pdbx_host_org_vector               ? 
_entity_src_gen.host_org_details                   ? 
_entity_src_gen.expression_system_id               ? 
_entity_src_gen.plasmid_name                       ? 
_entity_src_gen.plasmid_details                    ? 
_entity_src_gen.pdbx_description                   ? 
# 
loop_
_chem_comp.id 
_chem_comp.type 
_chem_comp.mon_nstd_flag 
_chem_comp.name 
_chem_comp.pdbx_synonyms 
_chem_comp.formula 
_chem_comp.formula_weight 
ALA 'L-peptide linking' y ALANINE         ? 'C3 H7 N O2'     89.093  
ARG 'L-peptide linking' y ARGININE        ? 'C6 H15 N4 O2 1' 175.209 
ASN 'L-peptide linking' y ASPARAGINE      ? 'C4 H8 N2 O3'    132.118 
ASP 'L-peptide linking' y 'ASPARTIC ACID' ? 'C4 H7 N O4'     133.103 
BR  non-polymer         . 'BROMIDE ION'   ? 'Br -1'          79.904  
GLN 'L-peptide linking' y GLUTAMINE       ? 'C5 H10 N2 O3'   146.144 
GLU 'L-peptide linking' y 'GLUTAMIC ACID' ? 'C5 H9 N O4'     147.129 
GLY 'peptide linking'   y GLYCINE         ? 'C2 H5 N O2'     75.067  
HIS 'L-peptide linking' y HISTIDINE       ? 'C6 H10 N3 O2 1' 156.162 
HOH non-polymer         . WATER           ? 'H2 O'           18.015  
ILE 'L-peptide linking' y ISOLEUCINE      ? 'C6 H13 N O2'    131.173 
LEU 'L-peptide linking' y LEUCINE         ? 'C6 H13 N O2'    131.173 
LYS 'L-peptide linking' y LYSINE          ? 'C6 H15 N2 O2 1' 147.195 
MET 'L-peptide linking' y METHIONINE      ? 'C5 H11 N O2 S'  149.211 
PHE 'L-peptide linking' y PHENYLALANINE   ? 'C9 H11 N O2'    165.189 
PRO 'L-peptide linking' y PROLINE         ? 'C5 H9 N O2'     115.130 
SER 'L-peptide linking' y SERINE          ? 'C3 H7 N O3'     105.093 
THR 'L-peptide linking' y THREONINE       ? 'C4 H9 N O3'     119.119 
TRP 'L-peptide linking' y TRYPTOPHAN      ? 'C11 H12 N2 O2'  204.225 
TYR 'L-peptide linking' y TYROSINE        ? 'C9 H11 N O3'    181.189 
VAL 'L-peptide linking' y VALINE          ? 'C5 H11 N O2'    117.146 
# 
loop_
_pdbx_poly_seq_scheme.asym_id 
_pdbx_poly_seq_scheme.entity_id 
_pdbx_poly_seq_scheme.seq_id 
_pdbx_poly_seq_scheme.mon_id 
_pdbx_poly_seq_scheme.ndb_seq_num 
_pdbx_poly_seq_scheme.pdb_seq_num 
_pdbx_poly_seq_scheme.auth_seq_num 
_pdbx_poly_seq_scheme.pdb_mon_id 
_pdbx_poly_seq_scheme.auth_mon_id 
_pdbx_poly_seq_scheme.pdb_strand_id 
_pdbx_poly_seq_scheme.pdb_ins_code 
_pdbx_poly_seq_scheme.hetero 
A 1 1   LYS 1   171 ?   ?   ?   A . n 
A 1 2   ASN 2   172 ?   ?   ?   A . n 
A 1 3   THR 3   173 ?   ?   ?   A . n 
A 1 4   ALA 4   174 174 ALA ALA A . n 
A 1 5   ASN 5   175 175 ASN ASN A . n 
A 1 6   LEU 6   176 176 LEU LEU A . n 
A 1 7   SER 7   177 177 SER SER A . n 
A 1 8   LEU 8   178 178 LEU LEU A . n 
A 1 9   ILE 9   179 179 ILE ILE A . n 
A 1 10  THR 10  180 180 THR THR A . n 
A 1 11  LYS 11  181 181 LYS LYS A . n 
A 1 12  LEU 12  182 182 LEU LEU A . n 
A 1 13  SER 13  183 183 SER SER A . n 
A 1 14  GLN 14  184 184 GLN GLN A . n 
A 1 15  GLU 15  185 185 GLU GLU A . n 
A 1 16  ASP 16  186 186 ASP ASP A . n 
A 1 17  GLY 17  187 187 GLY GLY A . n 
A 1 18  ALA 18  188 188 ALA ALA A . n 
A 1 19  ILE 19  189 189 ILE ILE A . n 
A 1 20  LEU 20  190 190 LEU LEU A . n 
A 1 21  PHE 21  191 191 PHE PHE A . n 
A 1 22  PRO 22  192 192 PRO PRO A . n 
A 1 23  GLU 23  193 193 GLU GLU A . n 
A 1 24  ILE 24  194 194 ILE ILE A . n 
A 1 25  ASP 25  195 195 ASP ASP A . n 
A 1 26  ARG 26  196 196 ARG ARG A . n 
A 1 27  TYR 27  197 197 TYR TYR A . n 
A 1 28  SER 28  198 198 SER SER A . n 
A 1 29  ASP 29  199 199 ASP ASP A . n 
A 1 30  ASN 30  200 200 ASN ASN A . n 
A 1 31  LYS 31  201 201 LYS LYS A . n 
A 1 32  GLN 32  202 202 GLN GLN A . n 
A 1 33  ILE 33  203 203 ILE ILE A . n 
A 1 34  LYS 34  204 204 LYS LYS A . n 
A 1 35  ALA 35  205 205 ALA ALA A . n 
A 1 36  LEU 36  206 206 LEU LEU A . n 
A 1 37  THR 37  207 207 THR THR A . n 
A 1 38  GLN 38  208 208 GLN GLN A . n 
A 1 39  GLN 39  209 209 GLN GLN A . n 
A 1 40  ILE 40  210 210 ILE ILE A . n 
A 1 41  THR 41  211 211 THR THR A . n 
A 1 42  LYS 42  212 212 LYS LYS A . n 
A 1 43  VAL 43  213 213 VAL VAL A . n 
A 1 44  THR 44  214 214 THR THR A . n 
A 1 45  VAL 45  215 215 VAL VAL A . n 
A 1 46  ASN 46  216 216 ASN ASN A . n 
A 1 47  GLY 47  217 217 GLY GLY A . n 
A 1 48  THR 48  218 218 THR THR A . n 
A 1 49  VAL 49  219 219 VAL VAL A . n 
A 1 50  TYR 50  220 220 TYR TYR A . n 
A 1 51  LYS 51  221 221 LYS LYS A . n 
A 1 52  ASP 52  222 222 ASP ASP A . n 
A 1 53  LEU 53  223 223 LEU LEU A . n 
A 1 54  ILE 54  224 224 ILE ILE A . n 
A 1 55  SER 55  225 225 SER SER A . n 
A 1 56  ASP 56  226 226 ASP ASP A . n 
A 1 57  SER 57  227 227 SER SER A . n 
A 1 58  VAL 58  228 228 VAL VAL A . n 
A 1 59  LYS 59  229 229 LYS LYS A . n 
A 1 60  ASP 60  230 230 ASP ASP A . n 
A 1 61  THR 61  231 231 THR THR A . n 
A 1 62  ASN 62  232 232 ASN ASN A . n 
A 1 63  GLY 63  233 233 GLY GLY A . n 
A 1 64  TRP 64  234 234 TRP TRP A . n 
A 1 65  VAL 65  235 235 VAL VAL A . n 
A 1 66  SER 66  236 236 SER SER A . n 
A 1 67  ASN 67  237 237 ASN ASN A . n 
A 1 68  MET 68  238 238 MET MET A . n 
A 1 69  THR 69  239 239 THR THR A . n 
A 1 70  GLY 70  240 240 GLY GLY A . n 
A 1 71  LEU 71  241 241 LEU LEU A . n 
A 1 72  HIS 72  242 242 HIS HIS A . n 
A 1 73  LEU 73  243 243 LEU LEU A . n 
A 1 74  GLY 74  244 244 GLY GLY A . n 
A 1 75  THR 75  245 245 THR THR A . n 
A 1 76  LYS 76  246 246 LYS LYS A . n 
A 1 77  ALA 77  247 247 ALA ALA A . n 
A 1 78  PHE 78  248 248 PHE PHE A . n 
A 1 79  LYS 79  249 249 LYS LYS A . n 
A 1 80  ASP 80  250 250 ASP ASP A . n 
A 1 81  GLY 81  251 251 GLY GLY A . n 
A 1 82  GLU 82  252 252 GLU GLU A . n 
A 1 83  ASN 83  253 253 ASN ASN A . n 
A 1 84  THR 84  254 254 THR THR A . n 
A 1 85  ILE 85  255 255 ILE ILE A . n 
A 1 86  VAL 86  256 256 VAL VAL A . n 
A 1 87  ILE 87  257 257 ILE ILE A . n 
A 1 88  SER 88  258 258 SER SER A . n 
A 1 89  SER 89  259 259 SER SER A . n 
A 1 90  LYS 90  260 260 LYS LYS A . n 
A 1 91  GLY 91  261 261 GLY GLY A . n 
A 1 92  PHE 92  262 262 PHE PHE A . n 
A 1 93  GLU 93  263 263 GLU GLU A . n 
A 1 94  ASP 94  264 264 ASP ASP A . n 
A 1 95  VAL 95  265 265 VAL VAL A . n 
A 1 96  THR 96  266 266 THR THR A . n 
A 1 97  ILE 97  267 267 ILE ILE A . n 
A 1 98  THR 98  268 268 THR THR A . n 
A 1 99  VAL 99  269 269 VAL VAL A . n 
A 1 100 THR 100 270 270 THR THR A . n 
A 1 101 LYS 101 271 271 LYS LYS A . n 
A 1 102 LYS 102 272 272 LYS LYS A . n 
A 1 103 ASP 103 273 273 ASP ASP A . n 
A 1 104 GLY 104 274 274 GLY GLY A . n 
A 1 105 GLN 105 275 275 GLN GLN A . n 
A 1 106 ILE 106 276 276 ILE ILE A . n 
A 1 107 HIS 107 277 277 HIS HIS A . n 
A 1 108 PHE 108 278 278 PHE PHE A . n 
A 1 109 VAL 109 279 279 VAL VAL A . n 
A 1 110 SER 110 280 280 SER SER A . n 
A 1 111 ALA 111 281 281 ALA ALA A . n 
A 1 112 LYS 112 282 282 LYS LYS A . n 
A 1 113 GLN 113 283 283 GLN GLN A . n 
A 1 114 LYS 114 284 284 LYS LYS A . n 
A 1 115 GLN 115 285 285 GLN GLN A . n 
A 1 116 HIS 116 286 286 HIS HIS A . n 
A 1 117 VAL 117 287 287 VAL VAL A . n 
A 1 118 THR 118 288 288 THR THR A . n 
A 1 119 ALA 119 289 289 ALA ALA A . n 
A 1 120 GLU 120 290 ?   ?   ?   A . n 
A 1 121 ASP 121 291 ?   ?   ?   A . n 
A 1 122 ARG 122 292 ?   ?   ?   A . n 
A 1 123 GLN 123 293 ?   ?   ?   A . n 
A 1 124 SER 124 294 ?   ?   ?   A . n 
# 
loop_
_pdbx_nonpoly_scheme.asym_id 
_pdbx_nonpoly_scheme.entity_id 
_pdbx_nonpoly_scheme.mon_id 
_pdbx_nonpoly_scheme.ndb_seq_num 
_pdbx_nonpoly_scheme.pdb_seq_num 
_pdbx_nonpoly_scheme.auth_seq_num 
_pdbx_nonpoly_scheme.pdb_mon_id 
_pdbx_nonpoly_scheme.auth_mon_id 
_pdbx_nonpoly_scheme.pdb_strand_id 
_pdbx_nonpoly_scheme.pdb_ins_code 
B 2 BR  1   301 1   BR  BR  A . 
C 3 HOH 1   401 82  HOH HOH A . 
C 3 HOH 2   402 31  HOH HOH A . 
C 3 HOH 3   403 112 HOH HOH A . 
C 3 HOH 4   404 38  HOH HOH A . 
C 3 HOH 5   405 87  HOH HOH A . 
C 3 HOH 6   406 75  HOH HOH A . 
C 3 HOH 7   407 13  HOH HOH A . 
C 3 HOH 8   408 49  HOH HOH A . 
C 3 HOH 9   409 111 HOH HOH A . 
C 3 HOH 10  410 109 HOH HOH A . 
C 3 HOH 11  411 102 HOH HOH A . 
C 3 HOH 12  412 71  HOH HOH A . 
C 3 HOH 13  413 103 HOH HOH A . 
C 3 HOH 14  414 70  HOH HOH A . 
C 3 HOH 15  415 41  HOH HOH A . 
C 3 HOH 16  416 37  HOH HOH A . 
C 3 HOH 17  417 27  HOH HOH A . 
C 3 HOH 18  418 92  HOH HOH A . 
C 3 HOH 19  419 44  HOH HOH A . 
C 3 HOH 20  420 104 HOH HOH A . 
C 3 HOH 21  421 45  HOH HOH A . 
C 3 HOH 22  422 52  HOH HOH A . 
C 3 HOH 23  423 34  HOH HOH A . 
C 3 HOH 24  424 73  HOH HOH A . 
C 3 HOH 25  425 4   HOH HOH A . 
C 3 HOH 26  426 22  HOH HOH A . 
C 3 HOH 27  427 50  HOH HOH A . 
C 3 HOH 28  428 23  HOH HOH A . 
C 3 HOH 29  429 21  HOH HOH A . 
C 3 HOH 30  430 94  HOH HOH A . 
C 3 HOH 31  431 11  HOH HOH A . 
C 3 HOH 32  432 57  HOH HOH A . 
C 3 HOH 33  433 47  HOH HOH A . 
C 3 HOH 34  434 56  HOH HOH A . 
C 3 HOH 35  435 40  HOH HOH A . 
C 3 HOH 36  436 35  HOH HOH A . 
C 3 HOH 37  437 1   HOH HOH A . 
C 3 HOH 38  438 96  HOH HOH A . 
C 3 HOH 39  439 30  HOH HOH A . 
C 3 HOH 40  440 32  HOH HOH A . 
C 3 HOH 41  441 20  HOH HOH A . 
C 3 HOH 42  442 24  HOH HOH A . 
C 3 HOH 43  443 64  HOH HOH A . 
C 3 HOH 44  444 26  HOH HOH A . 
C 3 HOH 45  445 2   HOH HOH A . 
C 3 HOH 46  446 107 HOH HOH A . 
C 3 HOH 47  447 78  HOH HOH A . 
C 3 HOH 48  448 6   HOH HOH A . 
C 3 HOH 49  449 15  HOH HOH A . 
C 3 HOH 50  450 43  HOH HOH A . 
C 3 HOH 51  451 18  HOH HOH A . 
C 3 HOH 52  452 80  HOH HOH A . 
C 3 HOH 53  453 79  HOH HOH A . 
C 3 HOH 54  454 14  HOH HOH A . 
C 3 HOH 55  455 55  HOH HOH A . 
C 3 HOH 56  456 3   HOH HOH A . 
C 3 HOH 57  457 66  HOH HOH A . 
C 3 HOH 58  458 106 HOH HOH A . 
C 3 HOH 59  459 91  HOH HOH A . 
C 3 HOH 60  460 28  HOH HOH A . 
C 3 HOH 61  461 9   HOH HOH A . 
C 3 HOH 62  462 42  HOH HOH A . 
C 3 HOH 63  463 93  HOH HOH A . 
C 3 HOH 64  464 53  HOH HOH A . 
C 3 HOH 65  465 10  HOH HOH A . 
C 3 HOH 66  466 63  HOH HOH A . 
C 3 HOH 67  467 81  HOH HOH A . 
C 3 HOH 68  468 46  HOH HOH A . 
C 3 HOH 69  469 25  HOH HOH A . 
C 3 HOH 70  470 51  HOH HOH A . 
C 3 HOH 71  471 61  HOH HOH A . 
C 3 HOH 72  472 114 HOH HOH A . 
C 3 HOH 73  473 36  HOH HOH A . 
C 3 HOH 74  474 105 HOH HOH A . 
C 3 HOH 75  475 110 HOH HOH A . 
C 3 HOH 76  476 101 HOH HOH A . 
C 3 HOH 77  477 69  HOH HOH A . 
C 3 HOH 78  478 33  HOH HOH A . 
C 3 HOH 79  479 115 HOH HOH A . 
C 3 HOH 80  480 8   HOH HOH A . 
C 3 HOH 81  481 39  HOH HOH A . 
C 3 HOH 82  482 65  HOH HOH A . 
C 3 HOH 83  483 84  HOH HOH A . 
C 3 HOH 84  484 48  HOH HOH A . 
C 3 HOH 85  485 29  HOH HOH A . 
C 3 HOH 86  486 17  HOH HOH A . 
C 3 HOH 87  487 7   HOH HOH A . 
C 3 HOH 88  488 12  HOH HOH A . 
C 3 HOH 89  489 59  HOH HOH A . 
C 3 HOH 90  490 54  HOH HOH A . 
C 3 HOH 91  491 62  HOH HOH A . 
C 3 HOH 92  492 5   HOH HOH A . 
C 3 HOH 93  493 16  HOH HOH A . 
C 3 HOH 94  494 68  HOH HOH A . 
C 3 HOH 95  495 90  HOH HOH A . 
C 3 HOH 96  496 76  HOH HOH A . 
C 3 HOH 97  497 98  HOH HOH A . 
C 3 HOH 98  498 97  HOH HOH A . 
C 3 HOH 99  499 60  HOH HOH A . 
C 3 HOH 100 500 85  HOH HOH A . 
C 3 HOH 101 501 88  HOH HOH A . 
C 3 HOH 102 502 83  HOH HOH A . 
C 3 HOH 103 503 99  HOH HOH A . 
C 3 HOH 104 504 74  HOH HOH A . 
C 3 HOH 105 505 58  HOH HOH A . 
C 3 HOH 106 506 100 HOH HOH A . 
C 3 HOH 107 507 86  HOH HOH A . 
C 3 HOH 108 508 95  HOH HOH A . 
C 3 HOH 109 509 67  HOH HOH A . 
C 3 HOH 110 510 108 HOH HOH A . 
C 3 HOH 111 511 113 HOH HOH A . 
C 3 HOH 112 512 89  HOH HOH A . 
# 
loop_
_software.citation_id 
_software.classification 
_software.compiler_name 
_software.compiler_version 
_software.contact_author 
_software.contact_author_email 
_software.date 
_software.description 
_software.dependencies 
_software.hardware 
_software.language 
_software.location 
_software.mods 
_software.name 
_software.os 
_software.os_version 
_software.type 
_software.version 
_software.pdbx_ordinal 
? refinement        ? ? ? ? ? ? ? ? ? ? ? REFMAC      ? ? ? 5.8.0238 1 
? 'data extraction' ? ? ? ? ? ? ? ? ? ? ? PDB_EXTRACT ? ? ? 3.25     2 
? 'data reduction'  ? ? ? ? ? ? ? ? ? ? ? MOSFLM      ? ? ? 7.1.0    3 
? 'data scaling'    ? ? ? ? ? ? ? ? ? ? ? SCALA       ? ? ? 3.3.21   4 
? phasing           ? ? ? ? ? ? ? ? ? ? ? PHASER      ? ? ? 2.8.2    5 
# 
_cell.angle_alpha                  90.000 
_cell.angle_alpha_esd              ? 
_cell.angle_beta                   90.000 
_cell.angle_beta_esd               ? 
_cell.angle_gamma                  120.000 
_cell.angle_gamma_esd              ? 
_cell.entry_id                     7CUD 
_cell.details                      ? 
_cell.formula_units_Z              ? 
_cell.length_a                     76.070 
_cell.length_a_esd                 ? 
_cell.length_b                     76.070 
_cell.length_b_esd                 ? 
_cell.length_c                     33.920 
_cell.length_c_esd                 ? 
_cell.volume                       ? 
_cell.volume_esd                   ? 
_cell.Z_PDB                        6 
_cell.reciprocal_angle_alpha       ? 
_cell.reciprocal_angle_beta        ? 
_cell.reciprocal_angle_gamma       ? 
_cell.reciprocal_angle_alpha_esd   ? 
_cell.reciprocal_angle_beta_esd    ? 
_cell.reciprocal_angle_gamma_esd   ? 
_cell.reciprocal_length_a          ? 
_cell.reciprocal_length_b          ? 
_cell.reciprocal_length_c          ? 
_cell.reciprocal_length_a_esd      ? 
_cell.reciprocal_length_b_esd      ? 
_cell.reciprocal_length_c_esd      ? 
_cell.pdbx_unique_axis             ? 
# 
_symmetry.entry_id                         7CUD 
_symmetry.cell_setting                     ? 
_symmetry.Int_Tables_number                173 
_symmetry.space_group_name_Hall            ? 
_symmetry.space_group_name_H-M             'P 63' 
_symmetry.pdbx_full_space_group_name_H-M   ? 
# 
_exptl.absorpt_coefficient_mu     ? 
_exptl.absorpt_correction_T_max   ? 
_exptl.absorpt_correction_T_min   ? 
_exptl.absorpt_correction_type    ? 
_exptl.absorpt_process_details    ? 
_exptl.entry_id                   7CUD 
_exptl.crystals_number            1 
_exptl.details                    ? 
_exptl.method                     'X-RAY DIFFRACTION' 
_exptl.method_details             ? 
# 
_exptl_crystal.colour                      ? 
_exptl_crystal.density_diffrn              ? 
_exptl_crystal.density_Matthews            2.07 
_exptl_crystal.density_method              ? 
_exptl_crystal.density_percent_sol         40.51 
_exptl_crystal.description                 ? 
_exptl_crystal.F_000                       ? 
_exptl_crystal.id                          1 
_exptl_crystal.preparation                 ? 
_exptl_crystal.size_max                    ? 
_exptl_crystal.size_mid                    ? 
_exptl_crystal.size_min                    ? 
_exptl_crystal.size_rad                    ? 
_exptl_crystal.colour_lustre               ? 
_exptl_crystal.colour_modifier             ? 
_exptl_crystal.colour_primary              ? 
_exptl_crystal.density_meas                ? 
_exptl_crystal.density_meas_esd            ? 
_exptl_crystal.density_meas_gt             ? 
_exptl_crystal.density_meas_lt             ? 
_exptl_crystal.density_meas_temp           ? 
_exptl_crystal.density_meas_temp_esd       ? 
_exptl_crystal.density_meas_temp_gt        ? 
_exptl_crystal.density_meas_temp_lt        ? 
_exptl_crystal.pdbx_crystal_image_url      ? 
_exptl_crystal.pdbx_crystal_image_format   ? 
_exptl_crystal.pdbx_mosaicity              ? 
_exptl_crystal.pdbx_mosaicity_esd          ? 
# 
_exptl_crystal_grow.apparatus       ? 
_exptl_crystal_grow.atmosphere      ? 
_exptl_crystal_grow.crystal_id      1 
_exptl_crystal_grow.details         ? 
_exptl_crystal_grow.method          'VAPOR DIFFUSION, SITTING DROP' 
_exptl_crystal_grow.method_ref      ? 
_exptl_crystal_grow.pH              8.0 
_exptl_crystal_grow.pressure        ? 
_exptl_crystal_grow.pressure_esd    ? 
_exptl_crystal_grow.seeding         ? 
_exptl_crystal_grow.seeding_ref     ? 
_exptl_crystal_grow.temp            293.15 
_exptl_crystal_grow.temp_details    ? 
_exptl_crystal_grow.temp_esd        ? 
_exptl_crystal_grow.time            ? 
_exptl_crystal_grow.pdbx_details    '20% PEG-MME 2000 (20% w/v), 150mM KBr, 20mM TRIS-HCl' 
_exptl_crystal_grow.pdbx_pH_range   ? 
# 
_diffrn.ambient_environment              ? 
_diffrn.ambient_temp                     100 
_diffrn.ambient_temp_details             ? 
_diffrn.ambient_temp_esd                 ? 
_diffrn.crystal_id                       1 
_diffrn.crystal_support                  ? 
_diffrn.crystal_treatment                ? 
_diffrn.details                          ? 
_diffrn.id                               1 
_diffrn.ambient_pressure                 ? 
_diffrn.ambient_pressure_esd             ? 
_diffrn.ambient_pressure_gt              ? 
_diffrn.ambient_pressure_lt              ? 
_diffrn.ambient_temp_gt                  ? 
_diffrn.ambient_temp_lt                  ? 
_diffrn.pdbx_serial_crystal_experiment   N 
# 
_diffrn_detector.details                      ? 
_diffrn_detector.detector                     CCD 
_diffrn_detector.diffrn_id                    1 
_diffrn_detector.type                         'ADSC QUANTUM 270' 
_diffrn_detector.area_resol_mean              ? 
_diffrn_detector.dtime                        ? 
_diffrn_detector.pdbx_frames_total            ? 
_diffrn_detector.pdbx_collection_time_total   ? 
_diffrn_detector.pdbx_collection_date         2014-02-18 
_diffrn_detector.pdbx_frequency               ? 
# 
_diffrn_radiation.collimation                      ? 
_diffrn_radiation.diffrn_id                        1 
_diffrn_radiation.filter_edge                      ? 
_diffrn_radiation.inhomogeneity                    ? 
_diffrn_radiation.monochromator                    ? 
_diffrn_radiation.polarisn_norm                    ? 
_diffrn_radiation.polarisn_ratio                   ? 
_diffrn_radiation.probe                            ? 
_diffrn_radiation.type                             ? 
_diffrn_radiation.xray_symbol                      ? 
_diffrn_radiation.wavelength_id                    1 
_diffrn_radiation.pdbx_monochromatic_or_laue_m_l   M 
_diffrn_radiation.pdbx_wavelength_list             ? 
_diffrn_radiation.pdbx_wavelength                  ? 
_diffrn_radiation.pdbx_diffrn_protocol             'SINGLE WAVELENGTH' 
_diffrn_radiation.pdbx_analyzer                    ? 
_diffrn_radiation.pdbx_scattering_type             x-ray 
# 
_diffrn_radiation_wavelength.id           1 
_diffrn_radiation_wavelength.wavelength   1.0000 
_diffrn_radiation_wavelength.wt           1.0 
# 
_diffrn_source.current                     ? 
_diffrn_source.details                     ? 
_diffrn_source.diffrn_id                   1 
_diffrn_source.power                       ? 
_diffrn_source.size                        ? 
_diffrn_source.source                      SYNCHROTRON 
_diffrn_source.target                      ? 
_diffrn_source.type                        'PHOTON FACTORY BEAMLINE AR-NE3A' 
_diffrn_source.voltage                     ? 
_diffrn_source.take-off_angle              ? 
_diffrn_source.pdbx_wavelength_list        1.0000 
_diffrn_source.pdbx_wavelength             ? 
_diffrn_source.pdbx_synchrotron_beamline   AR-NE3A 
_diffrn_source.pdbx_synchrotron_site       'Photon Factory' 
# 
_reflns.B_iso_Wilson_estimate            ? 
_reflns.entry_id                         7CUD 
_reflns.data_reduction_details           ? 
_reflns.data_reduction_method            ? 
_reflns.d_resolution_high                1.80 
_reflns.d_resolution_low                 32.9 
_reflns.details                          ? 
_reflns.limit_h_max                      ? 
_reflns.limit_h_min                      ? 
_reflns.limit_k_max                      ? 
_reflns.limit_k_min                      ? 
_reflns.limit_l_max                      ? 
_reflns.limit_l_min                      ? 
_reflns.number_all                       ? 
_reflns.number_obs                       10571 
_reflns.observed_criterion               ? 
_reflns.observed_criterion_F_max         ? 
_reflns.observed_criterion_F_min         ? 
_reflns.observed_criterion_I_max         ? 
_reflns.observed_criterion_I_min         ? 
_reflns.observed_criterion_sigma_F       ? 
_reflns.observed_criterion_sigma_I       ? 
_reflns.percent_possible_obs             99.8 
_reflns.R_free_details                   ? 
_reflns.Rmerge_F_all                     ? 
_reflns.Rmerge_F_obs                     ? 
_reflns.Friedel_coverage                 ? 
_reflns.number_gt                        ? 
_reflns.threshold_expression             ? 
_reflns.pdbx_redundancy                  10.8 
_reflns.pdbx_Rmerge_I_obs                0.133 
_reflns.pdbx_Rmerge_I_all                ? 
_reflns.pdbx_Rsym_value                  ? 
_reflns.pdbx_netI_over_av_sigmaI         ? 
_reflns.pdbx_netI_over_sigmaI            14.5 
_reflns.pdbx_res_netI_over_av_sigmaI_2   ? 
_reflns.pdbx_res_netI_over_sigmaI_2      ? 
_reflns.pdbx_chi_squared                 ? 
_reflns.pdbx_scaling_rejects             ? 
_reflns.pdbx_d_res_high_opt              ? 
_reflns.pdbx_d_res_low_opt               ? 
_reflns.pdbx_d_res_opt_method            ? 
_reflns.phase_calculation_details        ? 
_reflns.pdbx_Rrim_I_all                  ? 
_reflns.pdbx_Rpim_I_all                  ? 
_reflns.pdbx_d_opt                       ? 
_reflns.pdbx_number_measured_all         ? 
_reflns.pdbx_diffrn_id                   1 
_reflns.pdbx_ordinal                     1 
_reflns.pdbx_CC_half                     0.997 
_reflns.pdbx_CC_star                     ? 
_reflns.pdbx_R_split                     ? 
# 
_reflns_shell.d_res_high                  1.80 
_reflns_shell.d_res_low                   1.90 
_reflns_shell.meanI_over_sigI_all         ? 
_reflns_shell.meanI_over_sigI_obs         4.6 
_reflns_shell.number_measured_all         ? 
_reflns_shell.number_measured_obs         ? 
_reflns_shell.number_possible             ? 
_reflns_shell.number_unique_all           ? 
_reflns_shell.number_unique_obs           1545 
_reflns_shell.percent_possible_all        ? 
_reflns_shell.percent_possible_obs        ? 
_reflns_shell.Rmerge_F_all                ? 
_reflns_shell.Rmerge_F_obs                ? 
_reflns_shell.Rmerge_I_all                ? 
_reflns_shell.Rmerge_I_obs                0.524 
_reflns_shell.meanI_over_sigI_gt          ? 
_reflns_shell.meanI_over_uI_all           ? 
_reflns_shell.meanI_over_uI_gt            ? 
_reflns_shell.number_measured_gt          ? 
_reflns_shell.number_unique_gt            ? 
_reflns_shell.percent_possible_gt         ? 
_reflns_shell.Rmerge_F_gt                 ? 
_reflns_shell.Rmerge_I_gt                 ? 
_reflns_shell.pdbx_redundancy             ? 
_reflns_shell.pdbx_Rsym_value             ? 
_reflns_shell.pdbx_chi_squared            ? 
_reflns_shell.pdbx_netI_over_sigmaI_all   ? 
_reflns_shell.pdbx_netI_over_sigmaI_obs   ? 
_reflns_shell.pdbx_Rrim_I_all             ? 
_reflns_shell.pdbx_Rpim_I_all             ? 
_reflns_shell.pdbx_rejects                ? 
_reflns_shell.pdbx_ordinal                1 
_reflns_shell.pdbx_diffrn_id              1 
_reflns_shell.pdbx_CC_half                0.907 
_reflns_shell.pdbx_CC_star                ? 
_reflns_shell.pdbx_R_split                ? 
# 
_refine.aniso_B[1][1]                            0.0800 
_refine.aniso_B[1][2]                            0.0400 
_refine.aniso_B[1][3]                            0.0000 
_refine.aniso_B[2][2]                            0.0800 
_refine.aniso_B[2][3]                            0.0000 
_refine.aniso_B[3][3]                            -0.2700 
_refine.B_iso_max                                63.810 
_refine.B_iso_mean                               15.3080 
_refine.B_iso_min                                8.190 
_refine.correlation_coeff_Fo_to_Fc               0.9570 
_refine.correlation_coeff_Fo_to_Fc_free          0.9210 
_refine.details                                  
'HYDROGENS HAVE BEEN ADDED IN THE RIDING POSITIONS U VALUES      : REFINED INDIVIDUALLY' 
_refine.diff_density_max                         ? 
_refine.diff_density_max_esd                     ? 
_refine.diff_density_min                         ? 
_refine.diff_density_min_esd                     ? 
_refine.diff_density_rms                         ? 
_refine.diff_density_rms_esd                     ? 
_refine.entry_id                                 7CUD 
_refine.pdbx_refine_id                           'X-RAY DIFFRACTION' 
_refine.ls_abs_structure_details                 ? 
_refine.ls_abs_structure_Flack                   ? 
_refine.ls_abs_structure_Flack_esd               ? 
_refine.ls_abs_structure_Rogers                  ? 
_refine.ls_abs_structure_Rogers_esd              ? 
_refine.ls_d_res_high                            1.8000 
_refine.ls_d_res_low                             30.1800 
_refine.ls_extinction_coef                       ? 
_refine.ls_extinction_coef_esd                   ? 
_refine.ls_extinction_expression                 ? 
_refine.ls_extinction_method                     ? 
_refine.ls_goodness_of_fit_all                   ? 
_refine.ls_goodness_of_fit_all_esd               ? 
_refine.ls_goodness_of_fit_obs                   ? 
_refine.ls_goodness_of_fit_obs_esd               ? 
_refine.ls_hydrogen_treatment                    ? 
_refine.ls_matrix_type                           ? 
_refine.ls_number_constraints                    ? 
_refine.ls_number_parameters                     ? 
_refine.ls_number_reflns_all                     ? 
_refine.ls_number_reflns_obs                     10132 
_refine.ls_number_reflns_R_free                  435 
_refine.ls_number_reflns_R_work                  ? 
_refine.ls_number_restraints                     ? 
_refine.ls_percent_reflns_obs                    99.7200 
_refine.ls_percent_reflns_R_free                 4.1000 
_refine.ls_R_factor_all                          ? 
_refine.ls_R_factor_obs                          0.1569 
_refine.ls_R_factor_R_free                       0.2057 
_refine.ls_R_factor_R_free_error                 ? 
_refine.ls_R_factor_R_free_error_details         ? 
_refine.ls_R_factor_R_work                       0.1547 
_refine.ls_R_Fsqd_factor_obs                     ? 
_refine.ls_R_I_factor_obs                        ? 
_refine.ls_redundancy_reflns_all                 ? 
_refine.ls_redundancy_reflns_obs                 ? 
_refine.ls_restrained_S_all                      ? 
_refine.ls_restrained_S_obs                      ? 
_refine.ls_shift_over_esd_max                    ? 
_refine.ls_shift_over_esd_mean                   ? 
_refine.ls_structure_factor_coef                 ? 
_refine.ls_weighting_details                     ? 
_refine.ls_weighting_scheme                      ? 
_refine.ls_wR_factor_all                         ? 
_refine.ls_wR_factor_obs                         ? 
_refine.ls_wR_factor_R_free                      ? 
_refine.ls_wR_factor_R_work                      ? 
_refine.occupancy_max                            ? 
_refine.occupancy_min                            ? 
_refine.solvent_model_details                    'BABINET MODEL WITH MASK' 
_refine.solvent_model_param_bsol                 ? 
_refine.solvent_model_param_ksol                 ? 
_refine.pdbx_R_complete                          ? 
_refine.ls_R_factor_gt                           ? 
_refine.ls_goodness_of_fit_gt                    ? 
_refine.ls_goodness_of_fit_ref                   ? 
_refine.ls_shift_over_su_max                     ? 
_refine.ls_shift_over_su_max_lt                  ? 
_refine.ls_shift_over_su_mean                    ? 
_refine.ls_shift_over_su_mean_lt                 ? 
_refine.pdbx_ls_sigma_I                          ? 
_refine.pdbx_ls_sigma_F                          0.000 
_refine.pdbx_ls_sigma_Fsqd                       ? 
_refine.pdbx_data_cutoff_high_absF               ? 
_refine.pdbx_data_cutoff_high_rms_absF           ? 
_refine.pdbx_data_cutoff_low_absF                ? 
_refine.pdbx_isotropic_thermal_model             ? 
_refine.pdbx_ls_cross_valid_method               THROUGHOUT 
_refine.pdbx_method_to_determine_struct          'MOLECULAR REPLACEMENT' 
_refine.pdbx_starting_model                      6DKQ 
_refine.pdbx_stereochemistry_target_values       'MAXIMUM LIKELIHOOD' 
_refine.pdbx_R_Free_selection_details            RANDOM 
_refine.pdbx_stereochem_target_val_spec_case     ? 
_refine.pdbx_overall_ESU_R                       0.1170 
_refine.pdbx_overall_ESU_R_Free                  0.1200 
_refine.pdbx_solvent_vdw_probe_radii             1.2000 
_refine.pdbx_solvent_ion_probe_radii             0.8000 
_refine.pdbx_solvent_shrinkage_radii             0.8000 
_refine.pdbx_real_space_R                        ? 
_refine.pdbx_density_correlation                 ? 
_refine.pdbx_pd_number_of_powder_patterns        ? 
_refine.pdbx_pd_number_of_points                 ? 
_refine.pdbx_pd_meas_number_of_points            ? 
_refine.pdbx_pd_proc_ls_prof_R_factor            ? 
_refine.pdbx_pd_proc_ls_prof_wR_factor           ? 
_refine.pdbx_pd_Marquardt_correlation_coeff      ? 
_refine.pdbx_pd_Fsqrd_R_factor                   ? 
_refine.pdbx_pd_ls_matrix_band_width             ? 
_refine.pdbx_overall_phase_error                 ? 
_refine.pdbx_overall_SU_R_free_Cruickshank_DPI   ? 
_refine.pdbx_overall_SU_R_free_Blow_DPI          ? 
_refine.pdbx_overall_SU_R_Blow_DPI               ? 
_refine.pdbx_TLS_residual_ADP_flag               ? 
_refine.pdbx_diffrn_id                           1 
_refine.overall_SU_B                             2.5430 
_refine.overall_SU_ML                            0.0800 
_refine.overall_SU_R_Cruickshank_DPI             ? 
_refine.overall_SU_R_free                        ? 
_refine.overall_FOM_free_R_set                   ? 
_refine.overall_FOM_work_R_set                   ? 
_refine.pdbx_average_fsc_overall                 ? 
_refine.pdbx_average_fsc_work                    ? 
_refine.pdbx_average_fsc_free                    ? 
# 
_refine_hist.pdbx_refine_id                   'X-RAY DIFFRACTION' 
_refine_hist.cycle_id                         final 
_refine_hist.details                          ? 
_refine_hist.d_res_high                       1.8000 
_refine_hist.d_res_low                        30.1800 
_refine_hist.number_atoms_solvent             114 
_refine_hist.number_atoms_total               1010 
_refine_hist.number_reflns_all                ? 
_refine_hist.number_reflns_obs                ? 
_refine_hist.number_reflns_R_free             ? 
_refine_hist.number_reflns_R_work             ? 
_refine_hist.R_factor_all                     ? 
_refine_hist.R_factor_obs                     ? 
_refine_hist.R_factor_R_free                  ? 
_refine_hist.R_factor_R_work                  ? 
_refine_hist.pdbx_number_residues_total       116 
_refine_hist.pdbx_B_iso_mean_ligand           33.63 
_refine_hist.pdbx_B_iso_mean_solvent          23.57 
_refine_hist.pdbx_number_atoms_protein        895 
_refine_hist.pdbx_number_atoms_nucleic_acid   0 
_refine_hist.pdbx_number_atoms_ligand         1 
_refine_hist.pdbx_number_atoms_lipid          ? 
_refine_hist.pdbx_number_atoms_carb           ? 
_refine_hist.pdbx_pseudo_atom_details         ? 
# 
loop_
_refine_ls_restr.pdbx_refine_id 
_refine_ls_restr.criterion 
_refine_ls_restr.dev_ideal 
_refine_ls_restr.dev_ideal_target 
_refine_ls_restr.number 
_refine_ls_restr.rejects 
_refine_ls_restr.type 
_refine_ls_restr.weight 
_refine_ls_restr.pdbx_restraint_function 
'X-RAY DIFFRACTION' ? 0.013  0.013  927  ? r_bond_refined_d       ? ? 
'X-RAY DIFFRACTION' ? 0.001  0.017  881  ? r_bond_other_d         ? ? 
'X-RAY DIFFRACTION' ? 1.715  1.635  1257 ? r_angle_refined_deg    ? ? 
'X-RAY DIFFRACTION' ? 1.459  1.588  2065 ? r_angle_other_deg      ? ? 
'X-RAY DIFFRACTION' ? 7.719  5.000  123  ? r_dihedral_angle_1_deg ? ? 
'X-RAY DIFFRACTION' ? 38.257 26.410 39   ? r_dihedral_angle_2_deg ? ? 
'X-RAY DIFFRACTION' ? 13.958 15.000 180  ? r_dihedral_angle_3_deg ? ? 
'X-RAY DIFFRACTION' ? 3.162  15.000 1    ? r_dihedral_angle_4_deg ? ? 
'X-RAY DIFFRACTION' ? 0.085  0.200  135  ? r_chiral_restr         ? ? 
'X-RAY DIFFRACTION' ? 0.009  0.020  1020 ? r_gen_planes_refined   ? ? 
'X-RAY DIFFRACTION' ? 0.001  0.020  163  ? r_gen_planes_other     ? ? 
# 
_refine_ls_shell.pdbx_refine_id                   'X-RAY DIFFRACTION' 
_refine_ls_shell.d_res_high                       1.8000 
_refine_ls_shell.d_res_low                        1.8470 
_refine_ls_shell.number_reflns_all                788 
_refine_ls_shell.number_reflns_obs                ? 
_refine_ls_shell.number_reflns_R_free             20 
_refine_ls_shell.number_reflns_R_work             768 
_refine_ls_shell.percent_reflns_obs               100.0000 
_refine_ls_shell.percent_reflns_R_free            ? 
_refine_ls_shell.R_factor_all                     ? 
_refine_ls_shell.R_factor_obs                     ? 
_refine_ls_shell.R_factor_R_free                  0.2920 
_refine_ls_shell.R_factor_R_free_error            0.0000 
_refine_ls_shell.R_factor_R_work                  0.1740 
_refine_ls_shell.redundancy_reflns_all            ? 
_refine_ls_shell.redundancy_reflns_obs            ? 
_refine_ls_shell.wR_factor_all                    ? 
_refine_ls_shell.wR_factor_obs                    ? 
_refine_ls_shell.wR_factor_R_free                 ? 
_refine_ls_shell.wR_factor_R_work                 ? 
_refine_ls_shell.pdbx_R_complete                  ? 
_refine_ls_shell.pdbx_total_number_of_bins_used   20 
_refine_ls_shell.pdbx_phase_error                 ? 
_refine_ls_shell.pdbx_fsc_work                    ? 
_refine_ls_shell.pdbx_fsc_free                    ? 
# 
_struct.entry_id                     7CUD 
_struct.title                        'Crystal structure of HID in the unbound form' 
_struct.pdbx_model_details           ? 
_struct.pdbx_formula_weight          ? 
_struct.pdbx_formula_weight_method   ? 
_struct.pdbx_model_type_details      ? 
_struct.pdbx_CASP_flag               N 
# 
_struct_keywords.entry_id        7CUD 
_struct_keywords.text            
;Hemoglobin, Staphylococcus aureus, Hemoglobin binding protein, protein-protein interaction, Shr, heme acquisition, METAL BINDING PROTEIN
;
_struct_keywords.pdbx_keywords   'METAL BINDING PROTEIN' 
# 
loop_
_struct_asym.id 
_struct_asym.pdbx_blank_PDB_chainid_flag 
_struct_asym.pdbx_modified 
_struct_asym.entity_id 
_struct_asym.details 
A N N 1 ? 
B N N 2 ? 
C N N 3 ? 
# 
_struct_ref.id                         1 
_struct_ref.db_name                    UNP 
_struct_ref.db_code                    B0LFQ8_STRPY 
_struct_ref.pdbx_db_accession          B0LFQ8 
_struct_ref.pdbx_db_isoform            ? 
_struct_ref.entity_id                  1 
_struct_ref.pdbx_seq_one_letter_code   
;KNTANLSLITKLSQEDGAILFPEIDRYSDNKQIKALTQQITKVTVNGTVYKDLISDSVKDTNGWVSNMTGLHLGTKAFKD
GENTIVISSKGFEDVTITVTKKDGQIHFVSAKQKQHVTAEDRQS
;
_struct_ref.pdbx_align_begin           171 
# 
_struct_ref_seq.align_id                      1 
_struct_ref_seq.ref_id                        1 
_struct_ref_seq.pdbx_PDB_id_code              7CUD 
_struct_ref_seq.pdbx_strand_id                A 
_struct_ref_seq.seq_align_beg                 1 
_struct_ref_seq.pdbx_seq_align_beg_ins_code   ? 
_struct_ref_seq.seq_align_end                 124 
_struct_ref_seq.pdbx_seq_align_end_ins_code   ? 
_struct_ref_seq.pdbx_db_accession             B0LFQ8 
_struct_ref_seq.db_align_beg                  171 
_struct_ref_seq.pdbx_db_align_beg_ins_code    ? 
_struct_ref_seq.db_align_end                  294 
_struct_ref_seq.pdbx_db_align_end_ins_code    ? 
_struct_ref_seq.pdbx_auth_seq_align_beg       171 
_struct_ref_seq.pdbx_auth_seq_align_end       294 
# 
_pdbx_struct_assembly.id                   1 
_pdbx_struct_assembly.details              author_defined_assembly 
_pdbx_struct_assembly.method_details       ? 
_pdbx_struct_assembly.oligomeric_details   monomeric 
_pdbx_struct_assembly.oligomeric_count     1 
# 
_pdbx_struct_assembly_gen.assembly_id       1 
_pdbx_struct_assembly_gen.oper_expression   1 
_pdbx_struct_assembly_gen.asym_id_list      A,B,C 
# 
_pdbx_struct_assembly_auth_evidence.id                     1 
_pdbx_struct_assembly_auth_evidence.assembly_id            1 
_pdbx_struct_assembly_auth_evidence.experimental_support   'gel filtration' 
_pdbx_struct_assembly_auth_evidence.details                ? 
# 
_pdbx_struct_oper_list.id                   1 
_pdbx_struct_oper_list.type                 'identity operation' 
_pdbx_struct_oper_list.name                 1_555 
_pdbx_struct_oper_list.symmetry_operation   x,y,z 
_pdbx_struct_oper_list.matrix[1][1]         1.0000000000 
_pdbx_struct_oper_list.matrix[1][2]         0.0000000000 
_pdbx_struct_oper_list.matrix[1][3]         0.0000000000 
_pdbx_struct_oper_list.vector[1]            0.0000000000 
_pdbx_struct_oper_list.matrix[2][1]         0.0000000000 
_pdbx_struct_oper_list.matrix[2][2]         1.0000000000 
_pdbx_struct_oper_list.matrix[2][3]         0.0000000000 
_pdbx_struct_oper_list.vector[2]            0.0000000000 
_pdbx_struct_oper_list.matrix[3][1]         0.0000000000 
_pdbx_struct_oper_list.matrix[3][2]         0.0000000000 
_pdbx_struct_oper_list.matrix[3][3]         1.0000000000 
_pdbx_struct_oper_list.vector[3]            0.0000000000 
# 
_struct_conf.conf_type_id            HELX_P 
_struct_conf.id                      HELX_P1 
_struct_conf.pdbx_PDB_helix_id       AA1 
_struct_conf.beg_label_comp_id       ASN 
_struct_conf.beg_label_asym_id       A 
_struct_conf.beg_label_seq_id        30 
_struct_conf.pdbx_beg_PDB_ins_code   ? 
_struct_conf.end_label_comp_id       GLN 
_struct_conf.end_label_asym_id       A 
_struct_conf.end_label_seq_id        39 
_struct_conf.pdbx_end_PDB_ins_code   ? 
_struct_conf.beg_auth_comp_id        ASN 
_struct_conf.beg_auth_asym_id        A 
_struct_conf.beg_auth_seq_id         200 
_struct_conf.end_auth_comp_id        GLN 
_struct_conf.end_auth_asym_id        A 
_struct_conf.end_auth_seq_id         209 
_struct_conf.pdbx_PDB_helix_class    1 
_struct_conf.details                 ? 
_struct_conf.pdbx_PDB_helix_length   10 
# 
_struct_conf_type.id          HELX_P 
_struct_conf_type.criteria    ? 
_struct_conf_type.reference   ? 
# 
_struct_sheet.id               AA1 
_struct_sheet.type             ? 
_struct_sheet.number_strands   9 
_struct_sheet.details          ? 
# 
loop_
_struct_sheet_order.sheet_id 
_struct_sheet_order.range_id_1 
_struct_sheet_order.range_id_2 
_struct_sheet_order.offset 
_struct_sheet_order.sense 
AA1 1 2 ? anti-parallel 
AA1 2 3 ? anti-parallel 
AA1 3 4 ? anti-parallel 
AA1 4 5 ? parallel      
AA1 5 6 ? anti-parallel 
AA1 6 7 ? anti-parallel 
AA1 7 8 ? anti-parallel 
AA1 8 9 ? anti-parallel 
# 
loop_
_struct_sheet_range.sheet_id 
_struct_sheet_range.id 
_struct_sheet_range.beg_label_comp_id 
_struct_sheet_range.beg_label_asym_id 
_struct_sheet_range.beg_label_seq_id 
_struct_sheet_range.pdbx_beg_PDB_ins_code 
_struct_sheet_range.end_label_comp_id 
_struct_sheet_range.end_label_asym_id 
_struct_sheet_range.end_label_seq_id 
_struct_sheet_range.pdbx_end_PDB_ins_code 
_struct_sheet_range.beg_auth_comp_id 
_struct_sheet_range.beg_auth_asym_id 
_struct_sheet_range.beg_auth_seq_id 
_struct_sheet_range.end_auth_comp_id 
_struct_sheet_range.end_auth_asym_id 
_struct_sheet_range.end_auth_seq_id 
AA1 1 SER A 13  ? GLU A 15  ? SER A 183 GLU A 185 
AA1 2 ALA A 18  ? PHE A 21  ? ALA A 188 PHE A 191 
AA1 3 GLY A 70  ? GLY A 74  ? GLY A 240 GLY A 244 
AA1 4 GLY A 63  ? ASN A 67  ? GLY A 233 ASN A 237 
AA1 5 THR A 48  ? ASP A 52  ? THR A 218 ASP A 222 
AA1 6 ILE A 40  ? VAL A 45  ? ILE A 210 VAL A 215 
AA1 7 GLY A 81  ? SER A 89  ? GLY A 251 SER A 259 
AA1 8 VAL A 95  ? LYS A 102 ? VAL A 265 LYS A 272 
AA1 9 GLN A 105 ? GLN A 113 ? GLN A 275 GLN A 283 
# 
loop_
_pdbx_struct_sheet_hbond.sheet_id 
_pdbx_struct_sheet_hbond.range_id_1 
_pdbx_struct_sheet_hbond.range_id_2 
_pdbx_struct_sheet_hbond.range_1_label_atom_id 
_pdbx_struct_sheet_hbond.range_1_label_comp_id 
_pdbx_struct_sheet_hbond.range_1_label_asym_id 
_pdbx_struct_sheet_hbond.range_1_label_seq_id 
_pdbx_struct_sheet_hbond.range_1_PDB_ins_code 
_pdbx_struct_sheet_hbond.range_1_auth_atom_id 
_pdbx_struct_sheet_hbond.range_1_auth_comp_id 
_pdbx_struct_sheet_hbond.range_1_auth_asym_id 
_pdbx_struct_sheet_hbond.range_1_auth_seq_id 
_pdbx_struct_sheet_hbond.range_2_label_atom_id 
_pdbx_struct_sheet_hbond.range_2_label_comp_id 
_pdbx_struct_sheet_hbond.range_2_label_asym_id 
_pdbx_struct_sheet_hbond.range_2_label_seq_id 
_pdbx_struct_sheet_hbond.range_2_PDB_ins_code 
_pdbx_struct_sheet_hbond.range_2_auth_atom_id 
_pdbx_struct_sheet_hbond.range_2_auth_comp_id 
_pdbx_struct_sheet_hbond.range_2_auth_asym_id 
_pdbx_struct_sheet_hbond.range_2_auth_seq_id 
AA1 1 2 N GLU A 15 ? N GLU A 185 O ALA A 18  ? O ALA A 188 
AA1 2 3 N ILE A 19 ? N ILE A 189 O LEU A 73  ? O LEU A 243 
AA1 3 4 O HIS A 72 ? O HIS A 242 N VAL A 65  ? N VAL A 235 
AA1 4 5 O TRP A 64 ? O TRP A 234 N LYS A 51  ? N LYS A 221 
AA1 5 6 O TYR A 50 ? O TYR A 220 N VAL A 43  ? N VAL A 213 
AA1 6 7 N LYS A 42 ? N LYS A 212 O SER A 88  ? O SER A 258 
AA1 7 8 N ILE A 85 ? N ILE A 255 O ILE A 97  ? O ILE A 267 
AA1 8 9 N THR A 96 ? N THR A 266 O LYS A 112 ? O LYS A 282 
# 
_pdbx_entry_details.entry_id                   7CUD 
_pdbx_entry_details.has_ligand_of_interest     N 
_pdbx_entry_details.compound_details           ? 
_pdbx_entry_details.source_details             ? 
_pdbx_entry_details.nonpolymer_details         ? 
_pdbx_entry_details.sequence_details           ? 
_pdbx_entry_details.has_protein_modification   N 
# 
loop_
_pdbx_validate_close_contact.id 
_pdbx_validate_close_contact.PDB_model_num 
_pdbx_validate_close_contact.auth_atom_id_1 
_pdbx_validate_close_contact.auth_asym_id_1 
_pdbx_validate_close_contact.auth_comp_id_1 
_pdbx_validate_close_contact.auth_seq_id_1 
_pdbx_validate_close_contact.PDB_ins_code_1 
_pdbx_validate_close_contact.label_alt_id_1 
_pdbx_validate_close_contact.auth_atom_id_2 
_pdbx_validate_close_contact.auth_asym_id_2 
_pdbx_validate_close_contact.auth_comp_id_2 
_pdbx_validate_close_contact.auth_seq_id_2 
_pdbx_validate_close_contact.PDB_ins_code_2 
_pdbx_validate_close_contact.label_alt_id_2 
_pdbx_validate_close_contact.dist 
1 1 O   A HOH 486 ? ? O  A HOH 494 ? ? 1.99 
2 1 NE2 A HIS 286 ? ? BR A BR  301 ? ? 2.15 
# 
_pdbx_validate_rmsd_bond.id                        1 
_pdbx_validate_rmsd_bond.PDB_model_num             1 
_pdbx_validate_rmsd_bond.auth_atom_id_1            CD 
_pdbx_validate_rmsd_bond.auth_asym_id_1            A 
_pdbx_validate_rmsd_bond.auth_comp_id_1            GLU 
_pdbx_validate_rmsd_bond.auth_seq_id_1             185 
_pdbx_validate_rmsd_bond.PDB_ins_code_1            ? 
_pdbx_validate_rmsd_bond.label_alt_id_1            ? 
_pdbx_validate_rmsd_bond.auth_atom_id_2            OE2 
_pdbx_validate_rmsd_bond.auth_asym_id_2            A 
_pdbx_validate_rmsd_bond.auth_comp_id_2            GLU 
_pdbx_validate_rmsd_bond.auth_seq_id_2             185 
_pdbx_validate_rmsd_bond.PDB_ins_code_2            ? 
_pdbx_validate_rmsd_bond.label_alt_id_2            ? 
_pdbx_validate_rmsd_bond.bond_value                1.323 
_pdbx_validate_rmsd_bond.bond_target_value         1.252 
_pdbx_validate_rmsd_bond.bond_deviation            0.071 
_pdbx_validate_rmsd_bond.bond_standard_deviation   0.011 
_pdbx_validate_rmsd_bond.linker_flag               N 
# 
_pdbx_validate_torsion.id              1 
_pdbx_validate_torsion.PDB_model_num   1 
_pdbx_validate_torsion.auth_comp_id    ILE 
_pdbx_validate_torsion.auth_asym_id    A 
_pdbx_validate_torsion.auth_seq_id     224 
_pdbx_validate_torsion.PDB_ins_code    ? 
_pdbx_validate_torsion.label_alt_id    ? 
_pdbx_validate_torsion.phi             70.45 
_pdbx_validate_torsion.psi             -74.91 
# 
loop_
_pdbx_struct_special_symmetry.id 
_pdbx_struct_special_symmetry.PDB_model_num 
_pdbx_struct_special_symmetry.auth_asym_id 
_pdbx_struct_special_symmetry.auth_comp_id 
_pdbx_struct_special_symmetry.auth_seq_id 
_pdbx_struct_special_symmetry.PDB_ins_code 
_pdbx_struct_special_symmetry.label_asym_id 
_pdbx_struct_special_symmetry.label_comp_id 
_pdbx_struct_special_symmetry.label_seq_id 
1 1 A BR  301 ? B BR  . 
2 1 A HOH 435 ? C HOH . 
# 
loop_
_pdbx_unobs_or_zero_occ_residues.id 
_pdbx_unobs_or_zero_occ_residues.PDB_model_num 
_pdbx_unobs_or_zero_occ_residues.polymer_flag 
_pdbx_unobs_or_zero_occ_residues.occupancy_flag 
_pdbx_unobs_or_zero_occ_residues.auth_asym_id 
_pdbx_unobs_or_zero_occ_residues.auth_comp_id 
_pdbx_unobs_or_zero_occ_residues.auth_seq_id 
_pdbx_unobs_or_zero_occ_residues.PDB_ins_code 
_pdbx_unobs_or_zero_occ_residues.label_asym_id 
_pdbx_unobs_or_zero_occ_residues.label_comp_id 
_pdbx_unobs_or_zero_occ_residues.label_seq_id 
1 1 Y 1 A LYS 171 ? A LYS 1   
2 1 Y 1 A ASN 172 ? A ASN 2   
3 1 Y 1 A THR 173 ? A THR 3   
4 1 Y 1 A GLU 290 ? A GLU 120 
5 1 Y 1 A ASP 291 ? A ASP 121 
6 1 Y 1 A ARG 292 ? A ARG 122 
7 1 Y 1 A GLN 293 ? A GLN 123 
8 1 Y 1 A SER 294 ? A SER 124 
# 
loop_
_chem_comp_atom.comp_id 
_chem_comp_atom.atom_id 
_chem_comp_atom.type_symbol 
_chem_comp_atom.pdbx_aromatic_flag 
_chem_comp_atom.pdbx_stereo_config 
_chem_comp_atom.pdbx_ordinal 
ALA N    N  N N 1   
ALA CA   C  N S 2   
ALA C    C  N N 3   
ALA O    O  N N 4   
ALA CB   C  N N 5   
ALA OXT  O  N N 6   
ALA H    H  N N 7   
ALA H2   H  N N 8   
ALA HA   H  N N 9   
ALA HB1  H  N N 10  
ALA HB2  H  N N 11  
ALA HB3  H  N N 12  
ALA HXT  H  N N 13  
ARG N    N  N N 14  
ARG CA   C  N S 15  
ARG C    C  N N 16  
ARG O    O  N N 17  
ARG CB   C  N N 18  
ARG CG   C  N N 19  
ARG CD   C  N N 20  
ARG NE   N  N N 21  
ARG CZ   C  N N 22  
ARG NH1  N  N N 23  
ARG NH2  N  N N 24  
ARG OXT  O  N N 25  
ARG H    H  N N 26  
ARG H2   H  N N 27  
ARG HA   H  N N 28  
ARG HB2  H  N N 29  
ARG HB3  H  N N 30  
ARG HG2  H  N N 31  
ARG HG3  H  N N 32  
ARG HD2  H  N N 33  
ARG HD3  H  N N 34  
ARG HE   H  N N 35  
ARG HH11 H  N N 36  
ARG HH12 H  N N 37  
ARG HH21 H  N N 38  
ARG HH22 H  N N 39  
ARG HXT  H  N N 40  
ASN N    N  N N 41  
ASN CA   C  N S 42  
ASN C    C  N N 43  
ASN O    O  N N 44  
ASN CB   C  N N 45  
ASN CG   C  N N 46  
ASN OD1  O  N N 47  
ASN ND2  N  N N 48  
ASN OXT  O  N N 49  
ASN H    H  N N 50  
ASN H2   H  N N 51  
ASN HA   H  N N 52  
ASN HB2  H  N N 53  
ASN HB3  H  N N 54  
ASN HD21 H  N N 55  
ASN HD22 H  N N 56  
ASN HXT  H  N N 57  
ASP N    N  N N 58  
ASP CA   C  N S 59  
ASP C    C  N N 60  
ASP O    O  N N 61  
ASP CB   C  N N 62  
ASP CG   C  N N 63  
ASP OD1  O  N N 64  
ASP OD2  O  N N 65  
ASP OXT  O  N N 66  
ASP H    H  N N 67  
ASP H2   H  N N 68  
ASP HA   H  N N 69  
ASP HB2  H  N N 70  
ASP HB3  H  N N 71  
ASP HD2  H  N N 72  
ASP HXT  H  N N 73  
BR  BR   BR N N 74  
GLN N    N  N N 75  
GLN CA   C  N S 76  
GLN C    C  N N 77  
GLN O    O  N N 78  
GLN CB   C  N N 79  
GLN CG   C  N N 80  
GLN CD   C  N N 81  
GLN OE1  O  N N 82  
GLN NE2  N  N N 83  
GLN OXT  O  N N 84  
GLN H    H  N N 85  
GLN H2   H  N N 86  
GLN HA   H  N N 87  
GLN HB2  H  N N 88  
GLN HB3  H  N N 89  
GLN HG2  H  N N 90  
GLN HG3  H  N N 91  
GLN HE21 H  N N 92  
GLN HE22 H  N N 93  
GLN HXT  H  N N 94  
GLU N    N  N N 95  
GLU CA   C  N S 96  
GLU C    C  N N 97  
GLU O    O  N N 98  
GLU CB   C  N N 99  
GLU CG   C  N N 100 
GLU CD   C  N N 101 
GLU OE1  O  N N 102 
GLU OE2  O  N N 103 
GLU OXT  O  N N 104 
GLU H    H  N N 105 
GLU H2   H  N N 106 
GLU HA   H  N N 107 
GLU HB2  H  N N 108 
GLU HB3  H  N N 109 
GLU HG2  H  N N 110 
GLU HG3  H  N N 111 
GLU HE2  H  N N 112 
GLU HXT  H  N N 113 
GLY N    N  N N 114 
GLY CA   C  N N 115 
GLY C    C  N N 116 
GLY O    O  N N 117 
GLY OXT  O  N N 118 
GLY H    H  N N 119 
GLY H2   H  N N 120 
GLY HA2  H  N N 121 
GLY HA3  H  N N 122 
GLY HXT  H  N N 123 
HIS N    N  N N 124 
HIS CA   C  N S 125 
HIS C    C  N N 126 
HIS O    O  N N 127 
HIS CB   C  N N 128 
HIS CG   C  Y N 129 
HIS ND1  N  Y N 130 
HIS CD2  C  Y N 131 
HIS CE1  C  Y N 132 
HIS NE2  N  Y N 133 
HIS OXT  O  N N 134 
HIS H    H  N N 135 
HIS H2   H  N N 136 
HIS HA   H  N N 137 
HIS HB2  H  N N 138 
HIS HB3  H  N N 139 
HIS HD1  H  N N 140 
HIS HD2  H  N N 141 
HIS HE1  H  N N 142 
HIS HE2  H  N N 143 
HIS HXT  H  N N 144 
HOH O    O  N N 145 
HOH H1   H  N N 146 
HOH H2   H  N N 147 
ILE N    N  N N 148 
ILE CA   C  N S 149 
ILE C    C  N N 150 
ILE O    O  N N 151 
ILE CB   C  N S 152 
ILE CG1  C  N N 153 
ILE CG2  C  N N 154 
ILE CD1  C  N N 155 
ILE OXT  O  N N 156 
ILE H    H  N N 157 
ILE H2   H  N N 158 
ILE HA   H  N N 159 
ILE HB   H  N N 160 
ILE HG12 H  N N 161 
ILE HG13 H  N N 162 
ILE HG21 H  N N 163 
ILE HG22 H  N N 164 
ILE HG23 H  N N 165 
ILE HD11 H  N N 166 
ILE HD12 H  N N 167 
ILE HD13 H  N N 168 
ILE HXT  H  N N 169 
LEU N    N  N N 170 
LEU CA   C  N S 171 
LEU C    C  N N 172 
LEU O    O  N N 173 
LEU CB   C  N N 174 
LEU CG   C  N N 175 
LEU CD1  C  N N 176 
LEU CD2  C  N N 177 
LEU OXT  O  N N 178 
LEU H    H  N N 179 
LEU H2   H  N N 180 
LEU HA   H  N N 181 
LEU HB2  H  N N 182 
LEU HB3  H  N N 183 
LEU HG   H  N N 184 
LEU HD11 H  N N 185 
LEU HD12 H  N N 186 
LEU HD13 H  N N 187 
LEU HD21 H  N N 188 
LEU HD22 H  N N 189 
LEU HD23 H  N N 190 
LEU HXT  H  N N 191 
LYS N    N  N N 192 
LYS CA   C  N S 193 
LYS C    C  N N 194 
LYS O    O  N N 195 
LYS CB   C  N N 196 
LYS CG   C  N N 197 
LYS CD   C  N N 198 
LYS CE   C  N N 199 
LYS NZ   N  N N 200 
LYS OXT  O  N N 201 
LYS H    H  N N 202 
LYS H2   H  N N 203 
LYS HA   H  N N 204 
LYS HB2  H  N N 205 
LYS HB3  H  N N 206 
LYS HG2  H  N N 207 
LYS HG3  H  N N 208 
LYS HD2  H  N N 209 
LYS HD3  H  N N 210 
LYS HE2  H  N N 211 
LYS HE3  H  N N 212 
LYS HZ1  H  N N 213 
LYS HZ2  H  N N 214 
LYS HZ3  H  N N 215 
LYS HXT  H  N N 216 
MET N    N  N N 217 
MET CA   C  N S 218 
MET C    C  N N 219 
MET O    O  N N 220 
MET CB   C  N N 221 
MET CG   C  N N 222 
MET SD   S  N N 223 
MET CE   C  N N 224 
MET OXT  O  N N 225 
MET H    H  N N 226 
MET H2   H  N N 227 
MET HA   H  N N 228 
MET HB2  H  N N 229 
MET HB3  H  N N 230 
MET HG2  H  N N 231 
MET HG3  H  N N 232 
MET HE1  H  N N 233 
MET HE2  H  N N 234 
MET HE3  H  N N 235 
MET HXT  H  N N 236 
PHE N    N  N N 237 
PHE CA   C  N S 238 
PHE C    C  N N 239 
PHE O    O  N N 240 
PHE CB   C  N N 241 
PHE CG   C  Y N 242 
PHE CD1  C  Y N 243 
PHE CD2  C  Y N 244 
PHE CE1  C  Y N 245 
PHE CE2  C  Y N 246 
PHE CZ   C  Y N 247 
PHE OXT  O  N N 248 
PHE H    H  N N 249 
PHE H2   H  N N 250 
PHE HA   H  N N 251 
PHE HB2  H  N N 252 
PHE HB3  H  N N 253 
PHE HD1  H  N N 254 
PHE HD2  H  N N 255 
PHE HE1  H  N N 256 
PHE HE2  H  N N 257 
PHE HZ   H  N N 258 
PHE HXT  H  N N 259 
PRO N    N  N N 260 
PRO CA   C  N S 261 
PRO C    C  N N 262 
PRO O    O  N N 263 
PRO CB   C  N N 264 
PRO CG   C  N N 265 
PRO CD   C  N N 266 
PRO OXT  O  N N 267 
PRO H    H  N N 268 
PRO HA   H  N N 269 
PRO HB2  H  N N 270 
PRO HB3  H  N N 271 
PRO HG2  H  N N 272 
PRO HG3  H  N N 273 
PRO HD2  H  N N 274 
PRO HD3  H  N N 275 
PRO HXT  H  N N 276 
SER N    N  N N 277 
SER CA   C  N S 278 
SER C    C  N N 279 
SER O    O  N N 280 
SER CB   C  N N 281 
SER OG   O  N N 282 
SER OXT  O  N N 283 
SER H    H  N N 284 
SER H2   H  N N 285 
SER HA   H  N N 286 
SER HB2  H  N N 287 
SER HB3  H  N N 288 
SER HG   H  N N 289 
SER HXT  H  N N 290 
THR N    N  N N 291 
THR CA   C  N S 292 
THR C    C  N N 293 
THR O    O  N N 294 
THR CB   C  N R 295 
THR OG1  O  N N 296 
THR CG2  C  N N 297 
THR OXT  O  N N 298 
THR H    H  N N 299 
THR H2   H  N N 300 
THR HA   H  N N 301 
THR HB   H  N N 302 
THR HG1  H  N N 303 
THR HG21 H  N N 304 
THR HG22 H  N N 305 
THR HG23 H  N N 306 
THR HXT  H  N N 307 
TRP N    N  N N 308 
TRP CA   C  N S 309 
TRP C    C  N N 310 
TRP O    O  N N 311 
TRP CB   C  N N 312 
TRP CG   C  Y N 313 
TRP CD1  C  Y N 314 
TRP CD2  C  Y N 315 
TRP NE1  N  Y N 316 
TRP CE2  C  Y N 317 
TRP CE3  C  Y N 318 
TRP CZ2  C  Y N 319 
TRP CZ3  C  Y N 320 
TRP CH2  C  Y N 321 
TRP OXT  O  N N 322 
TRP H    H  N N 323 
TRP H2   H  N N 324 
TRP HA   H  N N 325 
TRP HB2  H  N N 326 
TRP HB3  H  N N 327 
TRP HD1  H  N N 328 
TRP HE1  H  N N 329 
TRP HE3  H  N N 330 
TRP HZ2  H  N N 331 
TRP HZ3  H  N N 332 
TRP HH2  H  N N 333 
TRP HXT  H  N N 334 
TYR N    N  N N 335 
TYR CA   C  N S 336 
TYR C    C  N N 337 
TYR O    O  N N 338 
TYR CB   C  N N 339 
TYR CG   C  Y N 340 
TYR CD1  C  Y N 341 
TYR CD2  C  Y N 342 
TYR CE1  C  Y N 343 
TYR CE2  C  Y N 344 
TYR CZ   C  Y N 345 
TYR OH   O  N N 346 
TYR OXT  O  N N 347 
TYR H    H  N N 348 
TYR H2   H  N N 349 
TYR HA   H  N N 350 
TYR HB2  H  N N 351 
TYR HB3  H  N N 352 
TYR HD1  H  N N 353 
TYR HD2  H  N N 354 
TYR HE1  H  N N 355 
TYR HE2  H  N N 356 
TYR HH   H  N N 357 
TYR HXT  H  N N 358 
VAL N    N  N N 359 
VAL CA   C  N S 360 
VAL C    C  N N 361 
VAL O    O  N N 362 
VAL CB   C  N N 363 
VAL CG1  C  N N 364 
VAL CG2  C  N N 365 
VAL OXT  O  N N 366 
VAL H    H  N N 367 
VAL H2   H  N N 368 
VAL HA   H  N N 369 
VAL HB   H  N N 370 
VAL HG11 H  N N 371 
VAL HG12 H  N N 372 
VAL HG13 H  N N 373 
VAL HG21 H  N N 374 
VAL HG22 H  N N 375 
VAL HG23 H  N N 376 
VAL HXT  H  N N 377 
# 
loop_
_chem_comp_bond.comp_id 
_chem_comp_bond.atom_id_1 
_chem_comp_bond.atom_id_2 
_chem_comp_bond.value_order 
_chem_comp_bond.pdbx_aromatic_flag 
_chem_comp_bond.pdbx_stereo_config 
_chem_comp_bond.pdbx_ordinal 
ALA N   CA   sing N N 1   
ALA N   H    sing N N 2   
ALA N   H2   sing N N 3   
ALA CA  C    sing N N 4   
ALA CA  CB   sing N N 5   
ALA CA  HA   sing N N 6   
ALA C   O    doub N N 7   
ALA C   OXT  sing N N 8   
ALA CB  HB1  sing N N 9   
ALA CB  HB2  sing N N 10  
ALA CB  HB3  sing N N 11  
ALA OXT HXT  sing N N 12  
ARG N   CA   sing N N 13  
ARG N   H    sing N N 14  
ARG N   H2   sing N N 15  
ARG CA  C    sing N N 16  
ARG CA  CB   sing N N 17  
ARG CA  HA   sing N N 18  
ARG C   O    doub N N 19  
ARG C   OXT  sing N N 20  
ARG CB  CG   sing N N 21  
ARG CB  HB2  sing N N 22  
ARG CB  HB3  sing N N 23  
ARG CG  CD   sing N N 24  
ARG CG  HG2  sing N N 25  
ARG CG  HG3  sing N N 26  
ARG CD  NE   sing N N 27  
ARG CD  HD2  sing N N 28  
ARG CD  HD3  sing N N 29  
ARG NE  CZ   sing N N 30  
ARG NE  HE   sing N N 31  
ARG CZ  NH1  sing N N 32  
ARG CZ  NH2  doub N N 33  
ARG NH1 HH11 sing N N 34  
ARG NH1 HH12 sing N N 35  
ARG NH2 HH21 sing N N 36  
ARG NH2 HH22 sing N N 37  
ARG OXT HXT  sing N N 38  
ASN N   CA   sing N N 39  
ASN N   H    sing N N 40  
ASN N   H2   sing N N 41  
ASN CA  C    sing N N 42  
ASN CA  CB   sing N N 43  
ASN CA  HA   sing N N 44  
ASN C   O    doub N N 45  
ASN C   OXT  sing N N 46  
ASN CB  CG   sing N N 47  
ASN CB  HB2  sing N N 48  
ASN CB  HB3  sing N N 49  
ASN CG  OD1  doub N N 50  
ASN CG  ND2  sing N N 51  
ASN ND2 HD21 sing N N 52  
ASN ND2 HD22 sing N N 53  
ASN OXT HXT  sing N N 54  
ASP N   CA   sing N N 55  
ASP N   H    sing N N 56  
ASP N   H2   sing N N 57  
ASP CA  C    sing N N 58  
ASP CA  CB   sing N N 59  
ASP CA  HA   sing N N 60  
ASP C   O    doub N N 61  
ASP C   OXT  sing N N 62  
ASP CB  CG   sing N N 63  
ASP CB  HB2  sing N N 64  
ASP CB  HB3  sing N N 65  
ASP CG  OD1  doub N N 66  
ASP CG  OD2  sing N N 67  
ASP OD2 HD2  sing N N 68  
ASP OXT HXT  sing N N 69  
GLN N   CA   sing N N 70  
GLN N   H    sing N N 71  
GLN N   H2   sing N N 72  
GLN CA  C    sing N N 73  
GLN CA  CB   sing N N 74  
GLN CA  HA   sing N N 75  
GLN C   O    doub N N 76  
GLN C   OXT  sing N N 77  
GLN CB  CG   sing N N 78  
GLN CB  HB2  sing N N 79  
GLN CB  HB3  sing N N 80  
GLN CG  CD   sing N N 81  
GLN CG  HG2  sing N N 82  
GLN CG  HG3  sing N N 83  
GLN CD  OE1  doub N N 84  
GLN CD  NE2  sing N N 85  
GLN NE2 HE21 sing N N 86  
GLN NE2 HE22 sing N N 87  
GLN OXT HXT  sing N N 88  
GLU N   CA   sing N N 89  
GLU N   H    sing N N 90  
GLU N   H2   sing N N 91  
GLU CA  C    sing N N 92  
GLU CA  CB   sing N N 93  
GLU CA  HA   sing N N 94  
GLU C   O    doub N N 95  
GLU C   OXT  sing N N 96  
GLU CB  CG   sing N N 97  
GLU CB  HB2  sing N N 98  
GLU CB  HB3  sing N N 99  
GLU CG  CD   sing N N 100 
GLU CG  HG2  sing N N 101 
GLU CG  HG3  sing N N 102 
GLU CD  OE1  doub N N 103 
GLU CD  OE2  sing N N 104 
GLU OE2 HE2  sing N N 105 
GLU OXT HXT  sing N N 106 
GLY N   CA   sing N N 107 
GLY N   H    sing N N 108 
GLY N   H2   sing N N 109 
GLY CA  C    sing N N 110 
GLY CA  HA2  sing N N 111 
GLY CA  HA3  sing N N 112 
GLY C   O    doub N N 113 
GLY C   OXT  sing N N 114 
GLY OXT HXT  sing N N 115 
HIS N   CA   sing N N 116 
HIS N   H    sing N N 117 
HIS N   H2   sing N N 118 
HIS CA  C    sing N N 119 
HIS CA  CB   sing N N 120 
HIS CA  HA   sing N N 121 
HIS C   O    doub N N 122 
HIS C   OXT  sing N N 123 
HIS CB  CG   sing N N 124 
HIS CB  HB2  sing N N 125 
HIS CB  HB3  sing N N 126 
HIS CG  ND1  sing Y N 127 
HIS CG  CD2  doub Y N 128 
HIS ND1 CE1  doub Y N 129 
HIS ND1 HD1  sing N N 130 
HIS CD2 NE2  sing Y N 131 
HIS CD2 HD2  sing N N 132 
HIS CE1 NE2  sing Y N 133 
HIS CE1 HE1  sing N N 134 
HIS NE2 HE2  sing N N 135 
HIS OXT HXT  sing N N 136 
HOH O   H1   sing N N 137 
HOH O   H2   sing N N 138 
ILE N   CA   sing N N 139 
ILE N   H    sing N N 140 
ILE N   H2   sing N N 141 
ILE CA  C    sing N N 142 
ILE CA  CB   sing N N 143 
ILE CA  HA   sing N N 144 
ILE C   O    doub N N 145 
ILE C   OXT  sing N N 146 
ILE CB  CG1  sing N N 147 
ILE CB  CG2  sing N N 148 
ILE CB  HB   sing N N 149 
ILE CG1 CD1  sing N N 150 
ILE CG1 HG12 sing N N 151 
ILE CG1 HG13 sing N N 152 
ILE CG2 HG21 sing N N 153 
ILE CG2 HG22 sing N N 154 
ILE CG2 HG23 sing N N 155 
ILE CD1 HD11 sing N N 156 
ILE CD1 HD12 sing N N 157 
ILE CD1 HD13 sing N N 158 
ILE OXT HXT  sing N N 159 
LEU N   CA   sing N N 160 
LEU N   H    sing N N 161 
LEU N   H2   sing N N 162 
LEU CA  C    sing N N 163 
LEU CA  CB   sing N N 164 
LEU CA  HA   sing N N 165 
LEU C   O    doub N N 166 
LEU C   OXT  sing N N 167 
LEU CB  CG   sing N N 168 
LEU CB  HB2  sing N N 169 
LEU CB  HB3  sing N N 170 
LEU CG  CD1  sing N N 171 
LEU CG  CD2  sing N N 172 
LEU CG  HG   sing N N 173 
LEU CD1 HD11 sing N N 174 
LEU CD1 HD12 sing N N 175 
LEU CD1 HD13 sing N N 176 
LEU CD2 HD21 sing N N 177 
LEU CD2 HD22 sing N N 178 
LEU CD2 HD23 sing N N 179 
LEU OXT HXT  sing N N 180 
LYS N   CA   sing N N 181 
LYS N   H    sing N N 182 
LYS N   H2   sing N N 183 
LYS CA  C    sing N N 184 
LYS CA  CB   sing N N 185 
LYS CA  HA   sing N N 186 
LYS C   O    doub N N 187 
LYS C   OXT  sing N N 188 
LYS CB  CG   sing N N 189 
LYS CB  HB2  sing N N 190 
LYS CB  HB3  sing N N 191 
LYS CG  CD   sing N N 192 
LYS CG  HG2  sing N N 193 
LYS CG  HG3  sing N N 194 
LYS CD  CE   sing N N 195 
LYS CD  HD2  sing N N 196 
LYS CD  HD3  sing N N 197 
LYS CE  NZ   sing N N 198 
LYS CE  HE2  sing N N 199 
LYS CE  HE3  sing N N 200 
LYS NZ  HZ1  sing N N 201 
LYS NZ  HZ2  sing N N 202 
LYS NZ  HZ3  sing N N 203 
LYS OXT HXT  sing N N 204 
MET N   CA   sing N N 205 
MET N   H    sing N N 206 
MET N   H2   sing N N 207 
MET CA  C    sing N N 208 
MET CA  CB   sing N N 209 
MET CA  HA   sing N N 210 
MET C   O    doub N N 211 
MET C   OXT  sing N N 212 
MET CB  CG   sing N N 213 
MET CB  HB2  sing N N 214 
MET CB  HB3  sing N N 215 
MET CG  SD   sing N N 216 
MET CG  HG2  sing N N 217 
MET CG  HG3  sing N N 218 
MET SD  CE   sing N N 219 
MET CE  HE1  sing N N 220 
MET CE  HE2  sing N N 221 
MET CE  HE3  sing N N 222 
MET OXT HXT  sing N N 223 
PHE N   CA   sing N N 224 
PHE N   H    sing N N 225 
PHE N   H2   sing N N 226 
PHE CA  C    sing N N 227 
PHE CA  CB   sing N N 228 
PHE CA  HA   sing N N 229 
PHE C   O    doub N N 230 
PHE C   OXT  sing N N 231 
PHE CB  CG   sing N N 232 
PHE CB  HB2  sing N N 233 
PHE CB  HB3  sing N N 234 
PHE CG  CD1  doub Y N 235 
PHE CG  CD2  sing Y N 236 
PHE CD1 CE1  sing Y N 237 
PHE CD1 HD1  sing N N 238 
PHE CD2 CE2  doub Y N 239 
PHE CD2 HD2  sing N N 240 
PHE CE1 CZ   doub Y N 241 
PHE CE1 HE1  sing N N 242 
PHE CE2 CZ   sing Y N 243 
PHE CE2 HE2  sing N N 244 
PHE CZ  HZ   sing N N 245 
PHE OXT HXT  sing N N 246 
PRO N   CA   sing N N 247 
PRO N   CD   sing N N 248 
PRO N   H    sing N N 249 
PRO CA  C    sing N N 250 
PRO CA  CB   sing N N 251 
PRO CA  HA   sing N N 252 
PRO C   O    doub N N 253 
PRO C   OXT  sing N N 254 
PRO CB  CG   sing N N 255 
PRO CB  HB2  sing N N 256 
PRO CB  HB3  sing N N 257 
PRO CG  CD   sing N N 258 
PRO CG  HG2  sing N N 259 
PRO CG  HG3  sing N N 260 
PRO CD  HD2  sing N N 261 
PRO CD  HD3  sing N N 262 
PRO OXT HXT  sing N N 263 
SER N   CA   sing N N 264 
SER N   H    sing N N 265 
SER N   H2   sing N N 266 
SER CA  C    sing N N 267 
SER CA  CB   sing N N 268 
SER CA  HA   sing N N 269 
SER C   O    doub N N 270 
SER C   OXT  sing N N 271 
SER CB  OG   sing N N 272 
SER CB  HB2  sing N N 273 
SER CB  HB3  sing N N 274 
SER OG  HG   sing N N 275 
SER OXT HXT  sing N N 276 
THR N   CA   sing N N 277 
THR N   H    sing N N 278 
THR N   H2   sing N N 279 
THR CA  C    sing N N 280 
THR CA  CB   sing N N 281 
THR CA  HA   sing N N 282 
THR C   O    doub N N 283 
THR C   OXT  sing N N 284 
THR CB  OG1  sing N N 285 
THR CB  CG2  sing N N 286 
THR CB  HB   sing N N 287 
THR OG1 HG1  sing N N 288 
THR CG2 HG21 sing N N 289 
THR CG2 HG22 sing N N 290 
THR CG2 HG23 sing N N 291 
THR OXT HXT  sing N N 292 
TRP N   CA   sing N N 293 
TRP N   H    sing N N 294 
TRP N   H2   sing N N 295 
TRP CA  C    sing N N 296 
TRP CA  CB   sing N N 297 
TRP CA  HA   sing N N 298 
TRP C   O    doub N N 299 
TRP C   OXT  sing N N 300 
TRP CB  CG   sing N N 301 
TRP CB  HB2  sing N N 302 
TRP CB  HB3  sing N N 303 
TRP CG  CD1  doub Y N 304 
TRP CG  CD2  sing Y N 305 
TRP CD1 NE1  sing Y N 306 
TRP CD1 HD1  sing N N 307 
TRP CD2 CE2  doub Y N 308 
TRP CD2 CE3  sing Y N 309 
TRP NE1 CE2  sing Y N 310 
TRP NE1 HE1  sing N N 311 
TRP CE2 CZ2  sing Y N 312 
TRP CE3 CZ3  doub Y N 313 
TRP CE3 HE3  sing N N 314 
TRP CZ2 CH2  doub Y N 315 
TRP CZ2 HZ2  sing N N 316 
TRP CZ3 CH2  sing Y N 317 
TRP CZ3 HZ3  sing N N 318 
TRP CH2 HH2  sing N N 319 
TRP OXT HXT  sing N N 320 
TYR N   CA   sing N N 321 
TYR N   H    sing N N 322 
TYR N   H2   sing N N 323 
TYR CA  C    sing N N 324 
TYR CA  CB   sing N N 325 
TYR CA  HA   sing N N 326 
TYR C   O    doub N N 327 
TYR C   OXT  sing N N 328 
TYR CB  CG   sing N N 329 
TYR CB  HB2  sing N N 330 
TYR CB  HB3  sing N N 331 
TYR CG  CD1  doub Y N 332 
TYR CG  CD2  sing Y N 333 
TYR CD1 CE1  sing Y N 334 
TYR CD1 HD1  sing N N 335 
TYR CD2 CE2  doub Y N 336 
TYR CD2 HD2  sing N N 337 
TYR CE1 CZ   doub Y N 338 
TYR CE1 HE1  sing N N 339 
TYR CE2 CZ   sing Y N 340 
TYR CE2 HE2  sing N N 341 
TYR CZ  OH   sing N N 342 
TYR OH  HH   sing N N 343 
TYR OXT HXT  sing N N 344 
VAL N   CA   sing N N 345 
VAL N   H    sing N N 346 
VAL N   H2   sing N N 347 
VAL CA  C    sing N N 348 
VAL CA  CB   sing N N 349 
VAL CA  HA   sing N N 350 
VAL C   O    doub N N 351 
VAL C   OXT  sing N N 352 
VAL CB  CG1  sing N N 353 
VAL CB  CG2  sing N N 354 
VAL CB  HB   sing N N 355 
VAL CG1 HG11 sing N N 356 
VAL CG1 HG12 sing N N 357 
VAL CG1 HG13 sing N N 358 
VAL CG2 HG21 sing N N 359 
VAL CG2 HG22 sing N N 360 
VAL CG2 HG23 sing N N 361 
VAL OXT HXT  sing N N 362 
# 
_pdbx_audit_support.funding_organization   'Japan Society for the Promotion of Science (JSPS)' 
_pdbx_audit_support.country                Japan 
_pdbx_audit_support.grant_number           15K06962 
_pdbx_audit_support.ordinal                1 
# 
_pdbx_initial_refinement_model.id               1 
_pdbx_initial_refinement_model.entity_id_list   ? 
_pdbx_initial_refinement_model.type             'experimental model' 
_pdbx_initial_refinement_model.source_name      PDB 
_pdbx_initial_refinement_model.accession_code   6DKQ 
_pdbx_initial_refinement_model.details          ? 
# 
_atom_sites.entry_id                    7CUD 
_atom_sites.Cartn_transf_matrix[1][1]   ? 
_atom_sites.Cartn_transf_matrix[1][2]   ? 
_atom_sites.Cartn_transf_matrix[1][3]   ? 
_atom_sites.Cartn_transf_matrix[2][1]   ? 
_atom_sites.Cartn_transf_matrix[2][2]   ? 
_atom_sites.Cartn_transf_matrix[2][3]   ? 
_atom_sites.Cartn_transf_matrix[3][1]   ? 
_atom_sites.Cartn_transf_matrix[3][2]   ? 
_atom_sites.Cartn_transf_matrix[3][3]   ? 
_atom_sites.Cartn_transf_vector[1]      ? 
_atom_sites.Cartn_transf_vector[2]      ? 
_atom_sites.Cartn_transf_vector[3]      ? 
_atom_sites.fract_transf_matrix[1][1]   0.00236379 
_atom_sites.fract_transf_matrix[1][2]   -0.00196250 
_atom_sites.fract_transf_matrix[1][3]   -0.01486561 
_atom_sites.fract_transf_matrix[2][1]   0.01345842 
_atom_sites.fract_transf_matrix[2][2]   0.00351780 
_atom_sites.fract_transf_matrix[2][3]   -0.00607438 
_atom_sites.fract_transf_matrix[3][1]   0.00948730 
_atom_sites.fract_transf_matrix[3][2]   -0.02743713 
_atom_sites.fract_transf_matrix[3][3]   0.00513072 
_atom_sites.fract_transf_vector[1]      -0.272784 
_atom_sites.fract_transf_vector[2]      0.129781 
_atom_sites.fract_transf_vector[3]      0.152384 
_atom_sites.solution_primary            ? 
_atom_sites.solution_secondary          ? 
_atom_sites.solution_hydrogens          ? 
_atom_sites.special_details             ? 
# 
loop_
_atom_type.symbol 
BR 
C  
N  
O  
S  
# 
loop_
_atom_site.group_PDB 
_atom_site.id 
_atom_site.type_symbol 
_atom_site.label_atom_id 
_atom_site.label_alt_id 
_atom_site.label_comp_id 
_atom_site.label_asym_id 
_atom_site.label_entity_id 
_atom_site.label_seq_id 
_atom_site.pdbx_PDB_ins_code 
_atom_site.Cartn_x 
_atom_site.Cartn_y 
_atom_site.Cartn_z 
_atom_site.occupancy 
_atom_site.B_iso_or_equiv 
_atom_site.pdbx_formal_charge 
_atom_site.auth_seq_id 
_atom_site.auth_comp_id 
_atom_site.auth_asym_id 
_atom_site.auth_atom_id 
_atom_site.pdbx_PDB_model_num 
ATOM   1    N  N   . ALA A 1 4   ? 15.797  -8.700  -1.735  1.00 40.49 ? 174 ALA A N   1 
ATOM   2    C  CA  . ALA A 1 4   ? 15.409  -7.485  -2.570  1.00 39.21 ? 174 ALA A CA  1 
ATOM   3    C  C   . ALA A 1 4   ? 13.930  -7.112  -2.366  1.00 37.66 ? 174 ALA A C   1 
ATOM   4    O  O   . ALA A 1 4   ? 13.634  -5.903  -2.158  1.00 36.55 ? 174 ALA A O   1 
ATOM   5    C  CB  . ALA A 1 4   ? 15.691  -7.739  -4.032  1.00 41.51 ? 174 ALA A CB  1 
ATOM   6    N  N   . ASN A 1 5   ? 13.028  -8.097  -2.469  1.00 30.71 ? 175 ASN A N   1 
ATOM   7    C  CA  . ASN A 1 5   ? 11.566  -7.890  -2.330  1.00 30.81 ? 175 ASN A CA  1 
ATOM   8    C  C   . ASN A 1 5   ? 11.139  -8.362  -0.939  1.00 30.40 ? 175 ASN A C   1 
ATOM   9    O  O   . ASN A 1 5   ? 11.771  -9.304  -0.398  1.00 26.94 ? 175 ASN A O   1 
ATOM   10   C  CB  . ASN A 1 5   ? 10.759  -8.634  -3.396  1.00 33.68 ? 175 ASN A CB  1 
ATOM   11   C  CG  . ASN A 1 5   ? 11.063  -8.157  -4.804  1.00 35.86 ? 175 ASN A CG  1 
ATOM   12   O  OD1 . ASN A 1 5   ? 11.560  -7.046  -4.997  1.00 43.54 ? 175 ASN A OD1 1 
ATOM   13   N  ND2 . ASN A 1 5   ? 10.819  -9.013  -5.782  1.00 32.64 ? 175 ASN A ND2 1 
ATOM   14   N  N   . LEU A 1 6   ? 10.083  -7.755  -0.394  1.00 25.42 ? 176 LEU A N   1 
ATOM   15   C  CA  . LEU A 1 6   ? 9.458   -8.225  0.877   1.00 25.41 ? 176 LEU A CA  1 
ATOM   16   C  C   . LEU A 1 6   ? 8.813   -9.599  0.676   1.00 26.36 ? 176 LEU A C   1 
ATOM   17   O  O   . LEU A 1 6   ? 8.183   -9.842  -0.395  1.00 30.54 ? 176 LEU A O   1 
ATOM   18   C  CB  . LEU A 1 6   ? 8.432   -7.207  1.367   1.00 24.41 ? 176 LEU A CB  1 
ATOM   19   C  CG  . LEU A 1 6   ? 9.010   -5.861  1.781   1.00 25.11 ? 176 LEU A CG  1 
ATOM   20   C  CD1 . LEU A 1 6   ? 7.891   -4.949  2.224   1.00 26.64 ? 176 LEU A CD1 1 
ATOM   21   C  CD2 . LEU A 1 6   ? 10.006  -6.004  2.925   1.00 27.32 ? 176 LEU A CD2 1 
ATOM   22   N  N   . SER A 1 7   ? 8.950   -10.466 1.680   1.00 23.26 ? 177 SER A N   1 
ATOM   23   C  CA  . SER A 1 7   ? 8.328   -11.812 1.678   1.00 23.91 ? 177 SER A CA  1 
ATOM   24   C  C   . SER A 1 7   ? 6.860   -11.688 2.081   1.00 22.26 ? 177 SER A C   1 
ATOM   25   O  O   . SER A 1 7   ? 6.064   -12.491 1.617   1.00 23.12 ? 177 SER A O   1 
ATOM   26   C  CB  . SER A 1 7   ? 9.065   -12.782 2.582   1.00 26.29 ? 177 SER A CB  1 
ATOM   27   O  OG  . SER A 1 7   ? 9.211   -12.251 3.902   1.00 30.46 ? 177 SER A OG  1 
ATOM   28   N  N   . LEU A 1 8   ? 6.501   -10.688 2.883   1.00 18.95 ? 178 LEU A N   1 
ATOM   29   C  CA  . LEU A 1 8   ? 5.168   -10.696 3.535   1.00 18.41 ? 178 LEU A CA  1 
ATOM   30   C  C   . LEU A 1 8   ? 4.133   -9.876  2.746   1.00 17.62 ? 178 LEU A C   1 
ATOM   31   O  O   . LEU A 1 8   ? 2.965   -10.003 3.075   1.00 17.44 ? 178 LEU A O   1 
ATOM   32   C  CB  . LEU A 1 8   ? 5.390   -10.196 4.965   1.00 20.63 ? 178 LEU A CB  1 
ATOM   33   C  CG  . LEU A 1 8   ? 6.241   -11.114 5.850   1.00 21.58 ? 178 LEU A CG  1 
ATOM   34   C  CD1 . LEU A 1 8   ? 6.396   -10.560 7.255   1.00 22.80 ? 178 LEU A CD1 1 
ATOM   35   C  CD2 . LEU A 1 8   ? 5.655   -12.509 5.914   1.00 23.69 ? 178 LEU A CD2 1 
ATOM   36   N  N   . ILE A 1 9   ? 4.533   -9.041  1.780   1.00 15.98 ? 179 ILE A N   1 
ATOM   37   C  CA  . ILE A 1 9   ? 3.595   -8.239  0.930   1.00 16.52 ? 179 ILE A CA  1 
ATOM   38   C  C   . ILE A 1 9   ? 3.829   -8.603  -0.542  1.00 15.87 ? 179 ILE A C   1 
ATOM   39   O  O   . ILE A 1 9   ? 4.928   -8.302  -1.095  1.00 17.23 ? 179 ILE A O   1 
ATOM   40   C  CB  . ILE A 1 9   ? 3.737   -6.728  1.201   1.00 17.78 ? 179 ILE A CB  1 
ATOM   41   C  CG1 . ILE A 1 9   ? 3.528   -6.408  2.684   1.00 18.71 ? 179 ILE A CG1 1 
ATOM   42   C  CG2 . ILE A 1 9   ? 2.797   -5.945  0.274   1.00 17.32 ? 179 ILE A CG2 1 
ATOM   43   C  CD1 . ILE A 1 9   ? 3.818   -4.946  3.041   1.00 19.42 ? 179 ILE A CD1 1 
ATOM   44   N  N   . THR A 1 10  ? 2.870   -9.302  -1.137  1.00 15.02 ? 180 THR A N   1 
ATOM   45   C  CA  . THR A 1 10  ? 3.087   -10.070 -2.388  1.00 15.92 ? 180 THR A CA  1 
ATOM   46   C  C   . THR A 1 10  ? 1.964   -9.880  -3.398  1.00 16.65 ? 180 THR A C   1 
ATOM   47   O  O   . THR A 1 10  ? 2.094   -10.439 -4.506  1.00 16.47 ? 180 THR A O   1 
ATOM   48   C  CB  . THR A 1 10  ? 3.196   -11.570 -2.085  1.00 16.15 ? 180 THR A CB  1 
ATOM   49   O  OG1 . THR A 1 10  ? 1.901   -12.067 -1.712  1.00 16.99 ? 180 THR A OG1 1 
ATOM   50   C  CG2 . THR A 1 10  ? 4.266   -11.880 -1.061  1.00 17.67 ? 180 THR A CG2 1 
ATOM   51   N  N   . LYS A 1 11  ? 0.869   -9.209  -3.044  1.00 14.86 ? 181 LYS A N   1 
ATOM   52   C  CA  . LYS A 1 11  ? -0.328  -9.262  -3.903  1.00 14.99 ? 181 LYS A CA  1 
ATOM   53   C  C   . LYS A 1 11  ? -1.263  -8.107  -3.583  1.00 13.56 ? 181 LYS A C   1 
ATOM   54   O  O   . LYS A 1 11  ? -1.094  -7.453  -2.520  1.00 13.09 ? 181 LYS A O   1 
ATOM   55   C  CB  . LYS A 1 11  ? -1.079  -10.581 -3.717  1.00 17.14 ? 181 LYS A CB  1 
ATOM   56   C  CG  . LYS A 1 11  ? -1.687  -10.820 -2.362  1.00 20.63 ? 181 LYS A CG  1 
ATOM   57   C  CD  . LYS A 1 11  ? -2.431  -12.132 -2.367  1.00 25.01 ? 181 LYS A CD  1 
ATOM   58   C  CE  . LYS A 1 11  ? -3.183  -12.333 -1.076  1.00 33.54 ? 181 LYS A CE  1 
ATOM   59   N  NZ  . LYS A 1 11  ? -2.618  -13.428 -0.260  1.00 39.37 ? 181 LYS A NZ  1 
ATOM   60   N  N   . LEU A 1 12  ? -2.194  -7.896  -4.507  1.00 13.08 ? 182 LEU A N   1 
ATOM   61   C  CA  . LEU A 1 12  ? -3.265  -6.900  -4.342  1.00 12.97 ? 182 LEU A CA  1 
ATOM   62   C  C   . LEU A 1 12  ? -4.521  -7.407  -5.043  1.00 14.22 ? 182 LEU A C   1 
ATOM   63   O  O   . LEU A 1 12  ? -4.462  -8.324  -5.938  1.00 13.05 ? 182 LEU A O   1 
ATOM   64   C  CB  . LEU A 1 12  ? -2.808  -5.554  -4.932  1.00 11.97 ? 182 LEU A CB  1 
ATOM   65   C  CG  . LEU A 1 12  ? -2.665  -5.471  -6.451  1.00 11.94 ? 182 LEU A CG  1 
ATOM   66   C  CD1 . LEU A 1 12  ? -4.015  -5.215  -7.150  1.00 12.54 ? 182 LEU A CD1 1 
ATOM   67   C  CD2 . LEU A 1 12  ? -1.701  -4.342  -6.827  1.00 11.09 ? 182 LEU A CD2 1 
ATOM   68   N  N   . SER A 1 13  ? -5.639  -6.825  -4.659  1.00 13.39 ? 183 SER A N   1 
ATOM   69   C  CA  A SER A 1 13  ? -6.959  -6.989  -5.317  0.50 15.57 ? 183 SER A CA  1 
ATOM   70   C  CA  B SER A 1 13  ? -6.887  -7.003  -5.441  0.50 14.14 ? 183 SER A CA  1 
ATOM   71   C  C   . SER A 1 13  ? -7.403  -5.641  -5.890  1.00 15.54 ? 183 SER A C   1 
ATOM   72   O  O   . SER A 1 13  ? -7.092  -4.608  -5.249  1.00 14.15 ? 183 SER A O   1 
ATOM   73   C  CB  A SER A 1 13  ? -7.952  -7.508  -4.304  0.50 15.76 ? 183 SER A CB  1 
ATOM   74   C  CB  B SER A 1 13  ? -7.936  -7.781  -4.682  0.50 13.37 ? 183 SER A CB  1 
ATOM   75   O  OG  A SER A 1 13  ? -7.393  -8.609  -3.596  0.50 17.80 ? 183 SER A OG  1 
ATOM   76   O  OG  B SER A 1 13  ? -8.318  -7.086  -3.515  0.50 11.24 ? 183 SER A OG  1 
ATOM   77   N  N   . GLN A 1 14  ? -8.156  -5.669  -6.978  1.00 15.49 ? 184 GLN A N   1 
ATOM   78   C  CA  . GLN A 1 14  ? -8.735  -4.463  -7.577  1.00 18.79 ? 184 GLN A CA  1 
ATOM   79   C  C   . GLN A 1 14  ? -10.151 -4.277  -7.037  1.00 18.94 ? 184 GLN A C   1 
ATOM   80   O  O   . GLN A 1 14  ? -10.926 -5.239  -6.969  1.00 20.95 ? 184 GLN A O   1 
ATOM   81   C  CB  . GLN A 1 14  ? -8.625  -4.559  -9.092  1.00 21.82 ? 184 GLN A CB  1 
ATOM   82   C  CG  . GLN A 1 14  ? -7.851  -3.367  -9.629  1.00 25.38 ? 184 GLN A CG  1 
ATOM   83   C  CD  . GLN A 1 14  ? -7.854  -3.273  -11.132 1.00 23.98 ? 184 GLN A CD  1 
ATOM   84   O  OE1 . GLN A 1 14  ? -7.405  -4.205  -11.813 1.00 20.51 ? 184 GLN A OE1 1 
ATOM   85   N  NE2 . GLN A 1 14  ? -8.323  -2.132  -11.619 1.00 27.31 ? 184 GLN A NE2 1 
ATOM   86   N  N   . GLU A 1 15  ? -10.473 -3.062  -6.648  1.00 18.73 ? 185 GLU A N   1 
ATOM   87   C  CA  . GLU A 1 15  ? -11.792 -2.692  -6.123  1.00 19.29 ? 185 GLU A CA  1 
ATOM   88   C  C   . GLU A 1 15  ? -12.291 -1.600  -7.060  1.00 18.22 ? 185 GLU A C   1 
ATOM   89   O  O   . GLU A 1 15  ? -11.589 -1.201  -8.017  1.00 17.92 ? 185 GLU A O   1 
ATOM   90   C  CB  . GLU A 1 15  ? -11.692 -2.263  -4.648  1.00 22.55 ? 185 GLU A CB  1 
ATOM   91   C  CG  . GLU A 1 15  ? -11.408 -3.385  -3.644  1.00 26.17 ? 185 GLU A CG  1 
ATOM   92   C  CD  . GLU A 1 15  ? -11.292 -3.051  -2.144  1.00 29.59 ? 185 GLU A CD  1 
ATOM   93   O  OE1 . GLU A 1 15  ? -11.598 -3.992  -1.340  1.00 31.14 ? 185 GLU A OE1 1 
ATOM   94   O  OE2 . GLU A 1 15  ? -10.836 -1.879  -1.731  1.00 32.11 ? 185 GLU A OE2 1 
ATOM   95   N  N   . ASP A 1 16  ? -13.489 -1.107  -6.824  1.00 18.51 ? 186 ASP A N   1 
ATOM   96   C  CA  . ASP A 1 16  ? -14.011 0.027   -7.619  1.00 17.07 ? 186 ASP A CA  1 
ATOM   97   C  C   . ASP A 1 16  ? -13.283 1.317   -7.221  1.00 15.27 ? 186 ASP A C   1 
ATOM   98   O  O   . ASP A 1 16  ? -13.485 1.771   -6.091  1.00 12.99 ? 186 ASP A O   1 
ATOM   99   C  CB  . ASP A 1 16  ? -15.521 0.105   -7.414  1.00 19.16 ? 186 ASP A CB  1 
ATOM   100  C  CG  . ASP A 1 16  ? -16.206 1.136   -8.274  1.00 19.98 ? 186 ASP A CG  1 
ATOM   101  O  OD1 . ASP A 1 16  ? -15.527 1.878   -8.991  1.00 21.33 ? 186 ASP A OD1 1 
ATOM   102  O  OD2 . ASP A 1 16  ? -17.433 1.212   -8.192  1.00 25.95 ? 186 ASP A OD2 1 
ATOM   103  N  N   . GLY A 1 17  ? -12.458 1.877   -8.109  1.00 13.08 ? 187 GLY A N   1 
ATOM   104  C  CA  . GLY A 1 17  ? -11.721 3.128   -7.857  1.00 12.09 ? 187 GLY A CA  1 
ATOM   105  C  C   . GLY A 1 17  ? -10.778 2.994   -6.680  1.00 11.54 ? 187 GLY A C   1 
ATOM   106  O  O   . GLY A 1 17  ? -10.494 3.983   -6.022  1.00 10.56 ? 187 GLY A O   1 
ATOM   107  N  N   . ALA A 1 18  ? -10.235 1.801   -6.489  1.00 12.49 ? 188 ALA A N   1 
ATOM   108  C  CA  . ALA A 1 18  ? -9.433  1.440   -5.307  1.00 12.07 ? 188 ALA A CA  1 
ATOM   109  C  C   . ALA A 1 18  ? -8.678  0.138   -5.601  1.00 11.92 ? 188 ALA A C   1 
ATOM   110  O  O   . ALA A 1 18  ? -9.121  -0.677  -6.466  1.00 12.80 ? 188 ALA A O   1 
ATOM   111  C  CB  . ALA A 1 18  ? -10.353 1.281   -4.109  1.00 11.78 ? 188 ALA A CB  1 
ATOM   112  N  N   . ILE A 1 19  ? -7.637  -0.094  -4.806  1.00 11.29 ? 189 ILE A N   1 
ATOM   113  C  CA  . ILE A 1 19  ? -6.950  -1.398  -4.693  1.00 9.81  ? 189 ILE A CA  1 
ATOM   114  C  C   . ILE A 1 19  ? -6.806  -1.716  -3.209  1.00 10.54 ? 189 ILE A C   1 
ATOM   115  O  O   . ILE A 1 19  ? -6.883  -0.802  -2.335  1.00 10.04 ? 189 ILE A O   1 
ATOM   116  C  CB  . ILE A 1 19  ? -5.576  -1.437  -5.402  1.00 10.03 ? 189 ILE A CB  1 
ATOM   117  C  CG1 . ILE A 1 19  ? -4.585  -0.386  -4.876  1.00 10.05 ? 189 ILE A CG1 1 
ATOM   118  C  CG2 . ILE A 1 19  ? -5.774  -1.267  -6.882  1.00 10.53 ? 189 ILE A CG2 1 
ATOM   119  C  CD1 . ILE A 1 19  ? -3.143  -0.594  -5.296  1.00 9.66  ? 189 ILE A CD1 1 
ATOM   120  N  N   . LEU A 1 20  ? -6.579  -2.989  -2.977  1.00 10.76 ? 190 LEU A N   1 
ATOM   121  C  CA  . LEU A 1 20  ? -6.524  -3.585  -1.626  1.00 10.52 ? 190 LEU A CA  1 
ATOM   122  C  C   . LEU A 1 20  ? -5.251  -4.416  -1.542  1.00 11.61 ? 190 LEU A C   1 
ATOM   123  O  O   . LEU A 1 20  ? -5.005  -5.289  -2.447  1.00 11.23 ? 190 LEU A O   1 
ATOM   124  C  CB  . LEU A 1 20  ? -7.798  -4.404  -1.385  1.00 11.12 ? 190 LEU A CB  1 
ATOM   125  C  CG  . LEU A 1 20  ? -7.783  -5.201  -0.090  1.00 11.74 ? 190 LEU A CG  1 
ATOM   126  C  CD1 . LEU A 1 20  ? -7.675  -4.285  1.135   1.00 12.04 ? 190 LEU A CD1 1 
ATOM   127  C  CD2 . LEU A 1 20  ? -8.994  -6.097  0.010   1.00 12.79 ? 190 LEU A CD2 1 
ATOM   128  N  N   . PHE A 1 21  ? -4.510  -4.213  -0.447  1.00 11.11 ? 191 PHE A N   1 
ATOM   129  C  CA  . PHE A 1 21  ? -3.368  -5.067  -0.033  1.00 11.09 ? 191 PHE A CA  1 
ATOM   130  C  C   . PHE A 1 21  ? -3.809  -5.873  1.174   1.00 11.65 ? 191 PHE A C   1 
ATOM   131  O  O   . PHE A 1 21  ? -3.794  -5.402  2.313   1.00 12.18 ? 191 PHE A O   1 
ATOM   132  C  CB  . PHE A 1 21  ? -2.157  -4.231  0.300   1.00 11.63 ? 191 PHE A CB  1 
ATOM   133  C  CG  . PHE A 1 21  ? -1.669  -3.451  -0.882  1.00 11.46 ? 191 PHE A CG  1 
ATOM   134  C  CD1 . PHE A 1 21  ? -0.869  -4.053  -1.833  1.00 12.02 ? 191 PHE A CD1 1 
ATOM   135  C  CD2 . PHE A 1 21  ? -2.021  -2.121  -1.041  1.00 11.46 ? 191 PHE A CD2 1 
ATOM   136  C  CE1 . PHE A 1 21  ? -0.461  -3.332  -2.952  1.00 11.85 ? 191 PHE A CE1 1 
ATOM   137  C  CE2 . PHE A 1 21  ? -1.544  -1.391  -2.118  1.00 12.05 ? 191 PHE A CE2 1 
ATOM   138  C  CZ  . PHE A 1 21  ? -0.766  -2.004  -3.067  1.00 12.23 ? 191 PHE A CZ  1 
ATOM   139  N  N   . PRO A 1 22  ? -4.321  -7.081  0.913   1.00 11.69 ? 192 PRO A N   1 
ATOM   140  C  CA  . PRO A 1 22  ? -4.875  -7.915  1.980   1.00 12.63 ? 192 PRO A CA  1 
ATOM   141  C  C   . PRO A 1 22  ? -3.877  -8.291  3.083   1.00 13.00 ? 192 PRO A C   1 
ATOM   142  O  O   . PRO A 1 22  ? -4.311  -8.517  4.208   1.00 12.38 ? 192 PRO A O   1 
ATOM   143  C  CB  . PRO A 1 22  ? -5.403  -9.176  1.271   1.00 12.37 ? 192 PRO A CB  1 
ATOM   144  C  CG  . PRO A 1 22  ? -4.787  -9.146  -0.104  1.00 13.36 ? 192 PRO A CG  1 
ATOM   145  C  CD  . PRO A 1 22  ? -4.388  -7.724  -0.412  1.00 12.69 ? 192 PRO A CD  1 
ATOM   146  N  N   . GLU A 1 23  ? -2.584  -8.327  2.758   1.00 11.98 ? 193 GLU A N   1 
ATOM   147  C  CA  . GLU A 1 23  ? -1.538  -8.772  3.697   1.00 13.09 ? 193 GLU A CA  1 
ATOM   148  C  C   . GLU A 1 23  ? -1.173  -7.658  4.675   1.00 12.58 ? 193 GLU A C   1 
ATOM   149  O  O   . GLU A 1 23  ? -0.472  -7.980  5.678   1.00 13.83 ? 193 GLU A O   1 
ATOM   150  C  CB  . GLU A 1 23  ? -0.282  -9.235  2.969   1.00 13.32 ? 193 GLU A CB  1 
ATOM   151  C  CG  . GLU A 1 23  ? -0.562  -10.473 2.141   1.00 14.57 ? 193 GLU A CG  1 
ATOM   152  C  CD  . GLU A 1 23  ? 0.365   -10.592 0.963   1.00 15.17 ? 193 GLU A CD  1 
ATOM   153  O  OE1 . GLU A 1 23  ? 0.611   -9.580  0.332   1.00 14.43 ? 193 GLU A OE1 1 
ATOM   154  O  OE2 . GLU A 1 23  ? 0.907   -11.698 0.745   1.00 16.52 ? 193 GLU A OE2 1 
ATOM   155  N  N   . ILE A 1 24  ? -1.566  -6.418  4.390   1.00 12.04 ? 194 ILE A N   1 
ATOM   156  C  CA  . ILE A 1 24  ? -1.239  -5.258  5.273   1.00 11.23 ? 194 ILE A CA  1 
ATOM   157  C  C   . ILE A 1 24  ? -2.302  -5.194  6.353   1.00 10.63 ? 194 ILE A C   1 
ATOM   158  O  O   . ILE A 1 24  ? -3.279  -4.492  6.191   1.00 10.00 ? 194 ILE A O   1 
ATOM   159  C  CB  . ILE A 1 24  ? -1.011  -3.970  4.475   1.00 10.41 ? 194 ILE A CB  1 
ATOM   160  C  CG1 . ILE A 1 24  ? 0.083   -4.238  3.445   1.00 10.99 ? 194 ILE A CG1 1 
ATOM   161  C  CG2 . ILE A 1 24  ? -0.676  -2.799  5.403   1.00 10.14 ? 194 ILE A CG2 1 
ATOM   162  C  CD1 . ILE A 1 24  ? 0.447   -3.053  2.581   1.00 11.16 ? 194 ILE A CD1 1 
ATOM   163  N  N   . ASP A 1 25  ? -2.143  -6.061  7.359   1.00 10.90 ? 195 ASP A N   1 
ATOM   164  C  CA  . ASP A 1 25  ? -3.240  -6.542  8.244   1.00 11.81 ? 195 ASP A CA  1 
ATOM   165  C  C   . ASP A 1 25  ? -3.008  -6.036  9.669   1.00 10.93 ? 195 ASP A C   1 
ATOM   166  O  O   . ASP A 1 25  ? -2.081  -6.534  10.345  1.00 11.03 ? 195 ASP A O   1 
ATOM   167  C  CB  . ASP A 1 25  ? -3.259  -8.062  8.211   1.00 12.31 ? 195 ASP A CB  1 
ATOM   168  C  CG  . ASP A 1 25  ? -4.171  -8.734  9.209   1.00 13.55 ? 195 ASP A CG  1 
ATOM   169  O  OD1 . ASP A 1 25  ? -5.028  -8.034  9.879   1.00 12.83 ? 195 ASP A OD1 1 
ATOM   170  O  OD2 . ASP A 1 25  ? -4.033  -9.960  9.275   1.00 12.95 ? 195 ASP A OD2 1 
ATOM   171  N  N   . ARG A 1 26  ? -3.851  -5.125  10.139  1.00 10.74 ? 196 ARG A N   1 
ATOM   172  C  CA  . ARG A 1 26  ? -3.670  -4.475  11.445  1.00 11.15 ? 196 ARG A CA  1 
ATOM   173  C  C   . ARG A 1 26  ? -3.986  -5.480  12.550  1.00 12.16 ? 196 ARG A C   1 
ATOM   174  O  O   . ARG A 1 26  ? -3.781  -5.117  13.713  1.00 10.54 ? 196 ARG A O   1 
ATOM   175  C  CB  . ARG A 1 26  ? -4.526  -3.215  11.547  1.00 11.65 ? 196 ARG A CB  1 
ATOM   176  C  CG  . ARG A 1 26  ? -6.016  -3.473  11.485  1.00 11.84 ? 196 ARG A CG  1 
ATOM   177  C  CD  . ARG A 1 26  ? -6.873  -2.239  11.597  1.00 12.92 ? 196 ARG A CD  1 
ATOM   178  N  NE  . ARG A 1 26  ? -6.581  -1.410  12.758  1.00 13.23 ? 196 ARG A NE  1 
ATOM   179  C  CZ  . ARG A 1 26  ? -5.749  -0.382  12.784  1.00 13.63 ? 196 ARG A CZ  1 
ATOM   180  N  NH1 . ARG A 1 26  ? -5.587  0.291   13.912  1.00 15.75 ? 196 ARG A NH1 1 
ATOM   181  N  NH2 . ARG A 1 26  ? -5.090  0.007   11.706  1.00 14.06 ? 196 ARG A NH2 1 
ATOM   182  N  N   . TYR A 1 27  ? -4.544  -6.647  12.206  1.00 12.08 ? 197 TYR A N   1 
ATOM   183  C  CA  . TYR A 1 27  ? -4.899  -7.685  13.218  1.00 15.31 ? 197 TYR A CA  1 
ATOM   184  C  C   . TYR A 1 27  ? -3.965  -8.875  13.144  1.00 15.15 ? 197 TYR A C   1 
ATOM   185  O  O   . TYR A 1 27  ? -4.286  -9.911  13.811  1.00 16.75 ? 197 TYR A O   1 
ATOM   186  C  CB  . TYR A 1 27  ? -6.357  -8.102  13.083  1.00 16.03 ? 197 TYR A CB  1 
ATOM   187  C  CG  . TYR A 1 27  ? -7.285  -6.930  13.241  1.00 14.46 ? 197 TYR A CG  1 
ATOM   188  C  CD1 . TYR A 1 27  ? -7.406  -6.251  14.444  1.00 16.46 ? 197 TYR A CD1 1 
ATOM   189  C  CD2 . TYR A 1 27  ? -7.992  -6.442  12.161  1.00 14.60 ? 197 TYR A CD2 1 
ATOM   190  C  CE1 . TYR A 1 27  ? -8.236  -5.137  14.577  1.00 19.54 ? 197 TYR A CE1 1 
ATOM   191  C  CE2 . TYR A 1 27  ? -8.835  -5.358  12.283  1.00 16.55 ? 197 TYR A CE2 1 
ATOM   192  C  CZ  . TYR A 1 27  ? -8.985  -4.701  13.490  1.00 18.17 ? 197 TYR A CZ  1 
ATOM   193  O  OH  . TYR A 1 27  ? -9.812  -3.604  13.534  1.00 20.21 ? 197 TYR A OH  1 
ATOM   194  N  N   . SER A 1 28  ? -2.839  -8.748  12.438  1.00 14.10 ? 198 SER A N   1 
ATOM   195  C  CA  . SER A 1 28  ? -1.939  -9.881  12.142  1.00 15.11 ? 198 SER A CA  1 
ATOM   196  C  C   . SER A 1 28  ? -1.416  -10.486 13.456  1.00 15.11 ? 198 SER A C   1 
ATOM   197  O  O   . SER A 1 28  ? -1.116  -9.754  14.379  1.00 14.28 ? 198 SER A O   1 
ATOM   198  C  CB  . SER A 1 28  ? -0.824  -9.476  11.299  1.00 14.76 ? 198 SER A CB  1 
ATOM   199  O  OG  . SER A 1 28  ? -0.077  -10.605 10.910  1.00 16.29 ? 198 SER A OG  1 
ATOM   200  N  N   . ASP A 1 29  ? -1.230  -11.802 13.492  1.00 16.27 ? 199 ASP A N   1 
ATOM   201  C  CA  . ASP A 1 29  ? -0.435  -12.463 14.566  1.00 17.48 ? 199 ASP A CA  1 
ATOM   202  C  C   . ASP A 1 29  ? 1.063   -12.225 14.300  1.00 18.01 ? 199 ASP A C   1 
ATOM   203  O  O   . ASP A 1 29  ? 1.895   -12.419 15.257  1.00 20.06 ? 199 ASP A O   1 
ATOM   204  C  CB  . ASP A 1 29  ? -0.773  -13.950 14.670  1.00 19.05 ? 199 ASP A CB  1 
ATOM   205  C  CG  . ASP A 1 29  ? -2.117  -14.205 15.320  1.00 21.49 ? 199 ASP A CG  1 
ATOM   206  O  OD1 . ASP A 1 29  ? -2.619  -13.296 16.077  1.00 25.17 ? 199 ASP A OD1 1 
ATOM   207  O  OD2 . ASP A 1 29  ? -2.625  -15.317 15.152  1.00 25.83 ? 199 ASP A OD2 1 
ATOM   208  N  N   . ASN A 1 30  ? 1.408   -11.775 13.093  1.00 16.53 ? 200 ASN A N   1 
ATOM   209  C  CA  . ASN A 1 30  ? 2.795   -11.368 12.752  1.00 14.89 ? 200 ASN A CA  1 
ATOM   210  C  C   . ASN A 1 30  ? 3.013   -9.974  13.349  1.00 14.16 ? 200 ASN A C   1 
ATOM   211  O  O   . ASN A 1 30  ? 2.358   -9.026  12.919  1.00 13.92 ? 200 ASN A O   1 
ATOM   212  C  CB  . ASN A 1 30  ? 3.093   -11.400 11.250  1.00 15.01 ? 200 ASN A CB  1 
ATOM   213  C  CG  . ASN A 1 30  ? 4.536   -11.030 10.966  1.00 14.61 ? 200 ASN A CG  1 
ATOM   214  O  OD1 . ASN A 1 30  ? 4.982   -9.930  11.294  1.00 14.20 ? 200 ASN A OD1 1 
ATOM   215  N  ND2 . ASN A 1 30  ? 5.314   -11.970 10.472  1.00 16.50 ? 200 ASN A ND2 1 
ATOM   216  N  N   . LYS A 1 31  ? 3.829   -9.864  14.391  1.00 13.70 ? 201 LYS A N   1 
ATOM   217  C  CA  . LYS A 1 31  ? 3.940   -8.603  15.161  1.00 13.04 ? 201 LYS A CA  1 
ATOM   218  C  C   . LYS A 1 31  ? 4.550   -7.490  14.304  1.00 11.74 ? 201 LYS A C   1 
ATOM   219  O  O   . LYS A 1 31  ? 4.273   -6.353  14.571  1.00 10.53 ? 201 LYS A O   1 
ATOM   220  C  CB  . LYS A 1 31  ? 4.816   -8.809  16.397  1.00 16.45 ? 201 LYS A CB  1 
ATOM   221  C  CG  . LYS A 1 31  ? 4.229   -9.789  17.394  1.00 17.12 ? 201 LYS A CG  1 
ATOM   222  C  CD  . LYS A 1 31  ? 2.976   -9.287  18.027  1.00 20.17 ? 201 LYS A CD  1 
ATOM   223  C  CE  . LYS A 1 31  ? 2.679   -10.074 19.297  1.00 20.80 ? 201 LYS A CE  1 
ATOM   224  N  NZ  . LYS A 1 31  ? 1.453   -9.592  19.943  1.00 21.84 ? 201 LYS A NZ  1 
ATOM   225  N  N   . GLN A 1 32  ? 5.407   -7.823  13.332  1.00 11.39 ? 202 GLN A N   1 
ATOM   226  C  CA  . GLN A 1 32  ? 5.985   -6.803  12.420  1.00 12.32 ? 202 GLN A CA  1 
ATOM   227  C  C   . GLN A 1 32  ? 4.883   -6.241  11.516  1.00 11.10 ? 202 GLN A C   1 
ATOM   228  O  O   . GLN A 1 32  ? 4.717   -5.019  11.463  1.00 11.18 ? 202 GLN A O   1 
ATOM   229  C  CB  . GLN A 1 32  ? 7.129   -7.425  11.637  1.00 13.32 ? 202 GLN A CB  1 
ATOM   230  C  CG  . GLN A 1 32  ? 8.361   -7.694  12.459  1.00 15.48 ? 202 GLN A CG  1 
ATOM   231  C  CD  . GLN A 1 32  ? 9.389   -8.327  11.539  1.00 19.88 ? 202 GLN A CD  1 
ATOM   232  O  OE1 . GLN A 1 32  ? 9.781   -7.740  10.540  1.00 18.71 ? 202 GLN A OE1 1 
ATOM   233  N  NE2 . GLN A 1 32  ? 9.739   -9.573  11.823  1.00 25.40 ? 202 GLN A NE2 1 
ATOM   234  N  N   . ILE A 1 33  ? 4.037   -7.080  10.932  1.00 10.62 ? 203 ILE A N   1 
ATOM   235  C  CA  . ILE A 1 33  ? 2.914   -6.611  10.059  1.00 11.56 ? 203 ILE A CA  1 
ATOM   236  C  C   . ILE A 1 33  ? 1.922   -5.823  10.939  1.00 10.69 ? 203 ILE A C   1 
ATOM   237  O  O   . ILE A 1 33  ? 1.453   -4.759  10.508  1.00 10.60 ? 203 ILE A O   1 
ATOM   238  C  CB  . ILE A 1 33  ? 2.206   -7.803  9.392   1.00 12.16 ? 203 ILE A CB  1 
ATOM   239  C  CG1 . ILE A 1 33  ? 3.093   -8.448  8.340   1.00 13.19 ? 203 ILE A CG1 1 
ATOM   240  C  CG2 . ILE A 1 33  ? 0.852   -7.396  8.806   1.00 11.94 ? 203 ILE A CG2 1 
ATOM   241  C  CD1 . ILE A 1 33  ? 3.567   -7.518  7.244   1.00 15.84 ? 203 ILE A CD1 1 
ATOM   242  N  N   . LYS A 1 34  ? 1.607   -6.329  12.139  1.00 10.91 ? 204 LYS A N   1 
ATOM   243  C  CA  . LYS A 1 34  ? 0.624   -5.651  13.019  1.00 11.59 ? 204 LYS A CA  1 
ATOM   244  C  C   . LYS A 1 34  ? 1.156   -4.255  13.367  1.00 10.38 ? 204 LYS A C   1 
ATOM   245  O  O   . LYS A 1 34  ? 0.431   -3.290  13.212  1.00 9.72  ? 204 LYS A O   1 
ATOM   246  C  CB  . LYS A 1 34  ? 0.383   -6.468  14.288  1.00 13.06 ? 204 LYS A CB  1 
ATOM   247  C  CG  . LYS A 1 34  ? -0.630  -5.891  15.245  1.00 15.12 ? 204 LYS A CG  1 
ATOM   248  C  CD  . LYS A 1 34  ? -0.786  -6.818  16.415  1.00 16.12 ? 204 LYS A CD  1 
ATOM   249  C  CE  . LYS A 1 34  ? -1.677  -6.327  17.505  1.00 20.58 ? 204 LYS A CE  1 
ATOM   250  N  NZ  . LYS A 1 34  ? -1.953  -7.413  18.476  1.00 18.06 ? 204 LYS A NZ  1 
ATOM   251  N  N   . ALA A 1 35  ? 2.397   -4.142  13.824  1.00 10.95 ? 205 ALA A N   1 
ATOM   252  C  CA  . ALA A 1 35  ? 2.948   -2.870  14.326  1.00 11.57 ? 205 ALA A CA  1 
ATOM   253  C  C   . ALA A 1 35  ? 3.090   -1.913  13.132  1.00 10.72 ? 205 ALA A C   1 
ATOM   254  O  O   . ALA A 1 35  ? 2.806   -0.739  13.255  1.00 11.28 ? 205 ALA A O   1 
ATOM   255  C  CB  . ALA A 1 35  ? 4.281   -3.145  14.989  1.00 12.94 ? 205 ALA A CB  1 
ATOM   256  N  N   . LEU A 1 36  ? 3.578   -2.414  11.988  1.00 10.74 ? 206 LEU A N   1 
ATOM   257  C  CA  . LEU A 1 36  ? 3.749   -1.567  10.780  1.00 11.04 ? 206 LEU A CA  1 
ATOM   258  C  C   . LEU A 1 36  ? 2.392   -0.970  10.401  1.00 9.77  ? 206 LEU A C   1 
ATOM   259  O  O   . LEU A 1 36  ? 2.287   0.244   10.280  1.00 10.37 ? 206 LEU A O   1 
ATOM   260  C  CB  . LEU A 1 36  ? 4.338   -2.377  9.623   1.00 13.40 ? 206 LEU A CB  1 
ATOM   261  C  CG  . LEU A 1 36  ? 4.918   -1.464  8.545   1.00 18.19 ? 206 LEU A CG  1 
ATOM   262  C  CD1 . LEU A 1 36  ? 6.048   -2.138  7.812   1.00 22.23 ? 206 LEU A CD1 1 
ATOM   263  C  CD2 . LEU A 1 36  ? 3.850   -1.005  7.579   1.00 21.85 ? 206 LEU A CD2 1 
ATOM   264  N  N   . THR A 1 37  ? 1.366   -1.808  10.283  1.00 8.85  ? 207 THR A N   1 
ATOM   265  C  CA  . THR A 1 37  ? 0.031   -1.368  9.806   1.00 8.28  ? 207 THR A CA  1 
ATOM   266  C  C   . THR A 1 37  ? -0.601  -0.411  10.820  1.00 8.19  ? 207 THR A C   1 
ATOM   267  O  O   . THR A 1 37  ? -1.219  0.585   10.397  1.00 8.50  ? 207 THR A O   1 
ATOM   268  C  CB  . THR A 1 37  ? -0.872  -2.558  9.536   1.00 8.26  ? 207 THR A CB  1 
ATOM   269  O  OG1 . THR A 1 37  ? -0.136  -3.487  8.739   1.00 9.57  ? 207 THR A OG1 1 
ATOM   270  C  CG2 . THR A 1 37  ? -2.132  -2.124  8.823   1.00 9.13  ? 207 THR A CG2 1 
ATOM   271  N  N   . GLN A 1 38  ? -0.522  -0.735  12.115  1.00 9.05  ? 208 GLN A N   1 
ATOM   272  C  CA  . GLN A 1 38  ? -1.175  0.075   13.170  1.00 10.22 ? 208 GLN A CA  1 
ATOM   273  C  C   . GLN A 1 38  ? -0.531  1.473   13.237  1.00 10.51 ? 208 GLN A C   1 
ATOM   274  O  O   . GLN A 1 38  ? -1.214  2.448   13.665  1.00 11.58 ? 208 GLN A O   1 
ATOM   275  C  CB  . GLN A 1 38  ? -1.111  -0.625  14.524  1.00 11.44 ? 208 GLN A CB  1 
ATOM   276  C  CG  . GLN A 1 38  ? -2.061  -1.815  14.577  1.00 12.83 ? 208 GLN A CG  1 
ATOM   277  C  CD  . GLN A 1 38  ? -2.167  -2.420  15.958  1.00 16.44 ? 208 GLN A CD  1 
ATOM   278  O  OE1 . GLN A 1 38  ? -1.393  -2.083  16.844  1.00 19.96 ? 208 GLN A OE1 1 
ATOM   279  N  NE2 . GLN A 1 38  ? -3.062  -3.395  16.116  1.00 15.63 ? 208 GLN A NE2 1 
ATOM   280  N  N   . GLN A 1 39  ? 0.740   1.546   12.897  1.00 10.51 ? 209 GLN A N   1 
ATOM   281  C  CA  . GLN A 1 39  ? 1.587   2.730   13.125  1.00 10.75 ? 209 GLN A CA  1 
ATOM   282  C  C   . GLN A 1 39  ? 1.905   3.423   11.810  1.00 10.32 ? 209 GLN A C   1 
ATOM   283  O  O   . GLN A 1 39  ? 2.857   4.173   11.781  1.00 9.00  ? 209 GLN A O   1 
ATOM   284  C  CB  . GLN A 1 39  ? 2.846   2.347   13.897  1.00 11.65 ? 209 GLN A CB  1 
ATOM   285  C  CG  . GLN A 1 39  ? 2.511   1.768   15.271  1.00 13.31 ? 209 GLN A CG  1 
ATOM   286  C  CD  . GLN A 1 39  ? 3.696   1.124   15.948  1.00 18.14 ? 209 GLN A CD  1 
ATOM   287  O  OE1 . GLN A 1 39  ? 4.857   1.390   15.614  1.00 22.09 ? 209 GLN A OE1 1 
ATOM   288  N  NE2 . GLN A 1 39  ? 3.420   0.239   16.909  1.00 19.23 ? 209 GLN A NE2 1 
ATOM   289  N  N   . ILE A 1 40  ? 1.096   3.244   10.769  1.00 10.10 ? 210 ILE A N   1 
ATOM   290  C  CA  . ILE A 1 40  ? 1.277   4.014   9.510   1.00 9.56  ? 210 ILE A CA  1 
ATOM   291  C  C   . ILE A 1 40  ? 1.176   5.501   9.844   1.00 10.33 ? 210 ILE A C   1 
ATOM   292  O  O   . ILE A 1 40  ? 0.149   5.923   10.438  1.00 9.56  ? 210 ILE A O   1 
ATOM   293  C  CB  . ILE A 1 40  ? 0.261   3.583   8.423   1.00 10.40 ? 210 ILE A CB  1 
ATOM   294  C  CG1 . ILE A 1 40  ? 0.545   2.144   7.987   1.00 9.57  ? 210 ILE A CG1 1 
ATOM   295  C  CG2 . ILE A 1 40  ? 0.282   4.588   7.263   1.00 10.25 ? 210 ILE A CG2 1 
ATOM   296  C  CD1 . ILE A 1 40  ? -0.461  1.508   7.049   1.00 10.74 ? 210 ILE A CD1 1 
ATOM   297  N  N   . THR A 1 41  ? 2.132   6.287   9.351   1.00 10.49 ? 211 THR A N   1 
ATOM   298  C  CA  . THR A 1 41  ? 2.219   7.735   9.598   1.00 11.86 ? 211 THR A CA  1 
ATOM   299  C  C   . THR A 1 41  ? 1.940   8.509   8.311   1.00 11.85 ? 211 THR A C   1 
ATOM   300  O  O   . THR A 1 41  ? 1.647   9.699   8.383   1.00 12.43 ? 211 THR A O   1 
ATOM   301  C  CB  . THR A 1 41  ? 3.596   8.110   10.126  1.00 12.83 ? 211 THR A CB  1 
ATOM   302  O  OG1 . THR A 1 41  ? 4.583   7.533   9.257   1.00 13.36 ? 211 THR A OG1 1 
ATOM   303  C  CG2 . THR A 1 41  ? 3.742   7.641   11.557  1.00 15.15 ? 211 THR A CG2 1 
ATOM   304  N  N   . LYS A 1 42  ? 2.155   7.902   7.147   1.00 12.15 ? 212 LYS A N   1 
ATOM   305  C  CA  . LYS A 1 42  ? 2.033   8.641   5.877   1.00 11.59 ? 212 LYS A CA  1 
ATOM   306  C  C   . LYS A 1 42  ? 1.894   7.652   4.739   1.00 11.33 ? 212 LYS A C   1 
ATOM   307  O  O   . LYS A 1 42  ? 2.595   6.593   4.749   1.00 10.63 ? 212 LYS A O   1 
ATOM   308  C  CB  . LYS A 1 42  ? 3.265   9.502   5.619   1.00 13.00 ? 212 LYS A CB  1 
ATOM   309  C  CG  . LYS A 1 42  ? 3.138   10.491  4.481   1.00 15.08 ? 212 LYS A CG  1 
ATOM   310  C  CD  . LYS A 1 42  ? 4.394   11.327  4.341   1.00 17.67 ? 212 LYS A CD  1 
ATOM   311  C  CE  . LYS A 1 42  ? 4.216   12.490  3.405   1.00 22.58 ? 212 LYS A CE  1 
ATOM   312  N  NZ  . LYS A 1 42  ? 5.384   13.395  3.523   1.00 25.27 ? 212 LYS A NZ  1 
ATOM   313  N  N   . VAL A 1 43  ? 1.039   7.985   3.786   1.00 10.67 ? 213 VAL A N   1 
ATOM   314  C  CA  . VAL A 1 43  ? 0.950   7.199   2.525   1.00 11.26 ? 213 VAL A CA  1 
ATOM   315  C  C   . VAL A 1 43  ? 1.035   8.185   1.366   1.00 12.06 ? 213 VAL A C   1 
ATOM   316  O  O   . VAL A 1 43  ? 0.253   9.131   1.355   1.00 11.89 ? 213 VAL A O   1 
ATOM   317  C  CB  . VAL A 1 43  ? -0.343  6.387   2.459   1.00 11.62 ? 213 VAL A CB  1 
ATOM   318  C  CG1 . VAL A 1 43  ? -0.395  5.538   1.197   1.00 12.69 ? 213 VAL A CG1 1 
ATOM   319  C  CG2 . VAL A 1 43  ? -0.499  5.522   3.718   1.00 12.13 ? 213 VAL A CG2 1 
ATOM   320  N  N   . THR A 1 44  ? 1.922   7.918   0.410   1.00 11.72 ? 214 THR A N   1 
ATOM   321  C  CA  . THR A 1 44  ? 1.985   8.708   -0.836  1.00 11.97 ? 214 THR A CA  1 
ATOM   322  C  C   . THR A 1 44  ? 1.754   7.780   -2.026  1.00 11.50 ? 214 THR A C   1 
ATOM   323  O  O   . THR A 1 44  ? 2.296   6.656   -2.042  1.00 10.76 ? 214 THR A O   1 
ATOM   324  C  CB  . THR A 1 44  ? 3.251   9.572   -0.884  1.00 12.28 ? 214 THR A CB  1 
ATOM   325  O  OG1 . THR A 1 44  ? 4.339   8.673   -1.086  1.00 13.32 ? 214 THR A OG1 1 
ATOM   326  C  CG2 . THR A 1 44  ? 3.423   10.404  0.369   1.00 13.01 ? 214 THR A CG2 1 
ATOM   327  N  N   . VAL A 1 45  ? 1.102   8.331   -3.050  1.00 10.77 ? 215 VAL A N   1 
ATOM   328  C  CA  . VAL A 1 45  ? 0.938   7.663   -4.356  1.00 11.54 ? 215 VAL A CA  1 
ATOM   329  C  C   . VAL A 1 45  ? 1.433   8.642   -5.431  1.00 11.74 ? 215 VAL A C   1 
ATOM   330  O  O   . VAL A 1 45  ? 0.855   9.738   -5.582  1.00 11.46 ? 215 VAL A O   1 
ATOM   331  C  CB  . VAL A 1 45  ? -0.503  7.193   -4.589  1.00 11.60 ? 215 VAL A CB  1 
ATOM   332  C  CG1 . VAL A 1 45  ? -0.624  6.533   -5.940  1.00 12.13 ? 215 VAL A CG1 1 
ATOM   333  C  CG2 . VAL A 1 45  ? -0.945  6.256   -3.478  1.00 11.90 ? 215 VAL A CG2 1 
ATOM   334  N  N   . ASN A 1 46  ? 2.511   8.264   -6.114  1.00 11.45 ? 216 ASN A N   1 
ATOM   335  C  CA  . ASN A 1 46  ? 3.161   9.112   -7.142  1.00 12.35 ? 216 ASN A CA  1 
ATOM   336  C  C   . ASN A 1 46  ? 3.466   10.504  -6.566  1.00 12.73 ? 216 ASN A C   1 
ATOM   337  O  O   . ASN A 1 46  ? 3.258   11.516  -7.278  1.00 14.11 ? 216 ASN A O   1 
ATOM   338  C  CB  . ASN A 1 46  ? 2.228   9.123   -8.344  1.00 12.23 ? 216 ASN A CB  1 
ATOM   339  C  CG  . ASN A 1 46  ? 2.032   7.735   -8.925  1.00 12.34 ? 216 ASN A CG  1 
ATOM   340  O  OD1 . ASN A 1 46  ? 2.980   6.955   -8.994  1.00 11.44 ? 216 ASN A OD1 1 
ATOM   341  N  ND2 . ASN A 1 46  ? 0.822   7.438   -9.392  1.00 13.68 ? 216 ASN A ND2 1 
ATOM   342  N  N   . GLY A 1 47  ? 3.759   10.562  -5.274  1.00 12.90 ? 217 GLY A N   1 
ATOM   343  C  CA  . GLY A 1 47  ? 4.109   11.782  -4.546  1.00 14.29 ? 217 GLY A CA  1 
ATOM   344  C  C   . GLY A 1 47  ? 2.906   12.546  -4.042  1.00 14.19 ? 217 GLY A C   1 
ATOM   345  O  O   . GLY A 1 47  ? 3.114   13.488  -3.294  1.00 16.90 ? 217 GLY A O   1 
ATOM   346  N  N   . THR A 1 48  ? 1.683   12.157  -4.374  1.00 12.75 ? 218 THR A N   1 
ATOM   347  C  CA  . THR A 1 48  ? 0.470   12.776  -3.763  1.00 12.10 ? 218 THR A CA  1 
ATOM   348  C  C   . THR A 1 48  ? 0.279   12.234  -2.339  1.00 12.16 ? 218 THR A C   1 
ATOM   349  O  O   . THR A 1 48  ? 0.243   10.997  -2.161  1.00 11.92 ? 218 THR A O   1 
ATOM   350  C  CB  . THR A 1 48  ? -0.741  12.505  -4.657  1.00 12.11 ? 218 THR A CB  1 
ATOM   351  O  OG1 . THR A 1 48  ? -0.523  13.273  -5.842  1.00 12.71 ? 218 THR A OG1 1 
ATOM   352  C  CG2 . THR A 1 48  ? -2.066  12.895  -4.055  1.00 12.69 ? 218 THR A CG2 1 
ATOM   353  N  N   . VAL A 1 49  ? 0.121   13.107  -1.358  1.00 11.70 ? 219 VAL A N   1 
ATOM   354  C  CA  . VAL A 1 49  ? -0.124  12.660  0.036   1.00 12.75 ? 219 VAL A CA  1 
ATOM   355  C  C   . VAL A 1 49  ? -1.580  12.211  0.163   1.00 12.69 ? 219 VAL A C   1 
ATOM   356  O  O   . VAL A 1 49  ? -2.503  12.988  -0.200  1.00 14.81 ? 219 VAL A O   1 
ATOM   357  C  CB  . VAL A 1 49  ? 0.260   13.758  1.042   1.00 13.54 ? 219 VAL A CB  1 
ATOM   358  C  CG1 . VAL A 1 49  ? -0.083  13.338  2.481   1.00 14.17 ? 219 VAL A CG1 1 
ATOM   359  C  CG2 . VAL A 1 49  ? 1.718   14.113  0.875   1.00 15.38 ? 219 VAL A CG2 1 
ATOM   360  N  N   . TYR A 1 50  ? -1.783  11.003  0.667   1.00 11.74 ? 220 TYR A N   1 
ATOM   361  C  CA  . TYR A 1 50  ? -3.109  10.412  0.900   1.00 12.14 ? 220 TYR A CA  1 
ATOM   362  C  C   . TYR A 1 50  ? -3.518  10.717  2.342   1.00 12.85 ? 220 TYR A C   1 
ATOM   363  O  O   . TYR A 1 50  ? -2.648  10.923  3.199   1.00 15.07 ? 220 TYR A O   1 
ATOM   364  C  CB  . TYR A 1 50  ? -3.123  8.923   0.573   1.00 11.62 ? 220 TYR A CB  1 
ATOM   365  C  CG  . TYR A 1 50  ? -3.376  8.579   -0.865  1.00 10.55 ? 220 TYR A CG  1 
ATOM   366  C  CD1 . TYR A 1 50  ? -3.001  9.412   -1.911  1.00 11.24 ? 220 TYR A CD1 1 
ATOM   367  C  CD2 . TYR A 1 50  ? -4.028  7.411   -1.186  1.00 10.65 ? 220 TYR A CD2 1 
ATOM   368  C  CE1 . TYR A 1 50  ? -3.273  9.095   -3.227  1.00 10.69 ? 220 TYR A CE1 1 
ATOM   369  C  CE2 . TYR A 1 50  ? -4.317  7.081   -2.490  1.00 10.72 ? 220 TYR A CE2 1 
ATOM   370  C  CZ  . TYR A 1 50  ? -3.930  7.921   -3.521  1.00 10.60 ? 220 TYR A CZ  1 
ATOM   371  O  OH  . TYR A 1 50  ? -4.259  7.561   -4.778  1.00 9.60  ? 220 TYR A OH  1 
ATOM   372  N  N   . LYS A 1 51  ? -4.827  10.742  2.560   1.00 13.42 ? 221 LYS A N   1 
ATOM   373  C  CA  . LYS A 1 51  ? -5.499  11.022  3.843   1.00 13.95 ? 221 LYS A CA  1 
ATOM   374  C  C   . LYS A 1 51  ? -6.033  9.709   4.396   1.00 12.41 ? 221 LYS A C   1 
ATOM   375  O  O   . LYS A 1 51  ? -6.610  8.935   3.628   1.00 11.75 ? 221 LYS A O   1 
ATOM   376  C  CB  . LYS A 1 51  ? -6.658  11.998  3.587   1.00 15.21 ? 221 LYS A CB  1 
ATOM   377  C  CG  . LYS A 1 51  ? -7.428  12.389  4.824   1.00 20.10 ? 221 LYS A CG  1 
ATOM   378  C  CD  . LYS A 1 51  ? -8.531  13.328  4.508   1.00 23.55 ? 221 LYS A CD  1 
ATOM   379  C  CE  . LYS A 1 51  ? -9.249  13.762  5.761   1.00 29.38 ? 221 LYS A CE  1 
ATOM   380  N  NZ  . LYS A 1 51  ? -10.486 14.481  5.392   1.00 33.66 ? 221 LYS A NZ  1 
ATOM   381  N  N   . ASP A 1 52  ? -5.872  9.484   5.684   1.00 11.96 ? 222 ASP A N   1 
ATOM   382  C  CA  . ASP A 1 52  ? -6.533  8.353   6.382   1.00 11.09 ? 222 ASP A CA  1 
ATOM   383  C  C   . ASP A 1 52  ? -8.035  8.604   6.421   1.00 10.78 ? 222 ASP A C   1 
ATOM   384  O  O   . ASP A 1 52  ? -8.450  9.525   7.140   1.00 10.31 ? 222 ASP A O   1 
ATOM   385  C  CB  . ASP A 1 52  ? -5.955  8.160   7.781   1.00 11.28 ? 222 ASP A CB  1 
ATOM   386  C  CG  . ASP A 1 52  ? -6.496  6.942   8.482   1.00 11.55 ? 222 ASP A CG  1 
ATOM   387  O  OD1 . ASP A 1 52  ? -7.384  6.248   7.937   1.00 11.50 ? 222 ASP A OD1 1 
ATOM   388  O  OD2 . ASP A 1 52  ? -5.954  6.623   9.562   1.00 12.78 ? 222 ASP A OD2 1 
ATOM   389  N  N   . LEU A 1 53  ? -8.814  7.837   5.651   1.00 10.54 ? 223 LEU A N   1 
ATOM   390  C  CA  . LEU A 1 53  ? -10.299 8.020   5.620   1.00 12.03 ? 223 LEU A CA  1 
ATOM   391  C  C   . LEU A 1 53  ? -10.983 7.207   6.732   1.00 11.34 ? 223 LEU A C   1 
ATOM   392  O  O   . LEU A 1 53  ? -12.228 7.266   6.817   1.00 12.29 ? 223 LEU A O   1 
ATOM   393  C  CB  . LEU A 1 53  ? -10.844 7.636   4.240   1.00 12.69 ? 223 LEU A CB  1 
ATOM   394  C  CG  . LEU A 1 53  ? -10.372 8.530   3.092   1.00 14.42 ? 223 LEU A CG  1 
ATOM   395  C  CD1 . LEU A 1 53  ? -11.171 8.258   1.817   1.00 15.60 ? 223 LEU A CD1 1 
ATOM   396  C  CD2 . LEU A 1 53  ? -10.477 9.973   3.480   1.00 14.77 ? 223 LEU A CD2 1 
ATOM   397  N  N   . ILE A 1 54  ? -10.203 6.535   7.579   1.00 11.33 ? 224 ILE A N   1 
ATOM   398  C  CA  . ILE A 1 54  ? -10.639 5.833   8.822   1.00 12.69 ? 224 ILE A CA  1 
ATOM   399  C  C   . ILE A 1 54  ? -11.448 4.590   8.469   1.00 12.90 ? 224 ILE A C   1 
ATOM   400  O  O   . ILE A 1 54  ? -10.927 3.505   8.690   1.00 14.87 ? 224 ILE A O   1 
ATOM   401  C  CB  . ILE A 1 54  ? -11.411 6.747   9.805   1.00 12.88 ? 224 ILE A CB  1 
ATOM   402  C  CG1 . ILE A 1 54  ? -10.665 8.073   10.027  1.00 14.75 ? 224 ILE A CG1 1 
ATOM   403  C  CG2 . ILE A 1 54  ? -11.689 5.997   11.114  1.00 14.64 ? 224 ILE A CG2 1 
ATOM   404  C  CD1 . ILE A 1 54  ? -9.397  7.947   10.791  1.00 14.83 ? 224 ILE A CD1 1 
ATOM   405  N  N   . SER A 1 55  ? -12.708 4.729   8.034   1.00 13.60 ? 225 SER A N   1 
ATOM   406  C  CA  . SER A 1 55  ? -13.542 3.565   7.640   1.00 14.92 ? 225 SER A CA  1 
ATOM   407  C  C   . SER A 1 55  ? -14.422 3.876   6.411   1.00 16.17 ? 225 SER A C   1 
ATOM   408  O  O   . SER A 1 55  ? -15.282 2.997   6.048   1.00 17.41 ? 225 SER A O   1 
ATOM   409  C  CB  . SER A 1 55  ? -14.406 3.145   8.820   1.00 17.25 ? 225 SER A CB  1 
ATOM   410  O  OG  . SER A 1 55  ? -15.380 4.159   8.973   1.00 19.15 ? 225 SER A OG  1 
ATOM   411  N  N   . ASP A 1 56  ? -14.238 5.026   5.760   1.00 14.33 ? 226 ASP A N   1 
ATOM   412  C  CA  . ASP A 1 56  ? -15.010 5.435   4.553   1.00 15.67 ? 226 ASP A CA  1 
ATOM   413  C  C   . ASP A 1 56  ? -14.549 4.593   3.353   1.00 15.60 ? 226 ASP A C   1 
ATOM   414  O  O   . ASP A 1 56  ? -13.360 4.100   3.327   1.00 16.19 ? 226 ASP A O   1 
ATOM   415  C  CB  . ASP A 1 56  ? -14.833 6.929   4.230   1.00 16.76 ? 226 ASP A CB  1 
ATOM   416  C  CG  . ASP A 1 56  ? -15.549 7.894   5.178   1.00 20.38 ? 226 ASP A CG  1 
ATOM   417  O  OD1 . ASP A 1 56  ? -16.407 7.452   5.965   1.00 22.34 ? 226 ASP A OD1 1 
ATOM   418  O  OD2 . ASP A 1 56  ? -15.242 9.078   5.112   1.00 24.97 ? 226 ASP A OD2 1 
ATOM   419  N  N   . SER A 1 57  ? -15.427 4.419   2.371   1.00 12.85 ? 227 SER A N   1 
ATOM   420  C  CA  . SER A 1 57  ? -14.996 4.002   1.014   1.00 12.50 ? 227 SER A CA  1 
ATOM   421  C  C   . SER A 1 57  ? -13.871 4.903   0.540   1.00 11.49 ? 227 SER A C   1 
ATOM   422  O  O   . SER A 1 57  ? -14.033 6.108   0.530   1.00 12.38 ? 227 SER A O   1 
ATOM   423  C  CB  . SER A 1 57  ? -16.117 4.074   0.005   1.00 12.41 ? 227 SER A CB  1 
ATOM   424  O  OG  . SER A 1 57  ? -15.660 3.598   -1.235  1.00 11.69 ? 227 SER A OG  1 
ATOM   425  N  N   . VAL A 1 58  ? -12.810 4.308   -0.008  1.00 11.75 ? 228 VAL A N   1 
ATOM   426  C  CA  . VAL A 1 58  ? -11.697 5.080   -0.609  1.00 10.89 ? 228 VAL A CA  1 
ATOM   427  C  C   . VAL A 1 58  ? -11.915 5.183   -2.119  1.00 11.17 ? 228 VAL A C   1 
ATOM   428  O  O   . VAL A 1 58  ? -11.042 5.772   -2.736  1.00 10.78 ? 228 VAL A O   1 
ATOM   429  C  CB  . VAL A 1 58  ? -10.312 4.492   -0.280  1.00 11.87 ? 228 VAL A CB  1 
ATOM   430  C  CG1 . VAL A 1 58  ? -10.103 4.426   1.214   1.00 13.21 ? 228 VAL A CG1 1 
ATOM   431  C  CG2 . VAL A 1 58  ? -10.059 3.149   -0.933  1.00 11.11 ? 228 VAL A CG2 1 
ATOM   432  N  N   . LYS A 1 59  ? -13.038 4.675   -2.670  1.00 12.38 ? 229 LYS A N   1 
ATOM   433  C  CA  . LYS A 1 59  ? -13.303 4.751   -4.140  1.00 12.87 ? 229 LYS A CA  1 
ATOM   434  C  C   . LYS A 1 59  ? -12.984 6.150   -4.643  1.00 11.82 ? 229 LYS A C   1 
ATOM   435  O  O   . LYS A 1 59  ? -13.543 7.115   -4.144  1.00 12.51 ? 229 LYS A O   1 
ATOM   436  C  CB  . LYS A 1 59  ? -14.748 4.393   -4.489  1.00 13.07 ? 229 LYS A CB  1 
ATOM   437  C  CG  . LYS A 1 59  ? -15.189 4.729   -5.903  1.00 12.82 ? 229 LYS A CG  1 
ATOM   438  C  CD  . LYS A 1 59  ? -16.624 4.264   -6.144  1.00 13.34 ? 229 LYS A CD  1 
ATOM   439  C  CE  . LYS A 1 59  ? -17.243 4.802   -7.417  1.00 14.42 ? 229 LYS A CE  1 
ATOM   440  N  NZ  . LYS A 1 59  ? -16.345 4.668   -8.581  1.00 14.85 ? 229 LYS A NZ  1 
ATOM   441  N  N   . ASP A 1 60  ? -12.068 6.248   -5.599  1.00 11.61 ? 230 ASP A N   1 
ATOM   442  C  CA  . ASP A 1 60  ? -11.795 7.467   -6.396  1.00 11.70 ? 230 ASP A CA  1 
ATOM   443  C  C   . ASP A 1 60  ? -11.282 8.587   -5.503  1.00 12.74 ? 230 ASP A C   1 
ATOM   444  O  O   . ASP A 1 60  ? -11.536 9.741   -5.855  1.00 14.15 ? 230 ASP A O   1 
ATOM   445  C  CB  . ASP A 1 60  ? -13.028 7.956   -7.161  1.00 12.79 ? 230 ASP A CB  1 
ATOM   446  C  CG  . ASP A 1 60  ? -13.529 6.962   -8.175  1.00 15.49 ? 230 ASP A CG  1 
ATOM   447  O  OD1 . ASP A 1 60  ? -12.676 6.156   -8.648  1.00 14.67 ? 230 ASP A OD1 1 
ATOM   448  O  OD2 . ASP A 1 60  ? -14.750 7.031   -8.533  1.00 16.96 ? 230 ASP A OD2 1 
ATOM   449  N  N   . THR A 1 61  ? -10.562 8.273   -4.410  1.00 11.89 ? 231 THR A N   1 
ATOM   450  C  CA  . THR A 1 61  ? -9.998  9.289   -3.485  1.00 11.83 ? 231 THR A CA  1 
ATOM   451  C  C   . THR A 1 61  ? -8.476  9.250   -3.492  1.00 11.16 ? 231 THR A C   1 
ATOM   452  O  O   . THR A 1 61  ? -7.884  8.261   -3.970  1.00 11.62 ? 231 THR A O   1 
ATOM   453  C  CB  . THR A 1 61  ? -10.441 9.028   -2.045  1.00 11.82 ? 231 THR A CB  1 
ATOM   454  O  OG1 . THR A 1 61  ? -9.822  7.834   -1.531  1.00 12.34 ? 231 THR A OG1 1 
ATOM   455  C  CG2 . THR A 1 61  ? -11.948 8.987   -1.952  1.00 12.44 ? 231 THR A CG2 1 
ATOM   456  N  N   . ASN A 1 62  ? -7.875  10.307  -2.949  1.00 11.03 ? 232 ASN A N   1 
ATOM   457  C  CA  . ASN A 1 62  ? -6.487  10.290  -2.444  1.00 11.46 ? 232 ASN A CA  1 
ATOM   458  C  C   . ASN A 1 62  ? -6.544  9.846   -0.975  1.00 12.48 ? 232 ASN A C   1 
ATOM   459  O  O   . ASN A 1 62  ? -6.165  10.623  -0.080  1.00 12.35 ? 232 ASN A O   1 
ATOM   460  C  CB  . ASN A 1 62  ? -5.843  11.667  -2.546  1.00 12.29 ? 232 ASN A CB  1 
ATOM   461  C  CG  . ASN A 1 62  ? -5.648  12.093  -3.991  1.00 14.34 ? 232 ASN A CG  1 
ATOM   462  O  OD1 . ASN A 1 62  ? -5.359  11.280  -4.868  1.00 14.07 ? 232 ASN A OD1 1 
ATOM   463  N  ND2 . ASN A 1 62  ? -5.782  13.376  -4.228  1.00 15.78 ? 232 ASN A ND2 1 
ATOM   464  N  N   . GLY A 1 63  ? -7.074  8.665   -0.736  1.00 10.95 ? 233 GLY A N   1 
ATOM   465  C  CA  . GLY A 1 63  ? -7.466  8.220   0.612   1.00 10.70 ? 233 GLY A CA  1 
ATOM   466  C  C   . GLY A 1 63  ? -7.025  6.810   0.881   1.00 10.07 ? 233 GLY A C   1 
ATOM   467  O  O   . GLY A 1 63  ? -6.907  5.992   -0.088  1.00 9.45  ? 233 GLY A O   1 
ATOM   468  N  N   . TRP A 1 64  ? -6.727  6.505   2.136   1.00 10.20 ? 234 TRP A N   1 
ATOM   469  C  CA  . TRP A 1 64  ? -6.391  5.126   2.540   1.00 10.31 ? 234 TRP A CA  1 
ATOM   470  C  C   . TRP A 1 64  ? -7.216  4.723   3.743   1.00 9.81  ? 234 TRP A C   1 
ATOM   471  O  O   . TRP A 1 64  ? -7.630  5.606   4.523   1.00 9.74  ? 234 TRP A O   1 
ATOM   472  C  CB  . TRP A 1 64  ? -4.878  4.944   2.815   1.00 9.68  ? 234 TRP A CB  1 
ATOM   473  C  CG  . TRP A 1 64  ? -4.296  5.723   3.956   1.00 9.60  ? 234 TRP A CG  1 
ATOM   474  C  CD1 . TRP A 1 64  ? -3.706  6.955   3.886   1.00 9.83  ? 234 TRP A CD1 1 
ATOM   475  C  CD2 . TRP A 1 64  ? -4.029  5.235   5.282   1.00 9.83  ? 234 TRP A CD2 1 
ATOM   476  N  NE1 . TRP A 1 64  ? -3.200  7.322   5.096   1.00 10.02 ? 234 TRP A NE1 1 
ATOM   477  C  CE2 . TRP A 1 64  ? -3.418  6.292   5.989   1.00 9.65  ? 234 TRP A CE2 1 
ATOM   478  C  CE3 . TRP A 1 64  ? -4.370  4.060   5.973   1.00 10.07 ? 234 TRP A CE3 1 
ATOM   479  C  CZ2 . TRP A 1 64  ? -3.060  6.172   7.331   1.00 9.87  ? 234 TRP A CZ2 1 
ATOM   480  C  CZ3 . TRP A 1 64  ? -3.969  3.925   7.287   1.00 9.49  ? 234 TRP A CZ3 1 
ATOM   481  C  CH2 . TRP A 1 64  ? -3.353  4.972   7.961   1.00 9.71  ? 234 TRP A CH2 1 
ATOM   482  N  N   . VAL A 1 65  ? -7.447  3.428   3.861   1.00 9.42  ? 235 VAL A N   1 
ATOM   483  C  CA  . VAL A 1 65  ? -8.105  2.824   5.060   1.00 9.37  ? 235 VAL A CA  1 
ATOM   484  C  C   . VAL A 1 65  ? -7.363  1.523   5.395   1.00 9.76  ? 235 VAL A C   1 
ATOM   485  O  O   . VAL A 1 65  ? -7.171  0.668   4.477   1.00 9.75  ? 235 VAL A O   1 
ATOM   486  C  CB  . VAL A 1 65  ? -9.611  2.565   4.852   1.00 9.66  ? 235 VAL A CB  1 
ATOM   487  C  CG1 . VAL A 1 65  ? -10.171 1.614   5.912   1.00 9.53  ? 235 VAL A CG1 1 
ATOM   488  C  CG2 . VAL A 1 65  ? -10.455 3.828   4.788   1.00 9.56  ? 235 VAL A CG2 1 
ATOM   489  N  N   . SER A 1 66  ? -7.034  1.336   6.677   1.00 10.60 ? 236 SER A N   1 
ATOM   490  C  CA  . SER A 1 66  ? -6.561  0.058   7.256   1.00 10.37 ? 236 SER A CA  1 
ATOM   491  C  C   . SER A 1 66  ? -7.708  -0.541  8.051   1.00 10.83 ? 236 SER A C   1 
ATOM   492  O  O   . SER A 1 66  ? -8.182  0.090   9.037   1.00 9.78  ? 236 SER A O   1 
ATOM   493  C  CB  . SER A 1 66  ? -5.331  0.265   8.111   1.00 10.59 ? 236 SER A CB  1 
ATOM   494  O  OG  . SER A 1 66  ? -5.112  -0.811  9.016   1.00 10.02 ? 236 SER A OG  1 
ATOM   495  N  N   . ASN A 1 67  ? -8.129  -1.738  7.688   1.00 9.90  ? 237 ASN A N   1 
ATOM   496  C  CA  . ASN A 1 67  ? -9.215  -2.437  8.410   1.00 11.57 ? 237 ASN A CA  1 
ATOM   497  C  C   . ASN A 1 67  ? -8.908  -3.944  8.320   1.00 12.64 ? 237 ASN A C   1 
ATOM   498  O  O   . ASN A 1 67  ? -7.770  -4.324  7.963   1.00 10.58 ? 237 ASN A O   1 
ATOM   499  C  CB  . ASN A 1 67  ? -10.586 -1.957  7.883   1.00 12.65 ? 237 ASN A CB  1 
ATOM   500  C  CG  . ASN A 1 67  ? -10.863 -2.409  6.467   1.00 12.46 ? 237 ASN A CG  1 
ATOM   501  O  OD1 . ASN A 1 67  ? -10.136 -3.232  5.907   1.00 12.43 ? 237 ASN A OD1 1 
ATOM   502  N  ND2 . ASN A 1 67  ? -11.938 -1.885  5.898   1.00 13.97 ? 237 ASN A ND2 1 
ATOM   503  N  N   . MET A 1 68  ? -9.907  -4.776  8.629   1.00 14.16 ? 238 MET A N   1 
ATOM   504  C  CA  A MET A 1 68  ? -9.655  -6.236  8.771   0.50 13.89 ? 238 MET A CA  1 
ATOM   505  C  CA  B MET A 1 68  ? -9.835  -6.242  8.736   0.50 14.68 ? 238 MET A CA  1 
ATOM   506  C  C   . MET A 1 68  ? -9.428  -6.879  7.396   1.00 13.42 ? 238 MET A C   1 
ATOM   507  O  O   . MET A 1 68  ? -8.753  -7.884  7.404   1.00 15.20 ? 238 MET A O   1 
ATOM   508  C  CB  A MET A 1 68  ? -10.706 -7.023  9.592   0.50 16.14 ? 238 MET A CB  1 
ATOM   509  C  CB  B MET A 1 68  ? -11.234 -6.700  9.191   0.50 17.70 ? 238 MET A CB  1 
ATOM   510  C  CG  A MET A 1 68  ? -12.150 -6.956  9.139   0.50 17.78 ? 238 MET A CG  1 
ATOM   511  C  CG  B MET A 1 68  ? -12.416 -5.909  8.545   0.50 20.46 ? 238 MET A CG  1 
ATOM   512  S  SD  A MET A 1 68  ? -12.905 -8.633  9.186   0.50 22.43 ? 238 MET A SD  1 
ATOM   513  S  SD  B MET A 1 68  ? -12.835 -4.115  8.960   0.50 26.45 ? 238 MET A SD  1 
ATOM   514  C  CE  A MET A 1 68  ? -11.974 -9.201  7.772   0.50 17.50 ? 238 MET A CE  1 
ATOM   515  C  CE  B MET A 1 68  ? -12.311 -3.898  10.658  0.50 21.12 ? 238 MET A CE  1 
ATOM   516  N  N   . THR A 1 69  ? -9.827  -6.295  6.258   1.00 12.17 ? 239 THR A N   1 
ATOM   517  C  CA  . THR A 1 69  ? -9.494  -6.853  4.918   1.00 11.85 ? 239 THR A CA  1 
ATOM   518  C  C   . THR A 1 69  ? -8.150  -6.350  4.371   1.00 10.73 ? 239 THR A C   1 
ATOM   519  O  O   . THR A 1 69  ? -7.700  -6.916  3.414   1.00 11.35 ? 239 THR A O   1 
ATOM   520  C  CB  . THR A 1 69  ? -10.635 -6.669  3.910   1.00 12.45 ? 239 THR A CB  1 
ATOM   521  O  OG1 . THR A 1 69  ? -10.941 -5.282  3.779   1.00 12.46 ? 239 THR A OG1 1 
ATOM   522  C  CG2 . THR A 1 69  ? -11.855 -7.460  4.342   1.00 13.91 ? 239 THR A CG2 1 
ATOM   523  N  N   . GLY A 1 70  ? -7.508  -5.369  4.997   1.00 10.20 ? 240 GLY A N   1 
ATOM   524  C  CA  . GLY A 1 70  ? -6.143  -4.947  4.622   1.00 10.30 ? 240 GLY A CA  1 
ATOM   525  C  C   . GLY A 1 70  ? -6.028  -3.458  4.477   1.00 9.28  ? 240 GLY A C   1 
ATOM   526  O  O   . GLY A 1 70  ? -6.803  -2.699  5.109   1.00 9.99  ? 240 GLY A O   1 
ATOM   527  N  N   . LEU A 1 71  ? -5.120  -3.032  3.604   1.00 9.96  ? 241 LEU A N   1 
ATOM   528  C  CA  . LEU A 1 71  ? -4.880  -1.603  3.324   1.00 9.30  ? 241 LEU A CA  1 
ATOM   529  C  C   . LEU A 1 71  ? -5.549  -1.267  1.996   1.00 9.79  ? 241 LEU A C   1 
ATOM   530  O  O   . LEU A 1 71  ? -5.116  -1.835  0.951   1.00 8.89  ? 241 LEU A O   1 
ATOM   531  C  CB  . LEU A 1 71  ? -3.390  -1.309  3.250   1.00 9.65  ? 241 LEU A CB  1 
ATOM   532  C  CG  . LEU A 1 71  ? -3.054  0.165   3.045   1.00 10.44 ? 241 LEU A CG  1 
ATOM   533  C  CD1 . LEU A 1 71  ? -3.485  1.025   4.231   1.00 12.00 ? 241 LEU A CD1 1 
ATOM   534  C  CD2 . LEU A 1 71  ? -1.582  0.337   2.783   1.00 11.65 ? 241 LEU A CD2 1 
ATOM   535  N  N   . HIS A 1 72  ? -6.571  -0.416  2.060   1.00 9.14  ? 242 HIS A N   1 
ATOM   536  C  CA  . HIS A 1 72  ? -7.347  0.061   0.897   1.00 10.04 ? 242 HIS A CA  1 
ATOM   537  C  C   . HIS A 1 72  ? -6.784  1.409   0.456   1.00 10.54 ? 242 HIS A C   1 
ATOM   538  O  O   . HIS A 1 72  ? -6.588  2.304   1.320   1.00 10.13 ? 242 HIS A O   1 
ATOM   539  C  CB  . HIS A 1 72  ? -8.826  0.153   1.216   1.00 10.34 ? 242 HIS A CB  1 
ATOM   540  C  CG  . HIS A 1 72  ? -9.448  -1.062  1.814   1.00 10.02 ? 242 HIS A CG  1 
ATOM   541  N  ND1 . HIS A 1 72  ? -10.264 -1.907  1.063   1.00 10.09 ? 242 HIS A ND1 1 
ATOM   542  C  CD2 . HIS A 1 72  ? -9.388  -1.605  3.065   1.00 9.89  ? 242 HIS A CD2 1 
ATOM   543  C  CE1 . HIS A 1 72  ? -10.739 -2.872  1.833   1.00 10.81 ? 242 HIS A CE1 1 
ATOM   544  N  NE2 . HIS A 1 72  ? -10.181 -2.743  3.057   1.00 10.37 ? 242 HIS A NE2 1 
ATOM   545  N  N   . LEU A 1 73  ? -6.546  1.577   -0.833  1.00 10.20 ? 243 LEU A N   1 
ATOM   546  C  CA  . LEU A 1 73  ? -5.983  2.821   -1.384  1.00 11.15 ? 243 LEU A CA  1 
ATOM   547  C  C   . LEU A 1 73  ? -6.894  3.293   -2.521  1.00 10.89 ? 243 LEU A C   1 
ATOM   548  O  O   . LEU A 1 73  ? -7.168  2.479   -3.384  1.00 10.66 ? 243 LEU A O   1 
ATOM   549  C  CB  . LEU A 1 73  ? -4.592  2.452   -1.906  1.00 14.35 ? 243 LEU A CB  1 
ATOM   550  C  CG  . LEU A 1 73  ? -3.420  3.329   -1.529  1.00 21.98 ? 243 LEU A CG  1 
ATOM   551  C  CD1 . LEU A 1 73  ? -3.315  3.474   -0.011  1.00 23.86 ? 243 LEU A CD1 1 
ATOM   552  C  CD2 . LEU A 1 73  ? -2.132  2.736   -2.137  1.00 22.04 ? 243 LEU A CD2 1 
ATOM   553  N  N   . GLY A 1 74  ? -7.370  4.529   -2.496  1.00 10.00 ? 244 GLY A N   1 
ATOM   554  C  CA  . GLY A 1 74  ? -8.061  5.121   -3.661  1.00 10.30 ? 244 GLY A CA  1 
ATOM   555  C  C   . GLY A 1 74  ? -7.112  5.221   -4.852  1.00 11.41 ? 244 GLY A C   1 
ATOM   556  O  O   . GLY A 1 74  ? -5.899  5.417   -4.646  1.00 10.87 ? 244 GLY A O   1 
ATOM   557  N  N   . THR A 1 75  ? -7.659  5.220   -6.064  1.00 11.06 ? 245 THR A N   1 
ATOM   558  C  CA  . THR A 1 75  ? -6.832  5.255   -7.285  1.00 11.83 ? 245 THR A CA  1 
ATOM   559  C  C   . THR A 1 75  ? -6.871  6.656   -7.873  1.00 13.40 ? 245 THR A C   1 
ATOM   560  O  O   . THR A 1 75  ? -6.394  6.806   -9.026  1.00 11.30 ? 245 THR A O   1 
ATOM   561  C  CB  . THR A 1 75  ? -7.176  4.103   -8.239  1.00 11.47 ? 245 THR A CB  1 
ATOM   562  O  OG1 . THR A 1 75  ? -8.571  4.219   -8.550  1.00 11.31 ? 245 THR A OG1 1 
ATOM   563  C  CG2 . THR A 1 75  ? -6.820  2.759   -7.631  1.00 11.94 ? 245 THR A CG2 1 
ATOM   564  N  N   . LYS A 1 76  ? -7.303  7.674   -7.107  1.00 13.37 ? 246 LYS A N   1 
ATOM   565  C  CA  . LYS A 1 76  ? -7.355  9.041   -7.687  1.00 13.49 ? 246 LYS A CA  1 
ATOM   566  C  C   . LYS A 1 76  ? -6.002  9.479   -8.265  1.00 13.19 ? 246 LYS A C   1 
ATOM   567  O  O   . LYS A 1 76  ? -6.025  10.053  -9.368  1.00 12.48 ? 246 LYS A O   1 
ATOM   568  C  CB  . LYS A 1 76  ? -7.868  10.069  -6.689  1.00 14.85 ? 246 LYS A CB  1 
ATOM   569  C  CG  . LYS A 1 76  ? -8.176  11.407  -7.326  1.00 16.75 ? 246 LYS A CG  1 
ATOM   570  C  CD  . LYS A 1 76  ? -8.757  12.380  -6.350  1.00 18.91 ? 246 LYS A CD  1 
ATOM   571  C  CE  . LYS A 1 76  ? -8.950  13.784  -6.876  1.00 22.54 ? 246 LYS A CE  1 
ATOM   572  N  NZ  . LYS A 1 76  ? -9.822  13.768  -8.061  1.00 27.84 ? 246 LYS A NZ  1 
ATOM   573  N  N   . ALA A 1 77  ? -4.873  9.249   -7.589  1.00 11.80 ? 247 ALA A N   1 
ATOM   574  C  CA  . ALA A 1 77  ? -3.536  9.751   -7.988  1.00 12.17 ? 247 ALA A CA  1 
ATOM   575  C  C   . ALA A 1 77  ? -2.857  8.746   -8.922  1.00 11.50 ? 247 ALA A C   1 
ATOM   576  O  O   . ALA A 1 77  ? -1.693  8.980   -9.270  1.00 12.07 ? 247 ALA A O   1 
ATOM   577  C  CB  . ALA A 1 77  ? -2.664  10.027  -6.776  1.00 11.53 ? 247 ALA A CB  1 
ATOM   578  N  N   . PHE A 1 78  ? -3.521  7.653   -9.294  1.00 11.94 ? 248 PHE A N   1 
ATOM   579  C  CA  . PHE A 1 78  ? -2.874  6.636   -10.154 1.00 12.27 ? 248 PHE A CA  1 
ATOM   580  C  C   . PHE A 1 78  ? -2.740  7.172   -11.579 1.00 13.17 ? 248 PHE A C   1 
ATOM   581  O  O   . PHE A 1 78  ? -3.568  8.029   -12.073 1.00 12.43 ? 248 PHE A O   1 
ATOM   582  C  CB  . PHE A 1 78  ? -3.633  5.306   -10.170 1.00 13.26 ? 248 PHE A CB  1 
ATOM   583  C  CG  . PHE A 1 78  ? -3.325  4.429   -8.981  1.00 13.55 ? 248 PHE A CG  1 
ATOM   584  C  CD1 . PHE A 1 78  ? -3.372  4.952   -7.685  1.00 12.46 ? 248 PHE A CD1 1 
ATOM   585  C  CD2 . PHE A 1 78  ? -3.031  3.087   -9.135  1.00 14.09 ? 248 PHE A CD2 1 
ATOM   586  C  CE1 . PHE A 1 78  ? -3.147  4.149   -6.581  1.00 13.54 ? 248 PHE A CE1 1 
ATOM   587  C  CE2 . PHE A 1 78  ? -2.750  2.301   -8.029  1.00 16.06 ? 248 PHE A CE2 1 
ATOM   588  C  CZ  . PHE A 1 78  ? -2.829  2.828   -6.757  1.00 14.39 ? 248 PHE A CZ  1 
ATOM   589  N  N   . LYS A 1 79  ? -1.757  6.603   -12.268 1.00 12.42 ? 249 LYS A N   1 
ATOM   590  C  CA  . LYS A 1 79  ? -1.458  6.970   -13.669 1.00 13.40 ? 249 LYS A CA  1 
ATOM   591  C  C   . LYS A 1 79  ? -1.290  5.696   -14.482 1.00 14.22 ? 249 LYS A C   1 
ATOM   592  O  O   . LYS A 1 79  ? -1.020  4.629   -13.919 1.00 13.63 ? 249 LYS A O   1 
ATOM   593  C  CB  . LYS A 1 79  ? -0.179  7.811   -13.778 1.00 13.94 ? 249 LYS A CB  1 
ATOM   594  C  CG  . LYS A 1 79  ? 1.093   7.187   -13.190 1.00 15.34 ? 249 LYS A CG  1 
ATOM   595  C  CD  . LYS A 1 79  ? 2.240   8.209   -13.158 1.00 18.53 ? 249 LYS A CD  1 
ATOM   596  C  CE  . LYS A 1 79  ? 3.639   7.666   -13.298 1.00 20.90 ? 249 LYS A CE  1 
ATOM   597  N  NZ  . LYS A 1 79  ? 3.762   6.681   -14.392 1.00 21.46 ? 249 LYS A NZ  1 
ATOM   598  N  N   . ASP A 1 80  ? -1.349  5.838   -15.788 1.00 15.69 ? 250 ASP A N   1 
ATOM   599  C  CA  . ASP A 1 80  ? -0.990  4.719   -16.688 1.00 18.03 ? 250 ASP A CA  1 
ATOM   600  C  C   . ASP A 1 80  ? 0.480   4.354   -16.454 1.00 19.48 ? 250 ASP A C   1 
ATOM   601  O  O   . ASP A 1 80  ? 1.299   5.261   -16.223 1.00 22.96 ? 250 ASP A O   1 
ATOM   602  C  CB  . ASP A 1 80  ? -1.272  5.054   -18.150 1.00 23.29 ? 250 ASP A CB  1 
ATOM   603  C  CG  . ASP A 1 80  ? -1.584  3.785   -18.930 1.00 28.86 ? 250 ASP A CG  1 
ATOM   604  O  OD1 . ASP A 1 80  ? -2.630  3.118   -18.606 1.00 38.60 ? 250 ASP A OD1 1 
ATOM   605  O  OD2 . ASP A 1 80  ? -0.781  3.457   -19.818 1.00 37.80 ? 250 ASP A OD2 1 
ATOM   606  N  N   . GLY A 1 81  ? 0.769   3.059   -16.509 1.00 19.68 ? 251 GLY A N   1 
ATOM   607  C  CA  . GLY A 1 81  ? 2.113   2.524   -16.325 1.00 19.10 ? 251 GLY A CA  1 
ATOM   608  C  C   . GLY A 1 81  ? 2.427   2.426   -14.859 1.00 17.86 ? 251 GLY A C   1 
ATOM   609  O  O   . GLY A 1 81  ? 1.553   1.965   -14.117 1.00 14.76 ? 251 GLY A O   1 
ATOM   610  N  N   . GLU A 1 82  ? 3.644   2.814   -14.500 1.00 16.47 ? 252 GLU A N   1 
ATOM   611  C  CA  A GLU A 1 82  ? 4.202   2.580   -13.144 0.50 16.55 ? 252 GLU A CA  1 
ATOM   612  C  CA  B GLU A 1 82  ? 4.225   2.594   -13.144 0.50 16.63 ? 252 GLU A CA  1 
ATOM   613  C  C   . GLU A 1 82  ? 3.518   3.514   -12.132 1.00 14.40 ? 252 GLU A C   1 
ATOM   614  O  O   . GLU A 1 82  ? 3.367   4.722   -12.398 1.00 16.80 ? 252 GLU A O   1 
ATOM   615  C  CB  A GLU A 1 82  ? 5.712   2.803   -13.156 0.50 18.25 ? 252 GLU A CB  1 
ATOM   616  C  CB  B GLU A 1 82  ? 5.739   2.842   -13.179 0.50 18.47 ? 252 GLU A CB  1 
ATOM   617  C  CG  A GLU A 1 82  ? 6.375   2.429   -11.852 0.50 19.75 ? 252 GLU A CG  1 
ATOM   618  C  CG  B GLU A 1 82  ? 6.419   2.791   -11.819 0.50 20.01 ? 252 GLU A CG  1 
ATOM   619  C  CD  A GLU A 1 82  ? 7.850   2.762   -11.799 0.50 21.04 ? 252 GLU A CD  1 
ATOM   620  C  CD  B GLU A 1 82  ? 7.910   2.498   -11.859 0.50 21.68 ? 252 GLU A CD  1 
ATOM   621  O  OE1 A GLU A 1 82  ? 8.228   3.856   -12.280 0.50 20.36 ? 252 GLU A OE1 1 
ATOM   622  O  OE1 B GLU A 1 82  ? 8.599   2.821   -10.863 0.50 22.99 ? 252 GLU A OE1 1 
ATOM   623  O  OE2 A GLU A 1 82  ? 8.615   1.913   -11.295 0.50 22.11 ? 252 GLU A OE2 1 
ATOM   624  O  OE2 B GLU A 1 82  ? 8.390   1.959   -12.887 0.50 22.20 ? 252 GLU A OE2 1 
ATOM   625  N  N   . ASN A 1 83  ? 3.170   2.975   -10.982 1.00 13.76 ? 253 ASN A N   1 
ATOM   626  C  CA  . ASN A 1 83  ? 2.663   3.760   -9.835  1.00 12.27 ? 253 ASN A CA  1 
ATOM   627  C  C   . ASN A 1 83  ? 3.505   3.393   -8.602  1.00 12.43 ? 253 ASN A C   1 
ATOM   628  O  O   . ASN A 1 83  ? 3.690   2.212   -8.363  1.00 12.49 ? 253 ASN A O   1 
ATOM   629  C  CB  . ASN A 1 83  ? 1.191   3.461   -9.590  1.00 12.24 ? 253 ASN A CB  1 
ATOM   630  C  CG  . ASN A 1 83  ? 0.317   3.940   -10.730 1.00 12.51 ? 253 ASN A CG  1 
ATOM   631  O  OD1 . ASN A 1 83  ? -0.208  5.041   -10.616 1.00 13.51 ? 253 ASN A OD1 1 
ATOM   632  N  ND2 . ASN A 1 83  ? 0.146   3.153   -11.803 1.00 11.66 ? 253 ASN A ND2 1 
ATOM   633  N  N   . THR A 1 84  ? 3.920   4.387   -7.853  1.00 12.11 ? 254 THR A N   1 
ATOM   634  C  CA  . THR A 1 84  ? 4.842   4.262   -6.709  1.00 12.25 ? 254 THR A CA  1 
ATOM   635  C  C   . THR A 1 84  ? 4.064   4.683   -5.452  1.00 11.94 ? 254 THR A C   1 
ATOM   636  O  O   . THR A 1 84  ? 3.706   5.865   -5.323  1.00 10.44 ? 254 THR A O   1 
ATOM   637  C  CB  . THR A 1 84  ? 6.097   5.099   -6.934  1.00 14.05 ? 254 THR A CB  1 
ATOM   638  O  OG1 . THR A 1 84  ? 6.612   4.736   -8.213  1.00 14.59 ? 254 THR A OG1 1 
ATOM   639  C  CG2 . THR A 1 84  ? 7.115   4.926   -5.834  1.00 14.14 ? 254 THR A CG2 1 
ATOM   640  N  N   . ILE A 1 85  ? 3.832   3.712   -4.578  1.00 10.49 ? 255 ILE A N   1 
ATOM   641  C  CA  . ILE A 1 85  ? 3.110   3.862   -3.293  1.00 10.38 ? 255 ILE A CA  1 
ATOM   642  C  C   . ILE A 1 85  ? 4.169   3.799   -2.216  1.00 10.53 ? 255 ILE A C   1 
ATOM   643  O  O   . ILE A 1 85  ? 4.900   2.778   -2.179  1.00 10.61 ? 255 ILE A O   1 
ATOM   644  C  CB  . ILE A 1 85  ? 2.088   2.721   -3.129  1.00 10.07 ? 255 ILE A CB  1 
ATOM   645  C  CG1 . ILE A 1 85  ? 1.095   2.696   -4.286  1.00 10.30 ? 255 ILE A CG1 1 
ATOM   646  C  CG2 . ILE A 1 85  ? 1.400   2.779   -1.786  1.00 10.43 ? 255 ILE A CG2 1 
ATOM   647  C  CD1 . ILE A 1 85  ? 0.514   1.316   -4.531  1.00 11.43 ? 255 ILE A CD1 1 
ATOM   648  N  N   . VAL A 1 86  ? 4.224   4.803   -1.341  1.00 9.90  ? 256 VAL A N   1 
ATOM   649  C  CA  . VAL A 1 86  ? 5.225   4.793   -0.244  1.00 10.19 ? 256 VAL A CA  1 
ATOM   650  C  C   . VAL A 1 86  ? 4.453   4.858   1.069   1.00 10.31 ? 256 VAL A C   1 
ATOM   651  O  O   . VAL A 1 86  ? 3.690   5.849   1.303   1.00 9.89  ? 256 VAL A O   1 
ATOM   652  C  CB  . VAL A 1 86  ? 6.232   5.951   -0.338  1.00 11.02 ? 256 VAL A CB  1 
ATOM   653  C  CG1 . VAL A 1 86  ? 7.294   5.844   0.741   1.00 11.65 ? 256 VAL A CG1 1 
ATOM   654  C  CG2 . VAL A 1 86  ? 6.858   6.012   -1.723  1.00 11.29 ? 256 VAL A CG2 1 
ATOM   655  N  N   . ILE A 1 87  ? 4.636   3.826   1.884   1.00 10.37 ? 257 ILE A N   1 
ATOM   656  C  CA  . ILE A 1 87  ? 3.988   3.700   3.217   1.00 10.67 ? 257 ILE A CA  1 
ATOM   657  C  C   . ILE A 1 87  ? 5.042   3.949   4.280   1.00 10.51 ? 257 ILE A C   1 
ATOM   658  O  O   . ILE A 1 87  ? 6.032   3.160   4.355   1.00 11.22 ? 257 ILE A O   1 
ATOM   659  C  CB  . ILE A 1 87  ? 3.355   2.310   3.353   1.00 11.12 ? 257 ILE A CB  1 
ATOM   660  C  CG1 . ILE A 1 87  ? 2.333   2.116   2.239   1.00 11.31 ? 257 ILE A CG1 1 
ATOM   661  C  CG2 . ILE A 1 87  ? 2.754   2.111   4.739   1.00 12.10 ? 257 ILE A CG2 1 
ATOM   662  C  CD1 . ILE A 1 87  ? 1.961   0.706   2.025   1.00 12.35 ? 257 ILE A CD1 1 
ATOM   663  N  N   . SER A 1 88  ? 4.856   5.006   5.059   1.00 9.94  ? 258 SER A N   1 
ATOM   664  C  CA  . SER A 1 88  ? 5.746   5.311   6.206   1.00 10.37 ? 258 SER A CA  1 
ATOM   665  C  C   . SER A 1 88  ? 5.081   4.778   7.464   1.00 9.85  ? 258 SER A C   1 
ATOM   666  O  O   . SER A 1 88  ? 3.873   4.825   7.525   1.00 9.75  ? 258 SER A O   1 
ATOM   667  C  CB  . SER A 1 88  ? 6.046   6.795   6.349   1.00 10.53 ? 258 SER A CB  1 
ATOM   668  O  OG  . SER A 1 88  ? 6.631   7.269   5.166   1.00 10.62 ? 258 SER A OG  1 
ATOM   669  N  N   . SER A 1 89  ? 5.862   4.331   8.432   1.00 10.45 ? 259 SER A N   1 
ATOM   670  C  CA  A SER A 1 89  ? 5.366   3.828   9.730   0.50 11.82 ? 259 SER A CA  1 
ATOM   671  C  CA  B SER A 1 89  ? 5.393   3.774   9.714   0.50 12.57 ? 259 SER A CA  1 
ATOM   672  C  C   . SER A 1 89  ? 6.382   4.179   10.815  1.00 13.64 ? 259 SER A C   1 
ATOM   673  O  O   . SER A 1 89  ? 7.525   4.430   10.477  1.00 14.24 ? 259 SER A O   1 
ATOM   674  C  CB  A SER A 1 89  ? 5.104   2.340   9.680   0.50 11.46 ? 259 SER A CB  1 
ATOM   675  C  CB  B SER A 1 89  ? 5.271   2.280   9.571   0.50 13.16 ? 259 SER A CB  1 
ATOM   676  O  OG  A SER A 1 89  ? 6.313   1.619   9.443   0.50 11.03 ? 259 SER A OG  1 
ATOM   677  O  OG  B SER A 1 89  ? 4.430   1.725   10.555  0.50 14.44 ? 259 SER A OG  1 
ATOM   678  N  N   . LYS A 1 90  ? 5.941   4.220   12.065  1.00 13.69 ? 260 LYS A N   1 
ATOM   679  C  CA  . LYS A 1 90  ? 6.811   4.589   13.201  1.00 14.13 ? 260 LYS A CA  1 
ATOM   680  C  C   . LYS A 1 90  ? 8.035   3.687   13.316  1.00 15.18 ? 260 LYS A C   1 
ATOM   681  O  O   . LYS A 1 90  ? 9.131   4.227   13.613  1.00 17.05 ? 260 LYS A O   1 
ATOM   682  C  CB  . LYS A 1 90  ? 6.014   4.580   14.505  1.00 15.00 ? 260 LYS A CB  1 
ATOM   683  C  CG  . LYS A 1 90  ? 4.994   5.688   14.577  1.00 16.28 ? 260 LYS A CG  1 
ATOM   684  C  CD  . LYS A 1 90  ? 4.205   5.732   15.854  1.00 17.43 ? 260 LYS A CD  1 
ATOM   685  C  CE  . LYS A 1 90  ? 2.909   6.492   15.681  1.00 21.26 ? 260 LYS A CE  1 
ATOM   686  N  NZ  . LYS A 1 90  ? 2.207   6.666   16.983  1.00 22.15 ? 260 LYS A NZ  1 
ATOM   687  N  N   . GLY A 1 91  ? 7.901   2.380   13.128  1.00 14.31 ? 261 GLY A N   1 
ATOM   688  C  CA  . GLY A 1 91  ? 8.972   1.454   13.544  1.00 16.53 ? 261 GLY A CA  1 
ATOM   689  C  C   . GLY A 1 91  ? 9.638   0.784   12.356  1.00 14.82 ? 261 GLY A C   1 
ATOM   690  O  O   . GLY A 1 91  ? 10.489  -0.067  12.590  1.00 15.28 ? 261 GLY A O   1 
ATOM   691  N  N   . PHE A 1 92  ? 9.299   1.164   11.129  1.00 13.31 ? 262 PHE A N   1 
ATOM   692  C  CA  . PHE A 1 92  ? 9.736   0.391   9.929   1.00 13.85 ? 262 PHE A CA  1 
ATOM   693  C  C   . PHE A 1 92  ? 10.202  1.349   8.848   1.00 13.83 ? 262 PHE A C   1 
ATOM   694  O  O   . PHE A 1 92  ? 9.564   2.372   8.657   1.00 14.78 ? 262 PHE A O   1 
ATOM   695  C  CB  . PHE A 1 92  ? 8.628   -0.536  9.408   1.00 14.66 ? 262 PHE A CB  1 
ATOM   696  C  CG  . PHE A 1 92  ? 8.385   -1.677  10.344  1.00 14.10 ? 262 PHE A CG  1 
ATOM   697  C  CD1 . PHE A 1 92  ? 7.484   -1.517  11.381  1.00 16.35 ? 262 PHE A CD1 1 
ATOM   698  C  CD2 . PHE A 1 92  ? 9.096   -2.864  10.233  1.00 15.37 ? 262 PHE A CD2 1 
ATOM   699  C  CE1 . PHE A 1 92  ? 7.323   -2.523  12.320  1.00 15.37 ? 262 PHE A CE1 1 
ATOM   700  C  CE2 . PHE A 1 92  ? 8.929   -3.873  11.172  1.00 16.08 ? 262 PHE A CE2 1 
ATOM   701  C  CZ  . PHE A 1 92  ? 8.000   -3.705  12.178  1.00 17.20 ? 262 PHE A CZ  1 
ATOM   702  N  N   . GLU A 1 93  ? 11.250  0.969   8.124   1.00 12.51 ? 263 GLU A N   1 
ATOM   703  C  CA  . GLU A 1 93  ? 11.704  1.770   6.970   1.00 13.44 ? 263 GLU A CA  1 
ATOM   704  C  C   . GLU A 1 93  ? 10.523  1.897   6.013   1.00 11.24 ? 263 GLU A C   1 
ATOM   705  O  O   . GLU A 1 93  ? 9.717   0.957   5.902   1.00 9.95  ? 263 GLU A O   1 
ATOM   706  C  CB  . GLU A 1 93  ? 12.930  1.114   6.343   1.00 16.27 ? 263 GLU A CB  1 
ATOM   707  C  CG  . GLU A 1 93  ? 14.171  1.498   7.111   1.00 21.64 ? 263 GLU A CG  1 
ATOM   708  C  CD  . GLU A 1 93  ? 14.608  2.915   6.756   1.00 30.22 ? 263 GLU A CD  1 
ATOM   709  O  OE1 . GLU A 1 93  ? 14.360  3.845   7.553   1.00 35.52 ? 263 GLU A OE1 1 
ATOM   710  O  OE2 . GLU A 1 93  ? 15.172  3.104   5.626   1.00 43.79 ? 263 GLU A OE2 1 
ATOM   711  N  N   . ASP A 1 94  ? 10.467  3.007   5.296   1.00 11.04 ? 264 ASP A N   1 
ATOM   712  C  CA  . ASP A 1 94  ? 9.423   3.203   4.260   1.00 11.04 ? 264 ASP A CA  1 
ATOM   713  C  C   . ASP A 1 94  ? 9.285   1.968   3.387   1.00 11.59 ? 264 ASP A C   1 
ATOM   714  O  O   . ASP A 1 94  ? 10.339  1.444   2.885   1.00 11.87 ? 264 ASP A O   1 
ATOM   715  C  CB  . ASP A 1 94  ? 9.775   4.389   3.368   1.00 11.55 ? 264 ASP A CB  1 
ATOM   716  C  CG  . ASP A 1 94  ? 9.582   5.731   4.004   1.00 14.77 ? 264 ASP A CG  1 
ATOM   717  O  OD1 . ASP A 1 94  ? 8.960   5.805   5.094   1.00 13.96 ? 264 ASP A OD1 1 
ATOM   718  O  OD2 . ASP A 1 94  ? 9.996   6.716   3.365   1.00 16.18 ? 264 ASP A OD2 1 
ATOM   719  N  N   . VAL A 1 95  ? 8.049   1.532   3.147   1.00 10.03 ? 265 VAL A N   1 
ATOM   720  C  CA  . VAL A 1 95  ? 7.755   0.453   2.171   1.00 10.26 ? 265 VAL A CA  1 
ATOM   721  C  C   . VAL A 1 95  ? 7.337   1.081   0.846   1.00 11.02 ? 265 VAL A C   1 
ATOM   722  O  O   . VAL A 1 95  ? 6.420   1.894   0.849   1.00 9.69  ? 265 VAL A O   1 
ATOM   723  C  CB  . VAL A 1 95  ? 6.682   -0.513  2.680   1.00 11.11 ? 265 VAL A CB  1 
ATOM   724  C  CG1 . VAL A 1 95  ? 6.358   -1.552  1.628   1.00 12.36 ? 265 VAL A CG1 1 
ATOM   725  C  CG2 . VAL A 1 95  ? 7.105   -1.185  3.989   1.00 13.41 ? 265 VAL A CG2 1 
ATOM   726  N  N   . THR A 1 96  ? 8.000   0.719   -0.246  1.00 11.21 ? 266 THR A N   1 
ATOM   727  C  CA  . THR A 1 96  ? 7.642   1.228   -1.595  1.00 11.69 ? 266 THR A CA  1 
ATOM   728  C  C   . THR A 1 96  ? 6.978   0.062   -2.328  1.00 11.47 ? 266 THR A C   1 
ATOM   729  O  O   . THR A 1 96  ? 7.653   -0.952  -2.585  1.00 11.32 ? 266 THR A O   1 
ATOM   730  C  CB  . THR A 1 96  ? 8.827   1.842   -2.341  1.00 13.79 ? 266 THR A CB  1 
ATOM   731  O  OG1 . THR A 1 96  ? 9.309   2.969   -1.594  1.00 14.58 ? 266 THR A OG1 1 
ATOM   732  C  CG2 . THR A 1 96  ? 8.436   2.290   -3.735  1.00 15.11 ? 266 THR A CG2 1 
ATOM   733  N  N   . ILE A 1 97  ? 5.717   0.225   -2.691  1.00 10.57 ? 267 ILE A N   1 
ATOM   734  C  CA  . ILE A 1 97  ? 4.990   -0.766  -3.520  1.00 10.48 ? 267 ILE A CA  1 
ATOM   735  C  C   . ILE A 1 97  ? 4.861   -0.166  -4.905  1.00 11.38 ? 267 ILE A C   1 
ATOM   736  O  O   . ILE A 1 97  ? 4.431   0.976   -5.022  1.00 12.59 ? 267 ILE A O   1 
ATOM   737  C  CB  . ILE A 1 97  ? 3.644   -1.175  -2.896  1.00 10.69 ? 267 ILE A CB  1 
ATOM   738  C  CG1 . ILE A 1 97  ? 3.844   -1.582  -1.433  1.00 11.52 ? 267 ILE A CG1 1 
ATOM   739  C  CG2 . ILE A 1 97  ? 3.042   -2.283  -3.746  1.00 10.48 ? 267 ILE A CG2 1 
ATOM   740  C  CD1 . ILE A 1 97  ? 2.592   -1.857  -0.678  1.00 12.21 ? 267 ILE A CD1 1 
ATOM   741  N  N   . THR A 1 98  ? 5.295   -0.916  -5.906  1.00 11.86 ? 268 THR A N   1 
ATOM   742  C  CA  . THR A 1 98  ? 5.146   -0.515  -7.312  1.00 12.12 ? 268 THR A CA  1 
ATOM   743  C  C   . THR A 1 98  ? 4.014   -1.376  -7.903  1.00 11.07 ? 268 THR A C   1 
ATOM   744  O  O   . THR A 1 98  ? 3.966   -2.628  -7.639  1.00 11.34 ? 268 THR A O   1 
ATOM   745  C  CB  . THR A 1 98  ? 6.476   -0.729  -8.061  1.00 13.95 ? 268 THR A CB  1 
ATOM   746  O  OG1 . THR A 1 98  ? 7.462   0.103   -7.430  1.00 16.50 ? 268 THR A OG1 1 
ATOM   747  C  CG2 . THR A 1 98  ? 6.285   -0.426  -9.522  1.00 15.03 ? 268 THR A CG2 1 
ATOM   748  N  N   . VAL A 1 99  ? 3.078   -0.736  -8.605  1.00 11.86 ? 269 VAL A N   1 
ATOM   749  C  CA  . VAL A 1 99  ? 1.924   -1.433  -9.258  1.00 11.91 ? 269 VAL A CA  1 
ATOM   750  C  C   . VAL A 1 99  ? 1.824   -0.820  -10.648 1.00 11.92 ? 269 VAL A C   1 
ATOM   751  O  O   . VAL A 1 99  ? 2.189   0.362   -10.791 1.00 12.14 ? 269 VAL A O   1 
ATOM   752  C  CB  . VAL A 1 99  ? 0.599   -1.320  -8.466  1.00 11.88 ? 269 VAL A CB  1 
ATOM   753  C  CG1 . VAL A 1 99  ? 0.772   -1.864  -7.051  1.00 11.15 ? 269 VAL A CG1 1 
ATOM   754  C  CG2 . VAL A 1 99  ? 0.076   0.105   -8.412  1.00 12.38 ? 269 VAL A CG2 1 
ATOM   755  N  N   . THR A 1 100 ? 1.386   -1.609  -11.610 1.00 11.97 ? 270 THR A N   1 
ATOM   756  C  CA  . THR A 1 100 ? 1.242   -1.116  -12.998 1.00 12.37 ? 270 THR A CA  1 
ATOM   757  C  C   . THR A 1 100 ? -0.245  -0.996  -13.325 1.00 12.80 ? 270 THR A C   1 
ATOM   758  O  O   . THR A 1 100 ? -0.987  -1.974  -13.100 1.00 12.81 ? 270 THR A O   1 
ATOM   759  C  CB  . THR A 1 100 ? 1.950   -2.059  -13.972 1.00 13.15 ? 270 THR A CB  1 
ATOM   760  O  OG1 . THR A 1 100 ? 3.348   -1.894  -13.714 1.00 12.63 ? 270 THR A OG1 1 
ATOM   761  C  CG2 . THR A 1 100 ? 1.624   -1.759  -15.410 1.00 13.36 ? 270 THR A CG2 1 
ATOM   762  N  N   . LYS A 1 101 ? -0.626  0.109   -13.958 1.00 13.84 ? 271 LYS A N   1 
ATOM   763  C  CA  . LYS A 1 101 ? -1.978  0.261   -14.538 1.00 16.14 ? 271 LYS A CA  1 
ATOM   764  C  C   . LYS A 1 101 ? -1.877  0.149   -16.073 1.00 19.46 ? 271 LYS A C   1 
ATOM   765  O  O   . LYS A 1 101 ? -1.028  0.824   -16.677 1.00 17.84 ? 271 LYS A O   1 
ATOM   766  C  CB  . LYS A 1 101 ? -2.583  1.593   -14.104 1.00 17.60 ? 271 LYS A CB  1 
ATOM   767  C  CG  . LYS A 1 101 ? -3.956  1.883   -14.685 1.00 19.30 ? 271 LYS A CG  1 
ATOM   768  C  CD  . LYS A 1 101 ? -4.583  3.098   -14.042 1.00 23.30 ? 271 LYS A CD  1 
ATOM   769  C  CE  . LYS A 1 101 ? -5.908  3.434   -14.696 1.00 26.92 ? 271 LYS A CE  1 
ATOM   770  N  NZ  . LYS A 1 101 ? -6.232  4.855   -14.449 1.00 32.55 ? 271 LYS A NZ  1 
ATOM   771  N  N   . LYS A 1 102 ? -2.741  -0.662  -16.655 1.00 21.65 ? 272 LYS A N   1 
ATOM   772  C  CA  . LYS A 1 102 ? -2.810  -0.905  -18.128 1.00 29.22 ? 272 LYS A CA  1 
ATOM   773  C  C   . LYS A 1 102 ? -4.269  -1.165  -18.515 1.00 32.22 ? 272 LYS A C   1 
ATOM   774  O  O   . LYS A 1 102 ? -4.870  -2.043  -17.898 1.00 30.73 ? 272 LYS A O   1 
ATOM   775  C  CB  . LYS A 1 102 ? -1.962  -2.125  -18.499 1.00 32.74 ? 272 LYS A CB  1 
ATOM   776  C  CG  . LYS A 1 102 ? -2.366  -2.791  -19.808 1.00 40.46 ? 272 LYS A CG  1 
ATOM   777  C  CD  . LYS A 1 102 ? -1.212  -3.324  -20.612 1.00 46.17 ? 272 LYS A CD  1 
ATOM   778  C  CE  . LYS A 1 102 ? -1.540  -3.485  -22.082 1.00 52.91 ? 272 LYS A CE  1 
ATOM   779  N  NZ  . LYS A 1 102 ? -2.331  -4.717  -22.311 1.00 58.97 ? 272 LYS A NZ  1 
ATOM   780  N  N   . ASP A 1 103 ? -4.817  -0.455  -19.504 1.00 40.21 ? 273 ASP A N   1 
ATOM   781  C  CA  . ASP A 1 103 ? -6.191  -0.740  -20.012 1.00 46.54 ? 273 ASP A CA  1 
ATOM   782  C  C   . ASP A 1 103 ? -7.159  -1.003  -18.843 1.00 42.43 ? 273 ASP A C   1 
ATOM   783  O  O   . ASP A 1 103 ? -7.854  -2.061  -18.874 1.00 48.55 ? 273 ASP A O   1 
ATOM   784  C  CB  . ASP A 1 103 ? -6.180  -1.964  -20.934 1.00 51.34 ? 273 ASP A CB  1 
ATOM   785  C  CG  . ASP A 1 103 ? -5.119  -1.923  -22.016 1.00 56.06 ? 273 ASP A CG  1 
ATOM   786  O  OD1 . ASP A 1 103 ? -4.921  -0.840  -22.596 1.00 55.45 ? 273 ASP A OD1 1 
ATOM   787  O  OD2 . ASP A 1 103 ? -4.487  -2.976  -22.253 1.00 63.81 ? 273 ASP A OD2 1 
ATOM   788  N  N   . GLY A 1 104 ? -7.167  -0.120  -17.833 1.00 37.09 ? 274 GLY A N   1 
ATOM   789  C  CA  . GLY A 1 104 ? -8.067  -0.164  -16.668 1.00 34.82 ? 274 GLY A CA  1 
ATOM   790  C  C   . GLY A 1 104 ? -7.676  -1.188  -15.606 1.00 32.38 ? 274 GLY A C   1 
ATOM   791  O  O   . GLY A 1 104 ? -8.381  -1.253  -14.589 1.00 35.75 ? 274 GLY A O   1 
ATOM   792  N  N   . GLN A 1 105 ? -6.618  -1.976  -15.806 1.00 26.94 ? 275 GLN A N   1 
ATOM   793  C  CA  . GLN A 1 105 ? -6.275  -3.126  -14.917 1.00 24.64 ? 275 GLN A CA  1 
ATOM   794  C  C   . GLN A 1 105 ? -5.000  -2.788  -14.144 1.00 19.94 ? 275 GLN A C   1 
ATOM   795  O  O   . GLN A 1 105 ? -4.046  -2.323  -14.768 1.00 16.47 ? 275 GLN A O   1 
ATOM   796  C  CB  . GLN A 1 105 ? -5.957  -4.372  -15.742 1.00 28.79 ? 275 GLN A CB  1 
ATOM   797  C  CG  . GLN A 1 105 ? -7.100  -4.810  -16.634 1.00 33.96 ? 275 GLN A CG  1 
ATOM   798  C  CD  . GLN A 1 105 ? -7.960  -5.864  -15.988 1.00 39.21 ? 275 GLN A CD  1 
ATOM   799  O  OE1 . GLN A 1 105 ? -8.098  -6.968  -16.517 1.00 47.88 ? 275 GLN A OE1 1 
ATOM   800  N  NE2 . GLN A 1 105 ? -8.558  -5.523  -14.858 1.00 41.37 ? 275 GLN A NE2 1 
ATOM   801  N  N   . ILE A 1 106 ? -4.970  -3.042  -12.844 1.00 15.62 ? 276 ILE A N   1 
ATOM   802  C  CA  . ILE A 1 106 ? -3.793  -2.701  -11.994 1.00 14.31 ? 276 ILE A CA  1 
ATOM   803  C  C   . ILE A 1 106 ? -3.228  -4.016  -11.461 1.00 13.70 ? 276 ILE A C   1 
ATOM   804  O  O   . ILE A 1 106 ? -4.041  -4.872  -10.945 1.00 12.38 ? 276 ILE A O   1 
ATOM   805  C  CB  . ILE A 1 106 ? -4.221  -1.721  -10.883 1.00 13.76 ? 276 ILE A CB  1 
ATOM   806  C  CG1 . ILE A 1 106 ? -4.773  -0.422  -11.483 1.00 13.95 ? 276 ILE A CG1 1 
ATOM   807  C  CG2 . ILE A 1 106 ? -3.105  -1.485  -9.893  1.00 14.08 ? 276 ILE A CG2 1 
ATOM   808  C  CD1 . ILE A 1 106 ? -5.524  0.443   -10.480 1.00 14.35 ? 276 ILE A CD1 1 
ATOM   809  N  N   . HIS A 1 107 ? -1.911  -4.218  -11.570 1.00 12.07 ? 277 HIS A N   1 
ATOM   810  C  CA  . HIS A 1 107 ? -1.293  -5.438  -11.021 1.00 12.62 ? 277 HIS A CA  1 
ATOM   811  C  C   . HIS A 1 107 ? -0.054  -5.110  -10.183 1.00 11.14 ? 277 HIS A C   1 
ATOM   812  O  O   . HIS A 1 107 ? 0.572   -4.053  -10.348 1.00 12.10 ? 277 HIS A O   1 
ATOM   813  C  CB  . HIS A 1 107 ? -0.998  -6.489  -12.117 1.00 13.39 ? 277 HIS A CB  1 
ATOM   814  C  CG  . HIS A 1 107 ? 0.164   -6.161  -12.983 1.00 15.11 ? 277 HIS A CG  1 
ATOM   815  N  ND1 . HIS A 1 107 ? 0.006   -5.573  -14.198 1.00 14.84 ? 277 HIS A ND1 1 
ATOM   816  C  CD2 . HIS A 1 107 ? 1.487   -6.440  -12.844 1.00 14.49 ? 277 HIS A CD2 1 
ATOM   817  C  CE1 . HIS A 1 107 ? 1.201   -5.390  -14.743 1.00 14.52 ? 277 HIS A CE1 1 
ATOM   818  N  NE2 . HIS A 1 107 ? 2.129   -5.923  -13.924 1.00 13.98 ? 277 HIS A NE2 1 
ATOM   819  N  N   . PHE A 1 108 ? 0.242   -6.017  -9.286  1.00 12.55 ? 278 PHE A N   1 
ATOM   820  C  CA  . PHE A 1 108 ? 1.342   -5.948  -8.304  1.00 11.28 ? 278 PHE A CA  1 
ATOM   821  C  C   . PHE A 1 108 ? 2.675   -6.150  -9.025  1.00 11.94 ? 278 PHE A C   1 
ATOM   822  O  O   . PHE A 1 108 ? 2.806   -7.132  -9.806  1.00 12.09 ? 278 PHE A O   1 
ATOM   823  C  CB  . PHE A 1 108 ? 1.145   -7.043  -7.265  1.00 11.85 ? 278 PHE A CB  1 
ATOM   824  C  CG  . PHE A 1 108 ? 2.185   -7.009  -6.180  1.00 12.76 ? 278 PHE A CG  1 
ATOM   825  C  CD1 . PHE A 1 108 ? 2.005   -6.224  -5.048  1.00 14.87 ? 278 PHE A CD1 1 
ATOM   826  C  CD2 . PHE A 1 108 ? 3.349   -7.745  -6.311  1.00 14.59 ? 278 PHE A CD2 1 
ATOM   827  C  CE1 . PHE A 1 108 ? 2.977   -6.183  -4.058  1.00 14.79 ? 278 PHE A CE1 1 
ATOM   828  C  CE2 . PHE A 1 108 ? 4.322   -7.690  -5.324  1.00 14.52 ? 278 PHE A CE2 1 
ATOM   829  C  CZ  . PHE A 1 108 ? 4.128   -6.896  -4.213  1.00 14.57 ? 278 PHE A CZ  1 
ATOM   830  N  N   . VAL A 1 109 ? 3.608   -5.243  -8.831  1.00 11.72 ? 279 VAL A N   1 
ATOM   831  C  CA  . VAL A 1 109 ? 4.943   -5.361  -9.466  1.00 12.79 ? 279 VAL A CA  1 
ATOM   832  C  C   . VAL A 1 109 ? 5.995   -5.684  -8.412  1.00 14.41 ? 279 VAL A C   1 
ATOM   833  O  O   . VAL A 1 109 ? 6.731   -6.677  -8.614  1.00 14.80 ? 279 VAL A O   1 
ATOM   834  C  CB  . VAL A 1 109 ? 5.297   -4.091  -10.235 1.00 13.48 ? 279 VAL A CB  1 
ATOM   835  C  CG1 . VAL A 1 109 ? 6.733   -4.156  -10.756 1.00 13.35 ? 279 VAL A CG1 1 
ATOM   836  C  CG2 . VAL A 1 109 ? 4.310   -3.884  -11.371 1.00 14.24 ? 279 VAL A CG2 1 
ATOM   837  N  N   . SER A 1 110 ? 6.080   -4.898  -7.339  1.00 13.27 ? 280 SER A N   1 
ATOM   838  C  CA  . SER A 1 110 ? 7.117   -5.155  -6.303  1.00 13.63 ? 280 SER A CA  1 
ATOM   839  C  C   . SER A 1 110 ? 6.753   -4.474  -4.977  1.00 13.30 ? 280 SER A C   1 
ATOM   840  O  O   . SER A 1 110 ? 5.927   -3.555  -4.993  1.00 11.52 ? 280 SER A O   1 
ATOM   841  C  CB  . SER A 1 110 ? 8.442   -4.672  -6.803  1.00 13.91 ? 280 SER A CB  1 
ATOM   842  O  OG  . SER A 1 110 ? 8.487   -3.262  -6.804  1.00 18.57 ? 280 SER A OG  1 
ATOM   843  N  N   . ALA A 1 111 ? 7.280   -4.985  -3.858  1.00 12.53 ? 281 ALA A N   1 
ATOM   844  C  CA  . ALA A 1 111 ? 7.194   -4.322  -2.530  1.00 13.45 ? 281 ALA A CA  1 
ATOM   845  C  C   . ALA A 1 111 ? 8.562   -4.466  -1.885  1.00 13.94 ? 281 ALA A C   1 
ATOM   846  O  O   . ALA A 1 111 ? 9.055   -5.592  -1.850  1.00 14.02 ? 281 ALA A O   1 
ATOM   847  C  CB  . ALA A 1 111 ? 6.129   -4.915  -1.664  1.00 13.21 ? 281 ALA A CB  1 
ATOM   848  N  N   . LYS A 1 112 ? 9.205   -3.355  -1.571  1.00 14.55 ? 282 LYS A N   1 
ATOM   849  C  CA  . LYS A 1 112 ? 10.527  -3.411  -0.931  1.00 17.48 ? 282 LYS A CA  1 
ATOM   850  C  C   . LYS A 1 112 ? 10.704  -2.244  0.021   1.00 15.47 ? 282 LYS A C   1 
ATOM   851  O  O   . LYS A 1 112 ? 9.966   -1.250  -0.024  1.00 13.93 ? 282 LYS A O   1 
ATOM   852  C  CB  . LYS A 1 112 ? 11.657  -3.390  -1.957  1.00 21.52 ? 282 LYS A CB  1 
ATOM   853  C  CG  . LYS A 1 112 ? 11.595  -2.250  -2.951  1.00 27.98 ? 282 LYS A CG  1 
ATOM   854  C  CD  . LYS A 1 112 ? 12.562  -2.449  -4.146  1.00 34.73 ? 282 LYS A CD  1 
ATOM   855  C  CE  . LYS A 1 112 ? 12.132  -3.545  -5.096  1.00 38.35 ? 282 LYS A CE  1 
ATOM   856  N  NZ  . LYS A 1 112 ? 13.207  -3.855  -6.068  1.00 42.19 ? 282 LYS A NZ  1 
ATOM   857  N  N   . GLN A 1 113 ? 11.666  -2.437  0.903   1.00 13.27 ? 283 GLN A N   1 
ATOM   858  C  CA  . GLN A 1 113 ? 12.280  -1.325  1.644   1.00 13.27 ? 283 GLN A CA  1 
ATOM   859  C  C   . GLN A 1 113 ? 13.645  -1.120  1.006   1.00 15.17 ? 283 GLN A C   1 
ATOM   860  O  O   . GLN A 1 113 ? 14.221  -2.113  0.434   1.00 15.37 ? 283 GLN A O   1 
ATOM   861  C  CB  . GLN A 1 113 ? 12.371  -1.671  3.118   1.00 12.81 ? 283 GLN A CB  1 
ATOM   862  C  CG  . GLN A 1 113 ? 10.993  -1.767  3.745   1.00 13.65 ? 283 GLN A CG  1 
ATOM   863  C  CD  . GLN A 1 113 ? 11.051  -2.453  5.081   1.00 13.18 ? 283 GLN A CD  1 
ATOM   864  O  OE1 . GLN A 1 113 ? 11.554  -3.558  5.162   1.00 12.74 ? 283 GLN A OE1 1 
ATOM   865  N  NE2 . GLN A 1 113 ? 10.597  -1.776  6.133   1.00 12.23 ? 283 GLN A NE2 1 
ATOM   866  N  N   . LYS A 1 114 ? 14.083  0.122   0.978   1.00 15.77 ? 284 LYS A N   1 
ATOM   867  C  CA  . LYS A 1 114 ? 15.444  0.425   0.481   1.00 18.01 ? 284 LYS A CA  1 
ATOM   868  C  C   . LYS A 1 114 ? 16.413  -0.525  1.194   1.00 18.60 ? 284 LYS A C   1 
ATOM   869  O  O   . LYS A 1 114 ? 16.333  -0.695  2.407   1.00 18.69 ? 284 LYS A O   1 
ATOM   870  C  CB  . LYS A 1 114 ? 15.747  1.912   0.642   1.00 17.96 ? 284 LYS A CB  1 
ATOM   871  C  CG  . LYS A 1 114 ? 14.994  2.793   -0.356  1.00 18.36 ? 284 LYS A CG  1 
ATOM   872  C  CD  . LYS A 1 114 ? 15.398  4.250   -0.313  1.00 19.21 ? 284 LYS A CD  1 
ATOM   873  C  CE  . LYS A 1 114 ? 14.740  5.044   -1.420  1.00 20.29 ? 284 LYS A CE  1 
ATOM   874  N  NZ  . LYS A 1 114 ? 15.381  6.360   -1.651  1.00 21.04 ? 284 LYS A NZ  1 
ATOM   875  N  N   . GLN A 1 115 ? 17.286  -1.123  0.407   1.00 16.56 ? 285 GLN A N   1 
ATOM   876  C  CA  . GLN A 1 115 ? 18.218  -2.191  0.799   1.00 18.25 ? 285 GLN A CA  1 
ATOM   877  C  C   . GLN A 1 115 ? 19.600  -1.589  1.088   1.00 16.67 ? 285 GLN A C   1 
ATOM   878  O  O   . GLN A 1 115 ? 19.989  -0.523  0.499   1.00 14.29 ? 285 GLN A O   1 
ATOM   879  C  CB  . GLN A 1 115 ? 18.356  -3.230  -0.334  1.00 23.04 ? 285 GLN A CB  1 
ATOM   880  C  CG  . GLN A 1 115 ? 17.066  -3.620  -1.059  1.00 28.33 ? 285 GLN A CG  1 
ATOM   881  C  CD  . GLN A 1 115 ? 17.388  -4.015  -2.496  1.00 36.90 ? 285 GLN A CD  1 
ATOM   882  O  OE1 . GLN A 1 115 ? 18.266  -4.863  -2.752  1.00 39.11 ? 285 GLN A OE1 1 
ATOM   883  N  NE2 . GLN A 1 115 ? 16.732  -3.354  -3.455  1.00 30.28 ? 285 GLN A NE2 1 
ATOM   884  N  N   . HIS A 1 116 ? 20.308  -2.273  1.973   1.00 15.82 ? 286 HIS A N   1 
ATOM   885  C  CA  . HIS A 1 116 ? 21.775  -2.165  2.184   1.00 17.56 ? 286 HIS A CA  1 
ATOM   886  C  C   . HIS A 1 116 ? 22.483  -2.969  1.094   1.00 20.83 ? 286 HIS A C   1 
ATOM   887  O  O   . HIS A 1 116 ? 22.023  -4.110  0.798   1.00 22.78 ? 286 HIS A O   1 
ATOM   888  C  CB  . HIS A 1 116 ? 22.112  -2.639  3.604   1.00 17.74 ? 286 HIS A CB  1 
ATOM   889  C  CG  . HIS A 1 116 ? 21.501  -1.775  4.639   1.00 20.40 ? 286 HIS A CG  1 
ATOM   890  N  ND1 . HIS A 1 116 ? 22.232  -0.822  5.318   1.00 19.19 ? 286 HIS A ND1 1 
ATOM   891  C  CD2 . HIS A 1 116 ? 20.241  -1.713  5.107   1.00 21.85 ? 286 HIS A CD2 1 
ATOM   892  C  CE1 . HIS A 1 116 ? 21.457  -0.187  6.152   1.00 22.50 ? 286 HIS A CE1 1 
ATOM   893  N  NE2 . HIS A 1 116 ? 20.207  -0.698  6.018   1.00 25.81 ? 286 HIS A NE2 1 
ATOM   894  N  N   . VAL A 1 117 ? 23.488  -2.366  0.463   1.00 21.11 ? 287 VAL A N   1 
ATOM   895  C  CA  . VAL A 1 117 ? 24.331  -3.005  -0.583  1.00 24.32 ? 287 VAL A CA  1 
ATOM   896  C  C   . VAL A 1 117 ? 25.226  -4.036  0.120   1.00 29.79 ? 287 VAL A C   1 
ATOM   897  O  O   . VAL A 1 117 ? 25.959  -3.647  1.074   1.00 29.63 ? 287 VAL A O   1 
ATOM   898  C  CB  . VAL A 1 117 ? 25.174  -1.969  -1.358  1.00 24.41 ? 287 VAL A CB  1 
ATOM   899  C  CG1 . VAL A 1 117 ? 25.998  -2.622  -2.463  1.00 28.24 ? 287 VAL A CG1 1 
ATOM   900  C  CG2 . VAL A 1 117 ? 24.335  -0.876  -1.965  1.00 22.92 ? 287 VAL A CG2 1 
ATOM   901  N  N   . THR A 1 118 ? 25.205  -5.293  -0.336  1.00 31.16 ? 288 THR A N   1 
ATOM   902  C  CA  . THR A 1 118 ? 26.135  -6.356  0.159   1.00 34.55 ? 288 THR A CA  1 
ATOM   903  C  C   . THR A 1 118 ? 26.810  -7.061  -1.019  1.00 34.53 ? 288 THR A C   1 
ATOM   904  O  O   . THR A 1 118 ? 26.277  -6.956  -2.143  1.00 35.61 ? 288 THR A O   1 
ATOM   905  C  CB  . THR A 1 118 ? 25.372  -7.350  1.032   1.00 34.78 ? 288 THR A CB  1 
ATOM   906  O  OG1 . THR A 1 118 ? 24.439  -7.944  0.124   1.00 33.23 ? 288 THR A OG1 1 
ATOM   907  C  CG2 . THR A 1 118 ? 24.722  -6.692  2.232   1.00 35.44 ? 288 THR A CG2 1 
ATOM   908  N  N   . ALA A 1 119 ? 27.926  -7.762  -0.756  1.00 38.23 ? 289 ALA A N   1 
ATOM   909  C  CA  . ALA A 1 119 ? 28.752  -8.501  -1.746  1.00 38.32 ? 289 ALA A CA  1 
ATOM   910  C  C   . ALA A 1 119 ? 28.213  -9.926  -1.975  1.00 43.57 ? 289 ALA A C   1 
ATOM   911  O  O   . ALA A 1 119 ? 27.271  -10.423 -1.334  1.00 45.21 ? 289 ALA A O   1 
ATOM   912  C  CB  . ALA A 1 119 ? 30.194  -8.519  -1.288  1.00 40.40 ? 289 ALA A CB  1 
HETATM 913  BR BR  . BR  B 2 .   ? 18.365  -0.262  7.028   0.33 33.63 ? 301 BR  A BR  1 
HETATM 914  O  O   . HOH C 3 .   ? -4.157  -12.105 17.369  0.60 29.12 ? 401 HOH A O   1 
HETATM 915  O  O   . HOH C 3 .   ? -12.442 -0.126  -1.645  1.00 29.58 ? 402 HOH A O   1 
HETATM 916  O  O   . HOH C 3 .   ? -14.953 6.595   8.848   0.60 23.20 ? 403 HOH A O   1 
HETATM 917  O  O   . HOH C 3 .   ? 7.047   -9.215  -2.566  1.00 18.58 ? 404 HOH A O   1 
HETATM 918  O  O   . HOH C 3 .   ? 3.380   6.975   -16.878 0.60 23.23 ? 405 HOH A O   1 
HETATM 919  O  O   . HOH C 3 .   ? 7.514   -8.634  -7.206  1.00 32.37 ? 406 HOH A O   1 
HETATM 920  O  O   . HOH C 3 .   ? 1.604   -13.245 17.636  1.00 11.88 ? 407 HOH A O   1 
HETATM 921  O  O   . HOH C 3 .   ? 8.058   2.429   -8.254  1.00 25.57 ? 408 HOH A O   1 
HETATM 922  O  O   . HOH C 3 .   ? -2.215  13.558  -7.724  0.60 23.48 ? 409 HOH A O   1 
HETATM 923  O  O   . HOH C 3 .   ? -5.412  -12.196 13.564  0.60 21.74 ? 410 HOH A O   1 
HETATM 924  O  O   . HOH C 3 .   ? -13.393 4.708   -10.637 0.60 21.82 ? 411 HOH A O   1 
HETATM 925  O  O   . HOH C 3 .   ? 2.097   -11.556 4.924   1.00 31.09 ? 412 HOH A O   1 
HETATM 926  O  O   . HOH C 3 .   ? -3.098  15.288  -1.226  0.60 17.95 ? 413 HOH A O   1 
HETATM 927  O  O   . HOH C 3 .   ? 14.169  3.887   3.368   1.00 38.25 ? 414 HOH A O   1 
HETATM 928  O  O   . HOH C 3 .   ? -1.882  -11.322 8.778   1.00 22.16 ? 415 HOH A O   1 
HETATM 929  O  O   . HOH C 3 .   ? -0.543  10.246  4.580   1.00 19.39 ? 416 HOH A O   1 
HETATM 930  O  O   . HOH C 3 .   ? -4.219  -7.425  -10.438 1.00 22.01 ? 417 HOH A O   1 
HETATM 931  O  O   A HOH C 3 .   ? -10.823 -2.365  11.470  0.50 19.87 ? 418 HOH A O   1 
HETATM 932  O  O   . HOH C 3 .   ? -7.661  -9.019  9.492   1.00 16.82 ? 419 HOH A O   1 
HETATM 933  O  O   . HOH C 3 .   ? 11.176  6.621   1.028   0.60 21.46 ? 420 HOH A O   1 
HETATM 934  O  O   . HOH C 3 .   ? -5.285  -11.733 10.743  1.00 27.55 ? 421 HOH A O   1 
HETATM 935  O  O   . HOH C 3 .   ? 9.252   -9.699  4.501   1.00 29.16 ? 422 HOH A O   1 
HETATM 936  O  O   . HOH C 3 .   ? -0.681  11.204  -10.228 1.00 26.86 ? 423 HOH A O   1 
HETATM 937  O  O   . HOH C 3 .   ? -8.008  10.493  -11.035 1.00 27.86 ? 424 HOH A O   1 
HETATM 938  O  O   . HOH C 3 .   ? 8.712   4.618   7.551   1.00 12.02 ? 425 HOH A O   1 
HETATM 939  O  O   . HOH C 3 .   ? -14.196 0.810   -3.729  1.00 24.23 ? 426 HOH A O   1 
HETATM 940  O  O   . HOH C 3 .   ? 1.130   -14.364 -2.788  1.00 31.69 ? 427 HOH A O   1 
HETATM 941  O  O   . HOH C 3 .   ? 0.949   -10.657 -6.888  1.00 17.73 ? 428 HOH A O   1 
HETATM 942  O  O   . HOH C 3 .   ? 8.778   -1.291  -4.965  1.00 14.91 ? 429 HOH A O   1 
HETATM 943  O  O   . HOH C 3 .   ? -12.234 11.400  -7.810  0.60 25.11 ? 430 HOH A O   1 
HETATM 944  O  O   . HOH C 3 .   ? -1.653  -2.843  19.384  1.00 18.53 ? 431 HOH A O   1 
HETATM 945  O  O   . HOH C 3 .   ? 11.149  2.039   0.102   1.00 25.88 ? 432 HOH A O   1 
HETATM 946  O  O   . HOH C 3 .   ? 12.917  2.072   2.555   1.00 22.21 ? 433 HOH A O   1 
HETATM 947  O  O   . HOH C 3 .   ? 2.030   -9.660  -10.264 1.00 41.17 ? 434 HOH A O   1 
HETATM 948  O  O   . HOH C 3 .   ? 16.377  5.486   5.953   0.33 24.54 ? 435 HOH A O   1 
HETATM 949  O  O   . HOH C 3 .   ? 5.657   0.614   13.165  1.00 19.47 ? 436 HOH A O   1 
HETATM 950  O  O   . HOH C 3 .   ? -1.140  -7.540  0.178   1.00 11.66 ? 437 HOH A O   1 
HETATM 951  O  O   . HOH C 3 .   ? -2.782  1.584   -20.817 0.60 23.67 ? 438 HOH A O   1 
HETATM 952  O  O   . HOH C 3 .   ? -0.418  -10.557 6.481   1.00 23.23 ? 439 HOH A O   1 
HETATM 953  O  O   . HOH C 3 .   ? 4.827   -3.596  -15.202 1.00 18.58 ? 440 HOH A O   1 
HETATM 954  O  O   . HOH C 3 .   ? -2.358  -4.744  -15.208 1.00 21.09 ? 441 HOH A O   1 
HETATM 955  O  O   . HOH C 3 .   ? 0.869   -0.448  17.483  1.00 21.56 ? 442 HOH A O   1 
HETATM 956  O  O   . HOH C 3 .   ? 10.294  5.296   -2.582  1.00 22.65 ? 443 HOH A O   1 
HETATM 957  O  O   . HOH C 3 .   ? -9.239  2.168   -10.205 1.00 24.67 ? 444 HOH A O   1 
HETATM 958  O  O   . HOH C 3 .   ? -5.202  -3.428  8.009   1.00 10.59 ? 445 HOH A O   1 
HETATM 959  O  O   . HOH C 3 .   ? -4.407  14.280  1.253   1.00 37.86 ? 446 HOH A O   1 
HETATM 960  O  O   A HOH C 3 .   ? -5.320  -10.311 -3.126  0.50 16.25 ? 447 HOH A O   1 
HETATM 961  O  O   B HOH C 3 .   ? -7.760  -9.042  -1.785  0.50 12.24 ? 447 HOH A O   1 
HETATM 962  O  O   . HOH C 3 .   ? -8.613  -9.347  2.575   1.00 16.03 ? 448 HOH A O   1 
HETATM 963  O  O   . HOH C 3 .   ? -9.975  6.486   -9.132  1.00 15.12 ? 449 HOH A O   1 
HETATM 964  O  O   . HOH C 3 .   ? -6.079  -8.499  6.294   1.00 18.92 ? 450 HOH A O   1 
HETATM 965  O  O   . HOH C 3 .   ? -14.942 7.429   -1.808  1.00 13.57 ? 451 HOH A O   1 
HETATM 966  O  O   . HOH C 3 .   ? -0.678  -17.097 14.403  0.60 24.54 ? 452 HOH A O   1 
HETATM 967  O  O   . HOH C 3 .   ? -11.049 -6.841  -3.619  0.50 23.62 ? 453 HOH A O   1 
HETATM 968  O  O   . HOH C 3 .   ? -1.934  4.641   11.717  1.00 15.49 ? 454 HOH A O   1 
HETATM 969  O  O   . HOH C 3 .   ? -5.406  -8.857  -8.481  1.00 31.87 ? 455 HOH A O   1 
HETATM 970  O  O   . HOH C 3 .   ? 4.644   8.064   -3.774  1.00 12.71 ? 456 HOH A O   1 
HETATM 971  O  O   . HOH C 3 .   ? 4.413   -11.467 -5.636  1.00 23.55 ? 457 HOH A O   1 
HETATM 972  O  O   . HOH C 3 .   ? 5.664   6.608   -10.037 1.00 33.54 ? 458 HOH A O   1 
HETATM 973  O  O   . HOH C 3 .   ? -13.314 9.802   7.172   1.00 33.44 ? 459 HOH A O   1 
HETATM 974  O  O   . HOH C 3 .   ? 6.822   1.463   6.682   1.00 16.05 ? 460 HOH A O   1 
HETATM 975  O  O   . HOH C 3 .   ? -7.703  3.494   8.412   1.00 11.76 ? 461 HOH A O   1 
HETATM 976  O  O   . HOH C 3 .   ? -9.272  -0.406  -9.402  1.00 26.67 ? 462 HOH A O   1 
HETATM 977  O  O   . HOH C 3 .   ? -15.944 9.569   -8.223  0.60 19.63 ? 463 HOH A O   1 
HETATM 978  O  O   . HOH C 3 .   ? -4.314  11.334  7.157   1.00 22.48 ? 464 HOH A O   1 
HETATM 979  O  O   . HOH C 3 .   ? -3.380  2.382   10.749  1.00 10.39 ? 465 HOH A O   1 
HETATM 980  O  O   . HOH C 3 .   ? 12.367  5.042   5.819   1.00 25.54 ? 466 HOH A O   1 
HETATM 981  O  O   . HOH C 3 .   ? 5.595   -0.643  18.501  1.00 35.05 ? 467 HOH A O   1 
HETATM 982  O  O   . HOH C 3 .   ? 7.128   8.005   10.419  1.00 32.49 ? 468 HOH A O   1 
HETATM 983  O  O   . HOH C 3 .   ? -8.546  -8.153  -8.296  1.00 26.64 ? 469 HOH A O   1 
HETATM 984  O  O   . HOH C 3 .   ? -2.952  10.520  -13.293 1.00 35.63 ? 470 HOH A O   1 
HETATM 985  O  O   . HOH C 3 .   ? 11.552  3.996   15.097  1.00 24.59 ? 471 HOH A O   1 
HETATM 986  O  O   . HOH C 3 .   ? -11.985 0.945   -10.759 0.60 20.49 ? 472 HOH A O   1 
HETATM 987  O  O   . HOH C 3 .   ? -10.851 10.962  7.677   1.00 23.03 ? 473 HOH A O   1 
HETATM 988  O  O   . HOH C 3 .   ? -0.816  -10.180 17.182  1.00 32.72 ? 474 HOH A O   1 
HETATM 989  O  O   . HOH C 3 .   ? -7.525  -1.589  15.447  0.60 22.21 ? 475 HOH A O   1 
HETATM 990  O  O   . HOH C 3 .   ? -15.175 -2.319  -4.860  1.00 31.55 ? 476 HOH A O   1 
HETATM 991  O  O   . HOH C 3 .   ? -4.882  12.985  -7.161  1.00 26.73 ? 477 HOH A O   1 
HETATM 992  O  O   . HOH C 3 .   ? 5.506   -12.100 15.175  1.00 13.76 ? 478 HOH A O   1 
HETATM 993  O  O   . HOH C 3 .   ? 5.853   10.018  8.448   0.60 21.54 ? 479 HOH A O   1 
HETATM 994  O  O   . HOH C 3 .   ? 5.043   7.979   2.810   1.00 12.66 ? 480 HOH A O   1 
HETATM 995  O  O   . HOH C 3 .   ? -1.432  8.412   -17.183 1.00 19.16 ? 481 HOH A O   1 
HETATM 996  O  O   . HOH C 3 .   ? -2.464  -13.494 11.435  1.00 31.60 ? 482 HOH A O   1 
HETATM 997  O  O   . HOH C 3 .   ? 0.069   16.001  -2.098  1.00 18.70 ? 483 HOH A O   1 
HETATM 998  O  O   . HOH C 3 .   ? -13.760 0.077   7.283   1.00 27.19 ? 484 HOH A O   1 
HETATM 999  O  O   . HOH C 3 .   ? 7.948   -7.856  -4.529  1.00 23.76 ? 485 HOH A O   1 
HETATM 1000 O  O   . HOH C 3 .   ? -12.944 1.325   0.462   1.00 24.26 ? 486 HOH A O   1 
HETATM 1001 O  O   . HOH C 3 .   ? -1.687  -9.661  -6.919  1.00 11.78 ? 487 HOH A O   1 
HETATM 1002 O  O   . HOH C 3 .   ? -1.724  -8.335  -9.167  1.00 15.40 ? 488 HOH A O   1 
HETATM 1003 O  O   . HOH C 3 .   ? 12.707  -5.307  0.913   1.00 23.21 ? 489 HOH A O   1 
HETATM 1004 O  O   . HOH C 3 .   ? 5.387   4.626   -16.302 1.00 29.99 ? 490 HOH A O   1 
HETATM 1005 O  O   . HOH C 3 .   ? -9.724  12.736  -2.254  1.00 13.46 ? 491 HOH A O   1 
HETATM 1006 O  O   . HOH C 3 .   ? 18.739  -4.603  3.401   1.00 18.52 ? 492 HOH A O   1 
HETATM 1007 O  O   . HOH C 3 .   ? -14.294 10.281  -4.381  1.00 17.53 ? 493 HOH A O   1 
HETATM 1008 O  O   . HOH C 3 .   ? -12.292 1.268   2.347   1.00 28.96 ? 494 HOH A O   1 
HETATM 1009 O  O   . HOH C 3 .   ? 6.461   6.645   -12.615 0.50 14.73 ? 495 HOH A O   1 
HETATM 1010 O  O   . HOH C 3 .   ? -3.914  -12.473 2.565   1.00 26.04 ? 496 HOH A O   1 
HETATM 1011 O  O   A HOH C 3 .   ? -18.915 6.358   -9.642  0.50 21.94 ? 497 HOH A O   1 
HETATM 1012 O  O   B HOH C 3 .   ? -18.027 5.148   -10.930 0.50 21.52 ? 497 HOH A O   1 
HETATM 1013 O  O   . HOH C 3 .   ? -14.727 11.141  -6.775  0.60 19.94 ? 498 HOH A O   1 
HETATM 1014 O  O   . HOH C 3 .   ? 6.827   9.454   1.582   1.00 23.49 ? 499 HOH A O   1 
HETATM 1015 O  O   . HOH C 3 .   ? 9.951   4.278   17.403  1.00 22.73 ? 500 HOH A O   1 
HETATM 1016 O  O   . HOH C 3 .   ? 7.175   8.542   -4.632  1.00 25.34 ? 501 HOH A O   1 
HETATM 1017 O  O   . HOH C 3 .   ? 0.179   12.751  6.196   1.00 30.38 ? 502 HOH A O   1 
HETATM 1018 O  O   . HOH C 3 .   ? -19.578 2.824   -5.169  1.00 25.59 ? 503 HOH A O   1 
HETATM 1019 O  O   . HOH C 3 .   ? -14.771 0.441   1.942   1.00 36.13 ? 504 HOH A O   1 
HETATM 1020 O  O   . HOH C 3 .   ? -2.363  -11.959 5.330   1.00 39.06 ? 505 HOH A O   1 
HETATM 1021 O  O   . HOH C 3 .   ? -4.373  -8.562  -12.913 0.60 17.62 ? 506 HOH A O   1 
HETATM 1022 O  O   . HOH C 3 .   ? 8.003   6.225   17.170  1.00 28.31 ? 507 HOH A O   1 
HETATM 1023 O  O   . HOH C 3 .   ? -11.966 -8.025  0.024   0.60 19.07 ? 508 HOH A O   1 
HETATM 1024 O  O   . HOH C 3 .   ? 5.291   -10.660 -7.769  1.00 28.97 ? 509 HOH A O   1 
HETATM 1025 O  O   . HOH C 3 .   ? 29.906  -10.829 -4.852  1.00 39.85 ? 510 HOH A O   1 
HETATM 1026 O  O   . HOH C 3 .   ? -8.790  -10.442 11.305  1.00 35.71 ? 511 HOH A O   1 
HETATM 1027 O  O   . HOH C 3 .   ? 9.653   7.358   -4.015  0.60 21.56 ? 512 HOH A O   1 
# 
